data_5VNF
#
_entry.id   5VNF
#
_cell.length_a   147.824
_cell.length_b   97.077
_cell.length_c   129.820
_cell.angle_alpha   90.00
_cell.angle_beta   90.12
_cell.angle_gamma   90.00
#
_symmetry.space_group_name_H-M   'C 1 2 1'
#
loop_
_entity.id
_entity.type
_entity.pdbx_description
1 polymer 'Protein transport protein Sec23A'
2 polymer 'Protein transport protein Sec24A'
3 polymer 'Vesicle-trafficking protein SEC22b'
4 polymer 'C-terminal VV Sorting motif: VAL-THR-SER-VAL-VAL'
5 non-polymer 'ZINC ION'
6 water water
#
loop_
_entity_poly.entity_id
_entity_poly.type
_entity_poly.pdbx_seq_one_letter_code
_entity_poly.pdbx_strand_id
1 'polypeptide(L)'
;MTTYLEFIQQNEERDGVRFSWNVWPSSRLEATRMVVPVAALFTPLKERPDLPPIQYEPVLCSRTTCRAVLNPLCQVDYRA
KLWACNFCYQRNQFPPSYAGISELNQPAELLPQFSSIEYVVLRGPQMPLIFLYVVDTCMEDEDLQALKESMQMSLSLLPP
TALVGLITFGRMVQVHELGCEGISKSYVFRGTKDLSAKQLQEMLGLSKVPLTQATRGPQVQQPPPSNRFLQPVQKIDMNL
TDLLGELQRDPWPVPQGKRPLRSSGVALSIAVGLLECTFPNTGARIMMFIGGPATQGPGMVVGDELKTPIRSWHDIDKDN
AKYVKKGTKHFEALANRAATTGHVIDIYACALDQTGLLEMKCCPNLTGGYMVMGDSFNTSLFKQTFQRVFTKDMHGQFKM
GFGGTLEIKTSREIKISGAIGPCVSLNSKGPCVSENEIGTGGTCQWKICGLSPTTTLAIYFEVVNQHNAPIPQGGRGAIQ
FVTQYQHSSGQRRIRVTTIARNWADAQTQIQNIAASFDQEAAAILMARLAIYRAETEEGPDVLRWLDRQLIRLCQKFGEY
HKDDPSSFRFSETFSLYPQFMFHLRRSSFLQVFNNSPDESSYYRHHFMRQDLTQSLIMIQPILYAYSFSGPPEPVLLDSS
SILADRILLMDTFFQILIYHGETIAQWRKSGYQDMPEYENFRHLLQAPVDDAQEILHSRFPMPRYIDTEHGGSQARFLLS
KVNPSQTHNNMYAWGQESGAPILTDDVSLQVFMDHLKKLAVSSA
;
A
2 'polypeptide(L)'
;EGLRVVNLLQERNMLPSTPLKPPVPNLHEDIQKLNCNPELFRCTLTSIPQTQALLNKAKLPLGLLLHPFKDLVQLPVVTS
STIVRCRSCRTYINPFVSFLDQRRWKCNLCYRVNDVPEEFLYNPLTRVYGEPHRRPEVQNATIEFMAPSEYMLRPPQPPV
YLFVFDVSHNAVETGYLNSVCQSLLDNLDLLPGNTRTKIGFITFDSTIHFYGLQESLSQPQMLIVSDIEDVFIPMPENLL
VNLNESKELVQDLLKTLPQMFTKTLETQSALGPALQAAFKLMSPTGGRMSVFQTQLPTLGVGALKPREEPNHRSSAKDIH
MTPSTDFYKKLALDCSGQQVAVDLFLLSGQYSDLASLGCISRYSAGSVYYYPSYHHQHNPVQVQKLQKELQRYLTRKIGF
EAVMRIRCTKGLSIHTFHGNFFVRSTDLLSLPNVNPDAGYAVQMSVEESLTDTQLVSFQSALLYTSSKGERRIRVHTLCL
PVVSTLNDVFLGADVQAISGLLANMAVDRSMTASLSDARDALVNAVIDSLSAYRSSVLSNQQPGLMVPFSLRLFPLFVLA
LLKQKSFQTGTNARLDERIFAMCQVKNQPLVYLMLTTHPSLYRVDNLSDEGALNISDRTIPQPPILQLSVEKLSRDGAFL
MDAGSVLMLWVGKNCTQNFLSQVLGVQNYASIPQPMTDLPELDTPESARIIAFISWLREQRPFFPILYVIADESPMKANF
LQNMIEDRTESALSYYEFLLHIQQQVNK
;
B
3 'polypeptide(L)'
;MVLLTMIARVADGLPLAASMQEDEQSGRDLQQYQSQAKQLFRKLNEQSPTRCTLEAGAMTFHYIIEQGVCYLVLCEAAFP
KKLAFAYLEDLHSEFDEQHGKKVPTVSRPYSFIEFDTFIQKTKKLYIDSRARRNLGSINTELQDVQRIMVANIEEVL
;
C
4 'polypeptide(L)' VTSVV D
#
loop_
_chem_comp.id
_chem_comp.type
_chem_comp.name
_chem_comp.formula
ZN non-polymer 'ZINC ION' 'Zn 2'
#
# COMPACT_ATOMS: atom_id res chain seq x y z
N THR A 3 -35.74 55.72 -23.73
CA THR A 3 -34.46 55.94 -23.06
C THR A 3 -33.48 54.80 -23.31
N TYR A 4 -32.30 55.14 -23.87
CA TYR A 4 -31.33 54.10 -24.19
C TYR A 4 -30.80 53.41 -22.94
N LEU A 5 -30.75 54.11 -21.81
CA LEU A 5 -30.35 53.47 -20.57
C LEU A 5 -31.40 52.49 -20.09
N GLU A 6 -32.68 52.91 -20.11
CA GLU A 6 -33.76 51.98 -19.81
C GLU A 6 -33.76 50.80 -20.76
N PHE A 7 -33.33 51.01 -22.00
CA PHE A 7 -33.25 49.90 -22.95
C PHE A 7 -32.18 48.90 -22.54
N ILE A 8 -31.01 49.40 -22.13
CA ILE A 8 -29.92 48.51 -21.74
C ILE A 8 -30.26 47.78 -20.44
N GLN A 9 -30.89 48.47 -19.49
CA GLN A 9 -31.22 47.85 -18.21
C GLN A 9 -32.25 46.74 -18.37
N GLN A 10 -33.35 47.03 -19.07
CA GLN A 10 -34.43 46.05 -19.20
C GLN A 10 -34.00 44.84 -20.03
N ASN A 11 -33.06 45.01 -20.95
CA ASN A 11 -32.63 43.90 -21.79
C ASN A 11 -31.69 42.94 -21.05
N GLU A 12 -30.85 43.46 -20.15
CA GLU A 12 -30.05 42.58 -19.31
C GLU A 12 -30.90 41.87 -18.26
N GLU A 13 -31.93 42.55 -17.73
CA GLU A 13 -32.83 41.90 -16.79
C GLU A 13 -33.58 40.76 -17.47
N ARG A 14 -34.03 40.97 -18.70
CA ARG A 14 -34.84 39.96 -19.38
C ARG A 14 -33.99 38.86 -19.99
N ASP A 15 -32.96 39.24 -20.76
CA ASP A 15 -32.22 38.30 -21.58
C ASP A 15 -30.83 37.99 -21.05
N GLY A 16 -30.40 38.62 -19.95
CA GLY A 16 -29.07 38.37 -19.43
C GLY A 16 -27.97 38.61 -20.45
N VAL A 17 -28.08 39.69 -21.22
CA VAL A 17 -27.11 40.01 -22.25
C VAL A 17 -26.89 41.52 -22.27
N ARG A 18 -25.66 41.91 -22.58
CA ARG A 18 -25.32 43.32 -22.77
C ARG A 18 -24.29 43.43 -23.89
N PHE A 19 -24.69 44.10 -24.97
CA PHE A 19 -23.84 44.26 -26.14
C PHE A 19 -23.00 45.52 -26.03
N SER A 20 -21.86 45.51 -26.73
CA SER A 20 -21.06 46.71 -26.83
C SER A 20 -21.75 47.76 -27.69
N TRP A 21 -22.42 47.33 -28.76
CA TRP A 21 -23.21 48.21 -29.61
C TRP A 21 -24.61 47.63 -29.75
N ASN A 22 -25.63 48.46 -29.57
CA ASN A 22 -27.01 48.02 -29.72
C ASN A 22 -27.59 48.33 -31.08
N VAL A 23 -26.88 49.07 -31.93
CA VAL A 23 -27.26 49.28 -33.32
C VAL A 23 -26.08 48.87 -34.18
N TRP A 24 -26.29 47.90 -35.09
CA TRP A 24 -25.19 47.24 -35.76
C TRP A 24 -24.95 47.84 -37.14
N PRO A 25 -23.72 47.76 -37.65
CA PRO A 25 -23.40 48.35 -38.96
C PRO A 25 -24.12 47.60 -40.07
N SER A 26 -24.94 48.34 -40.83
CA SER A 26 -25.73 47.73 -41.90
C SER A 26 -24.93 47.49 -43.18
N SER A 27 -23.72 48.01 -43.26
CA SER A 27 -22.91 47.88 -44.46
C SER A 27 -21.58 47.21 -44.13
N ARG A 28 -20.91 46.74 -45.18
CA ARG A 28 -19.57 46.19 -45.04
C ARG A 28 -18.54 47.29 -44.80
N LEU A 29 -18.81 48.50 -45.31
CA LEU A 29 -17.88 49.60 -45.16
C LEU A 29 -17.75 50.07 -43.71
N GLU A 30 -18.83 49.93 -42.93
CA GLU A 30 -18.81 50.33 -41.52
C GLU A 30 -18.57 49.17 -40.58
N ALA A 31 -18.78 47.93 -41.04
CA ALA A 31 -18.55 46.77 -40.18
C ALA A 31 -17.06 46.58 -39.89
N THR A 32 -16.21 46.75 -40.90
CA THR A 32 -14.77 46.60 -40.70
C THR A 32 -14.19 47.77 -39.90
N ARG A 33 -14.83 48.93 -39.95
CA ARG A 33 -14.32 50.14 -39.31
C ARG A 33 -14.76 50.29 -37.86
N MET A 34 -15.32 49.24 -37.26
CA MET A 34 -15.76 49.32 -35.88
C MET A 34 -14.55 49.25 -34.95
N VAL A 35 -14.44 50.24 -34.05
CA VAL A 35 -13.27 50.31 -33.18
C VAL A 35 -13.33 49.20 -32.14
N VAL A 36 -14.46 49.08 -31.46
CA VAL A 36 -14.71 48.00 -30.49
C VAL A 36 -15.61 46.97 -31.15
N PRO A 37 -15.25 45.70 -31.17
CA PRO A 37 -16.05 44.72 -31.92
C PRO A 37 -17.44 44.56 -31.33
N VAL A 38 -18.38 44.16 -32.18
CA VAL A 38 -19.73 43.83 -31.75
C VAL A 38 -19.66 42.56 -30.93
N ALA A 39 -19.87 42.66 -29.61
CA ALA A 39 -19.73 41.54 -28.71
C ALA A 39 -20.82 41.60 -27.65
N ALA A 40 -21.00 40.49 -26.94
CA ALA A 40 -22.09 40.37 -25.98
C ALA A 40 -21.61 39.72 -24.70
N LEU A 41 -21.93 40.34 -23.57
CA LEU A 41 -21.75 39.75 -22.26
C LEU A 41 -23.00 38.93 -21.97
N PHE A 42 -22.93 37.62 -22.18
CA PHE A 42 -24.09 36.74 -22.13
C PHE A 42 -24.08 35.89 -20.87
N THR A 43 -25.18 35.93 -20.11
CA THR A 43 -25.36 35.14 -18.89
C THR A 43 -26.41 34.08 -19.12
N PRO A 44 -26.05 32.84 -19.46
CA PRO A 44 -27.05 31.86 -19.90
C PRO A 44 -28.09 31.50 -18.85
N LEU A 45 -27.71 31.41 -17.57
CA LEU A 45 -28.63 30.99 -16.51
C LEU A 45 -29.00 32.13 -15.58
N LYS A 46 -29.10 33.35 -16.11
CA LYS A 46 -29.42 34.50 -15.28
C LYS A 46 -30.81 34.35 -14.65
N GLU A 47 -30.89 34.68 -13.36
CA GLU A 47 -32.16 34.64 -12.64
C GLU A 47 -32.98 35.89 -12.94
N ARG A 48 -34.29 35.78 -12.74
CA ARG A 48 -35.23 36.85 -13.07
C ARG A 48 -36.55 36.57 -12.36
N PRO A 49 -37.45 37.59 -12.26
CA PRO A 49 -38.70 37.40 -11.49
C PRO A 49 -39.62 36.32 -12.05
N ASP A 50 -39.23 35.07 -11.89
CA ASP A 50 -40.11 33.91 -12.06
C ASP A 50 -40.70 33.80 -13.45
N LEU A 51 -39.98 33.15 -14.36
CA LEU A 51 -40.61 32.70 -15.60
C LEU A 51 -41.13 31.27 -15.44
N PRO A 52 -42.26 30.94 -16.04
CA PRO A 52 -42.72 29.58 -15.87
C PRO A 52 -41.94 28.71 -16.77
N PRO A 53 -41.42 27.61 -16.25
CA PRO A 53 -40.64 26.67 -17.06
C PRO A 53 -41.60 26.04 -17.98
N ILE A 54 -41.18 25.87 -19.20
CA ILE A 54 -42.06 25.35 -20.14
C ILE A 54 -41.74 23.91 -20.42
N GLN A 55 -42.66 23.08 -19.99
CA GLN A 55 -42.64 21.65 -20.04
C GLN A 55 -43.11 21.29 -21.38
N TYR A 56 -42.40 21.72 -22.38
CA TYR A 56 -42.72 21.40 -23.75
C TYR A 56 -41.43 21.11 -24.44
N GLU A 57 -41.45 20.26 -25.43
CA GLU A 57 -40.22 20.11 -26.19
C GLU A 57 -40.21 21.39 -27.03
N PRO A 58 -39.07 22.00 -27.14
CA PRO A 58 -39.01 23.18 -27.96
C PRO A 58 -39.32 22.83 -29.40
N VAL A 59 -40.09 23.68 -30.06
CA VAL A 59 -40.47 23.53 -31.45
C VAL A 59 -39.34 23.98 -32.34
N LEU A 60 -38.96 23.26 -33.39
CA LEU A 60 -37.81 23.63 -34.22
C LEU A 60 -37.94 23.88 -35.75
N CYS A 61 -37.10 24.72 -36.32
CA CYS A 61 -37.24 24.94 -37.73
C CYS A 61 -36.92 23.61 -38.38
N SER A 62 -37.84 23.16 -39.22
CA SER A 62 -37.67 21.93 -39.98
C SER A 62 -36.71 22.08 -41.15
N ARG A 63 -35.64 22.86 -40.99
CA ARG A 63 -34.58 22.95 -41.97
C ARG A 63 -33.30 22.40 -41.34
N THR A 64 -32.65 21.47 -42.05
CA THR A 64 -31.56 20.69 -41.50
C THR A 64 -30.48 21.58 -40.86
N THR A 65 -29.97 22.55 -41.62
CA THR A 65 -28.90 23.41 -41.10
C THR A 65 -29.41 24.28 -39.96
N CYS A 66 -30.56 24.93 -40.14
CA CYS A 66 -31.07 25.89 -39.17
C CYS A 66 -31.60 25.39 -37.83
N ARG A 67 -32.68 24.62 -37.86
CA ARG A 67 -33.27 24.01 -36.66
C ARG A 67 -33.35 24.99 -35.50
N ALA A 68 -33.61 26.27 -35.80
CA ALA A 68 -33.77 27.27 -34.76
C ALA A 68 -35.07 27.06 -34.00
N VAL A 69 -35.15 27.68 -32.82
CA VAL A 69 -36.29 27.49 -31.93
C VAL A 69 -37.33 28.56 -32.21
N LEU A 70 -38.60 28.18 -32.03
CA LEU A 70 -39.72 29.10 -32.20
C LEU A 70 -39.63 30.25 -31.21
N ASN A 71 -39.51 31.47 -31.73
CA ASN A 71 -39.23 32.65 -30.91
C ASN A 71 -40.13 33.81 -31.31
N PRO A 72 -40.23 34.88 -30.50
CA PRO A 72 -41.18 35.96 -30.82
C PRO A 72 -40.90 36.69 -32.13
N LEU A 73 -39.77 36.46 -32.77
CA LEU A 73 -39.47 37.09 -34.05
C LEU A 73 -39.99 36.30 -35.24
N CYS A 74 -40.69 35.20 -35.01
CA CYS A 74 -41.20 34.36 -36.09
C CYS A 74 -42.58 34.84 -36.50
N GLN A 75 -42.78 35.01 -37.81
CA GLN A 75 -44.07 35.43 -38.34
C GLN A 75 -44.99 34.21 -38.42
N VAL A 76 -46.14 34.30 -37.75
CA VAL A 76 -47.05 33.17 -37.62
C VAL A 76 -48.28 33.42 -38.48
N ASP A 77 -49.06 32.37 -38.70
CA ASP A 77 -50.33 32.43 -39.44
C ASP A 77 -51.31 31.48 -38.76
N TYR A 78 -52.05 32.01 -37.79
CA TYR A 78 -52.96 31.21 -36.98
C TYR A 78 -54.15 30.67 -37.77
N ARG A 79 -54.37 31.15 -38.99
CA ARG A 79 -55.41 30.57 -39.83
C ARG A 79 -54.91 29.31 -40.53
N ALA A 80 -53.69 29.36 -41.07
CA ALA A 80 -53.12 28.24 -41.81
C ALA A 80 -52.23 27.35 -40.96
N LYS A 81 -52.13 27.60 -39.65
CA LYS A 81 -51.31 26.81 -38.74
C LYS A 81 -49.86 26.73 -39.23
N LEU A 82 -49.31 27.86 -39.66
CA LEU A 82 -47.94 27.92 -40.14
C LEU A 82 -47.17 29.02 -39.41
N TRP A 83 -45.85 28.82 -39.32
CA TRP A 83 -44.96 29.84 -38.80
C TRP A 83 -43.69 29.86 -39.64
N ALA A 84 -43.14 31.05 -39.85
CA ALA A 84 -41.98 31.24 -40.69
C ALA A 84 -40.76 31.50 -39.82
N CYS A 85 -39.70 30.72 -40.04
CA CYS A 85 -38.46 30.87 -39.29
C CYS A 85 -37.78 32.18 -39.65
N ASN A 86 -37.43 32.97 -38.64
CA ASN A 86 -36.82 34.28 -38.86
C ASN A 86 -35.35 34.21 -39.27
N PHE A 87 -34.74 33.02 -39.23
CA PHE A 87 -33.34 32.87 -39.60
C PHE A 87 -33.15 32.36 -41.03
N CYS A 88 -33.92 31.36 -41.45
CA CYS A 88 -33.76 30.76 -42.77
C CYS A 88 -34.99 30.92 -43.65
N TYR A 89 -36.00 31.67 -43.19
CA TYR A 89 -37.22 31.97 -43.94
C TYR A 89 -38.04 30.73 -44.29
N GLN A 90 -37.72 29.59 -43.66
CA GLN A 90 -38.50 28.38 -43.84
C GLN A 90 -39.87 28.50 -43.17
N ARG A 91 -40.89 28.01 -43.85
CA ARG A 91 -42.25 28.00 -43.30
C ARG A 91 -42.56 26.60 -42.79
N ASN A 92 -43.02 26.52 -41.54
CA ASN A 92 -43.17 25.26 -40.83
C ASN A 92 -44.62 25.02 -40.45
N GLN A 93 -44.99 23.74 -40.37
CA GLN A 93 -46.28 23.33 -39.86
C GLN A 93 -46.21 23.12 -38.35
N PHE A 94 -47.30 23.40 -37.67
CA PHE A 94 -47.28 23.22 -36.23
C PHE A 94 -47.44 21.74 -35.87
N PRO A 95 -46.79 21.31 -34.80
CA PRO A 95 -46.89 19.91 -34.37
C PRO A 95 -48.30 19.59 -33.89
N PRO A 96 -48.64 18.31 -33.75
CA PRO A 96 -50.00 17.95 -33.31
C PRO A 96 -50.45 18.64 -32.04
N SER A 97 -49.57 18.76 -31.04
CA SER A 97 -49.95 19.37 -29.77
C SER A 97 -50.24 20.86 -29.89
N TYR A 98 -49.96 21.48 -31.04
CA TYR A 98 -50.22 22.90 -31.27
C TYR A 98 -51.42 23.13 -32.17
N ALA A 99 -52.22 22.09 -32.44
CA ALA A 99 -53.33 22.24 -33.37
C ALA A 99 -54.41 23.18 -32.85
N GLY A 100 -54.48 23.37 -31.54
CA GLY A 100 -55.49 24.19 -30.91
C GLY A 100 -55.06 25.60 -30.55
N ILE A 101 -53.89 26.05 -31.00
CA ILE A 101 -53.45 27.40 -30.69
C ILE A 101 -54.30 28.39 -31.47
N SER A 102 -54.46 29.58 -30.90
CA SER A 102 -55.26 30.63 -31.53
C SER A 102 -54.65 31.97 -31.16
N GLU A 103 -55.18 33.03 -31.79
CA GLU A 103 -54.69 34.38 -31.52
C GLU A 103 -54.92 34.76 -30.06
N LEU A 104 -56.08 34.39 -29.51
CA LEU A 104 -56.43 34.76 -28.14
C LEU A 104 -55.90 33.78 -27.10
N ASN A 105 -55.03 32.85 -27.52
CA ASN A 105 -54.39 31.90 -26.61
C ASN A 105 -53.25 31.22 -27.34
N GLN A 106 -52.10 31.88 -27.41
CA GLN A 106 -50.96 31.47 -28.21
C GLN A 106 -49.83 30.94 -27.33
N PRO A 107 -48.90 30.15 -27.90
CA PRO A 107 -47.82 29.60 -27.09
C PRO A 107 -46.95 30.69 -26.48
N ALA A 108 -46.31 30.33 -25.36
CA ALA A 108 -45.54 31.32 -24.60
C ALA A 108 -44.32 31.79 -25.39
N GLU A 109 -43.66 30.88 -26.10
CA GLU A 109 -42.43 31.23 -26.81
C GLU A 109 -42.62 32.26 -27.92
N LEU A 110 -43.86 32.69 -28.19
CA LEU A 110 -44.09 33.72 -29.19
C LEU A 110 -44.33 35.10 -28.57
N LEU A 111 -44.61 35.17 -27.27
CA LEU A 111 -44.81 36.44 -26.59
C LEU A 111 -43.47 37.14 -26.38
N PRO A 112 -43.36 38.43 -26.70
CA PRO A 112 -42.06 39.11 -26.55
C PRO A 112 -41.52 39.12 -25.12
N GLN A 113 -42.39 39.02 -24.11
CA GLN A 113 -41.94 38.94 -22.73
C GLN A 113 -41.15 37.67 -22.47
N PHE A 114 -41.22 36.72 -23.37
CA PHE A 114 -40.55 35.47 -23.28
C PHE A 114 -39.51 35.24 -24.28
N SER A 115 -38.76 36.28 -24.55
CA SER A 115 -37.65 36.19 -25.43
C SER A 115 -36.62 35.24 -24.87
N SER A 116 -36.40 35.24 -23.57
CA SER A 116 -35.54 34.27 -22.95
C SER A 116 -36.51 33.32 -22.30
N ILE A 117 -36.39 32.03 -22.56
CA ILE A 117 -37.31 31.08 -21.95
C ILE A 117 -36.67 29.73 -21.65
N GLU A 118 -37.17 28.99 -20.68
CA GLU A 118 -36.54 27.71 -20.35
C GLU A 118 -37.52 26.57 -20.56
N TYR A 119 -37.06 25.52 -21.23
CA TYR A 119 -37.83 24.32 -21.46
C TYR A 119 -37.32 23.18 -20.59
N VAL A 120 -38.22 22.24 -20.30
CA VAL A 120 -37.88 21.02 -19.59
C VAL A 120 -38.10 19.85 -20.53
N VAL A 121 -37.09 19.00 -20.68
CA VAL A 121 -37.17 17.81 -21.51
C VAL A 121 -37.16 16.61 -20.59
N LEU A 122 -38.29 15.91 -20.53
CA LEU A 122 -38.48 14.78 -19.62
C LEU A 122 -38.73 13.54 -20.44
N ARG A 123 -37.67 12.96 -20.99
CA ARG A 123 -37.81 11.75 -21.77
C ARG A 123 -36.98 10.59 -21.24
N GLY A 124 -35.75 10.84 -20.79
CA GLY A 124 -34.92 9.79 -20.27
C GLY A 124 -34.89 9.79 -18.75
N PRO A 125 -34.58 8.63 -18.16
CA PRO A 125 -34.42 8.59 -16.71
C PRO A 125 -33.29 9.51 -16.27
N GLN A 126 -33.51 10.22 -15.17
CA GLN A 126 -32.59 11.25 -14.73
C GLN A 126 -31.38 10.63 -14.03
N MET A 127 -30.21 11.21 -14.27
CA MET A 127 -28.98 10.70 -13.67
C MET A 127 -28.68 11.42 -12.37
N PRO A 128 -28.20 10.69 -11.36
CA PRO A 128 -27.84 11.34 -10.10
C PRO A 128 -26.63 12.24 -10.27
N LEU A 129 -26.56 13.27 -9.42
CA LEU A 129 -25.35 14.06 -9.34
C LEU A 129 -24.23 13.25 -8.71
N ILE A 130 -22.99 13.69 -8.95
CA ILE A 130 -21.79 13.01 -8.50
C ILE A 130 -20.86 14.03 -7.87
N PHE A 131 -20.36 13.71 -6.67
CA PHE A 131 -19.43 14.58 -5.97
C PHE A 131 -18.23 13.76 -5.52
N LEU A 132 -17.04 14.12 -6.00
CA LEU A 132 -15.81 13.42 -5.66
C LEU A 132 -14.92 14.36 -4.86
N TYR A 133 -14.72 14.02 -3.58
CA TYR A 133 -13.83 14.77 -2.71
C TYR A 133 -12.39 14.28 -2.90
N VAL A 134 -11.47 15.21 -3.13
CA VAL A 134 -10.06 14.91 -3.29
C VAL A 134 -9.30 15.72 -2.25
N VAL A 135 -8.83 15.06 -1.19
CA VAL A 135 -8.39 15.74 0.03
C VAL A 135 -6.90 15.55 0.23
N ASP A 136 -6.18 16.66 0.38
CA ASP A 136 -4.79 16.66 0.80
C ASP A 136 -4.70 16.44 2.30
N THR A 137 -3.76 15.58 2.72
CA THR A 137 -3.53 15.33 4.14
C THR A 137 -2.21 15.89 4.63
N CYS A 138 -1.45 16.59 3.78
CA CYS A 138 -0.16 17.19 4.16
C CYS A 138 -0.41 18.62 4.65
N MET A 139 -0.97 18.72 5.86
CA MET A 139 -1.25 20.03 6.42
C MET A 139 -1.29 19.91 7.94
N GLU A 140 -1.21 21.07 8.61
CA GLU A 140 -1.28 21.11 10.07
C GLU A 140 -2.61 20.58 10.57
N ASP A 141 -2.62 20.15 11.83
CA ASP A 141 -3.82 19.53 12.41
C ASP A 141 -5.00 20.48 12.42
N GLU A 142 -4.77 21.74 12.82
CA GLU A 142 -5.88 22.70 12.85
C GLU A 142 -6.46 22.92 11.47
N ASP A 143 -5.60 22.93 10.43
CA ASP A 143 -6.11 23.10 9.08
C ASP A 143 -6.88 21.86 8.63
N LEU A 144 -6.37 20.67 8.94
CA LEU A 144 -7.04 19.46 8.49
C LEU A 144 -8.35 19.24 9.23
N GLN A 145 -8.37 19.49 10.55
CA GLN A 145 -9.59 19.33 11.30
C GLN A 145 -10.69 20.25 10.79
N ALA A 146 -10.34 21.49 10.46
CA ALA A 146 -11.32 22.43 9.92
C ALA A 146 -11.80 21.97 8.55
N LEU A 147 -10.90 21.43 7.73
CA LEU A 147 -11.27 20.93 6.41
C LEU A 147 -12.22 19.75 6.53
N LYS A 148 -11.96 18.85 7.47
CA LYS A 148 -12.83 17.69 7.68
C LYS A 148 -14.23 18.12 8.09
N GLU A 149 -14.34 19.09 8.98
CA GLU A 149 -15.66 19.56 9.40
C GLU A 149 -16.40 20.24 8.25
N SER A 150 -15.68 20.99 7.41
CA SER A 150 -16.31 21.63 6.26
C SER A 150 -16.82 20.59 5.28
N MET A 151 -16.08 19.50 5.08
CA MET A 151 -16.52 18.46 4.16
C MET A 151 -17.70 17.69 4.74
N GLN A 152 -17.70 17.46 6.06
CA GLN A 152 -18.83 16.81 6.69
C GLN A 152 -20.09 17.67 6.58
N MET A 153 -19.95 18.99 6.68
CA MET A 153 -21.10 19.87 6.55
C MET A 153 -21.69 19.78 5.14
N SER A 154 -20.83 19.79 4.12
CA SER A 154 -21.31 19.71 2.75
C SER A 154 -22.02 18.39 2.47
N LEU A 155 -21.59 17.33 3.14
CA LEU A 155 -22.24 16.04 2.94
C LEU A 155 -23.68 16.05 3.41
N SER A 156 -23.99 16.84 4.43
CA SER A 156 -25.35 16.92 4.95
C SER A 156 -26.25 17.77 4.07
N LEU A 157 -25.73 18.39 3.02
CA LEU A 157 -26.51 19.21 2.11
C LEU A 157 -26.79 18.53 0.78
N LEU A 158 -26.10 17.45 0.48
CA LEU A 158 -26.20 16.83 -0.83
C LEU A 158 -27.56 16.11 -0.99
N PRO A 159 -28.04 15.98 -2.22
CA PRO A 159 -29.30 15.28 -2.43
C PRO A 159 -29.15 13.81 -2.05
N PRO A 160 -30.22 13.22 -1.50
CA PRO A 160 -30.13 11.82 -1.07
C PRO A 160 -29.71 10.85 -2.16
N THR A 161 -30.02 11.16 -3.42
CA THR A 161 -29.71 10.25 -4.52
C THR A 161 -28.37 10.51 -5.16
N ALA A 162 -27.69 11.59 -4.80
CA ALA A 162 -26.39 11.90 -5.38
C ALA A 162 -25.34 10.89 -4.94
N LEU A 163 -24.39 10.63 -5.83
CA LEU A 163 -23.29 9.71 -5.56
C LEU A 163 -22.09 10.50 -5.03
N VAL A 164 -21.35 9.88 -4.11
CA VAL A 164 -20.19 10.51 -3.49
C VAL A 164 -19.05 9.52 -3.43
N GLY A 165 -17.82 10.02 -3.61
CA GLY A 165 -16.64 9.22 -3.44
C GLY A 165 -15.56 10.03 -2.76
N LEU A 166 -14.60 9.34 -2.16
CA LEU A 166 -13.54 9.98 -1.40
C LEU A 166 -12.18 9.53 -1.89
N ILE A 167 -11.31 10.49 -2.20
CA ILE A 167 -9.92 10.24 -2.53
C ILE A 167 -9.06 11.12 -1.64
N THR A 168 -8.21 10.49 -0.83
CA THR A 168 -7.25 11.21 -0.02
C THR A 168 -5.86 10.96 -0.57
N PHE A 169 -4.96 11.93 -0.38
CA PHE A 169 -3.63 11.79 -0.92
C PHE A 169 -2.63 12.53 -0.04
N GLY A 170 -1.38 12.10 -0.16
CA GLY A 170 -0.24 12.75 0.44
C GLY A 170 1.00 12.35 -0.33
N ARG A 171 1.74 11.38 0.19
CA ARG A 171 2.77 10.75 -0.62
C ARG A 171 2.16 9.72 -1.57
N MET A 172 1.16 8.99 -1.09
CA MET A 172 0.40 8.04 -1.90
C MET A 172 -0.96 8.63 -2.25
N VAL A 173 -1.69 7.91 -3.09
CA VAL A 173 -3.07 8.24 -3.42
C VAL A 173 -3.95 7.07 -2.98
N GLN A 174 -4.99 7.38 -2.20
CA GLN A 174 -5.93 6.39 -1.69
C GLN A 174 -7.30 6.62 -2.31
N VAL A 175 -7.84 5.59 -2.95
CA VAL A 175 -9.21 5.60 -3.47
C VAL A 175 -10.05 4.73 -2.55
N HIS A 176 -10.96 5.36 -1.79
CA HIS A 176 -11.66 4.67 -0.73
C HIS A 176 -12.89 3.93 -1.27
N GLU A 177 -13.01 2.65 -0.89
CA GLU A 177 -14.19 1.85 -1.22
C GLU A 177 -15.15 1.98 -0.04
N LEU A 178 -16.16 2.80 -0.20
CA LEU A 178 -17.06 3.09 0.84
C LEU A 178 -18.01 2.05 1.29
N GLY A 179 -18.29 2.10 2.56
CA GLY A 179 -19.30 1.26 3.12
C GLY A 179 -18.98 -0.15 3.44
N CYS A 180 -17.73 -0.54 3.23
CA CYS A 180 -17.35 -1.89 3.53
C CYS A 180 -17.50 -2.01 5.03
N GLU A 181 -18.04 -3.12 5.43
CA GLU A 181 -18.40 -3.26 6.78
C GLU A 181 -17.35 -3.86 7.65
N GLY A 182 -16.98 -3.12 8.68
CA GLY A 182 -16.03 -3.58 9.66
C GLY A 182 -14.59 -3.43 9.32
N ILE A 183 -14.30 -2.89 8.16
CA ILE A 183 -12.95 -2.73 7.74
C ILE A 183 -12.57 -1.40 7.15
N SER A 184 -13.28 -0.96 6.17
CA SER A 184 -12.95 0.27 5.45
C SER A 184 -11.73 0.34 4.54
N LYS A 185 -11.81 -0.28 3.37
CA LYS A 185 -10.67 -0.49 2.50
C LYS A 185 -10.47 0.69 1.55
N SER A 186 -9.26 0.76 1.00
CA SER A 186 -8.89 1.78 0.04
C SER A 186 -7.82 1.21 -0.89
N TYR A 187 -7.74 1.75 -2.09
CA TYR A 187 -6.74 1.36 -3.07
C TYR A 187 -5.62 2.39 -3.06
N VAL A 188 -4.40 1.94 -2.77
CA VAL A 188 -3.25 2.82 -2.61
C VAL A 188 -2.43 2.78 -3.89
N PHE A 189 -2.05 3.95 -4.38
CA PHE A 189 -1.25 4.09 -5.59
C PHE A 189 -0.04 4.97 -5.29
N ARG A 190 1.05 4.69 -6.00
CA ARG A 190 2.21 5.57 -5.91
C ARG A 190 1.83 6.95 -6.45
N GLY A 191 2.22 7.99 -5.72
CA GLY A 191 1.99 9.34 -6.18
C GLY A 191 3.10 9.80 -7.11
N THR A 192 3.84 8.83 -7.65
CA THR A 192 5.05 9.08 -8.41
C THR A 192 4.91 8.83 -9.89
N LYS A 193 3.87 8.11 -10.32
CA LYS A 193 3.62 7.86 -11.73
C LYS A 193 2.14 8.04 -12.02
N ASP A 194 1.81 8.53 -13.20
CA ASP A 194 0.45 8.73 -13.65
C ASP A 194 -0.24 7.50 -14.21
N LEU A 195 -1.55 7.48 -14.17
CA LEU A 195 -2.31 6.40 -14.71
C LEU A 195 -3.36 6.89 -15.67
N SER A 196 -3.65 6.13 -16.67
CA SER A 196 -4.69 6.47 -17.58
C SER A 196 -6.01 6.00 -17.06
N ALA A 197 -7.09 6.40 -17.68
CA ALA A 197 -8.36 5.92 -17.24
C ALA A 197 -8.49 4.43 -17.41
N LYS A 198 -8.00 3.93 -18.53
CA LYS A 198 -8.06 2.53 -18.77
C LYS A 198 -7.29 1.73 -17.78
N GLN A 199 -6.10 2.16 -17.45
CA GLN A 199 -5.34 1.43 -16.48
C GLN A 199 -6.05 1.42 -15.14
N LEU A 200 -6.54 2.56 -14.72
CA LEU A 200 -7.21 2.68 -13.44
C LEU A 200 -8.46 1.80 -13.37
N GLN A 201 -9.16 1.63 -14.49
CA GLN A 201 -10.33 0.76 -14.50
C GLN A 201 -9.95 -0.70 -14.28
N GLU A 202 -8.88 -1.15 -14.93
CA GLU A 202 -8.45 -2.54 -14.77
C GLU A 202 -7.88 -2.80 -13.39
N MET A 203 -7.13 -1.84 -12.84
CA MET A 203 -6.55 -2.03 -11.51
C MET A 203 -7.60 -2.01 -10.42
N LEU A 204 -8.66 -1.21 -10.59
CA LEU A 204 -9.74 -1.15 -9.60
C LEU A 204 -10.78 -2.23 -9.81
N GLY A 205 -10.73 -2.97 -10.91
CA GLY A 205 -11.68 -4.03 -11.17
C GLY A 205 -12.84 -3.60 -12.05
N PRO A 225 -28.05 3.34 -10.30
CA PRO A 225 -26.66 3.20 -10.75
C PRO A 225 -25.63 3.75 -9.76
N SER A 226 -24.74 2.90 -9.26
CA SER A 226 -23.71 3.30 -8.31
C SER A 226 -22.51 2.37 -8.45
N ASN A 227 -21.44 2.69 -7.73
CA ASN A 227 -20.19 1.92 -7.74
C ASN A 227 -19.87 1.41 -6.34
N ARG A 228 -18.74 0.71 -6.23
CA ARG A 228 -18.13 0.53 -4.93
C ARG A 228 -17.50 1.82 -4.45
N PHE A 229 -17.02 2.64 -5.37
CA PHE A 229 -16.31 3.87 -5.05
C PHE A 229 -17.21 5.10 -5.07
N LEU A 230 -18.40 5.02 -5.67
CA LEU A 230 -19.33 6.15 -5.76
C LEU A 230 -20.70 5.66 -5.32
N GLN A 231 -21.05 5.94 -4.07
CA GLN A 231 -22.28 5.42 -3.52
C GLN A 231 -23.29 6.53 -3.25
N PRO A 232 -24.59 6.23 -3.28
CA PRO A 232 -25.59 7.26 -2.99
C PRO A 232 -25.45 7.78 -1.57
N VAL A 233 -25.74 9.07 -1.41
CA VAL A 233 -25.61 9.72 -0.11
C VAL A 233 -26.50 9.02 0.92
N GLN A 234 -27.77 8.78 0.59
CA GLN A 234 -28.69 8.22 1.56
C GLN A 234 -28.29 6.82 1.99
N LYS A 235 -27.43 6.15 1.24
CA LYS A 235 -26.96 4.81 1.61
C LYS A 235 -25.62 4.83 2.33
N ILE A 236 -24.86 5.92 2.24
CA ILE A 236 -23.46 5.92 2.65
C ILE A 236 -23.10 7.12 3.51
N ASP A 237 -24.04 8.04 3.75
CA ASP A 237 -23.69 9.30 4.44
C ASP A 237 -23.19 9.06 5.86
N MET A 238 -23.63 7.99 6.52
CA MET A 238 -23.18 7.75 7.88
C MET A 238 -21.73 7.26 7.90
N ASN A 239 -21.37 6.35 6.99
CA ASN A 239 -20.01 5.83 6.96
C ASN A 239 -19.02 6.87 6.47
N LEU A 240 -19.41 7.66 5.47
CA LEU A 240 -18.55 8.73 4.96
C LEU A 240 -18.30 9.78 6.04
N THR A 241 -19.33 10.13 6.81
CA THR A 241 -19.14 11.09 7.90
C THR A 241 -18.13 10.59 8.92
N ASP A 242 -18.17 9.29 9.23
CA ASP A 242 -17.20 8.72 10.16
C ASP A 242 -15.82 8.66 9.53
N LEU A 243 -15.74 8.34 8.25
CA LEU A 243 -14.44 8.30 7.56
C LEU A 243 -13.82 9.70 7.51
N LEU A 244 -14.58 10.70 7.07
CA LEU A 244 -14.08 12.06 7.04
C LEU A 244 -13.67 12.53 8.43
N GLY A 245 -14.36 12.06 9.46
CA GLY A 245 -14.00 12.43 10.82
C GLY A 245 -12.70 11.82 11.28
N GLU A 246 -12.35 10.64 10.77
CA GLU A 246 -11.15 9.93 11.20
C GLU A 246 -9.94 10.21 10.32
N LEU A 247 -10.07 11.05 9.30
CA LEU A 247 -8.92 11.36 8.46
C LEU A 247 -7.81 11.97 9.31
N GLN A 248 -6.58 11.50 9.09
CA GLN A 248 -5.43 12.01 9.82
C GLN A 248 -4.37 12.47 8.82
N ARG A 249 -3.32 13.08 9.38
CA ARG A 249 -2.20 13.56 8.58
C ARG A 249 -1.61 12.44 7.74
N ASP A 250 -0.97 12.83 6.64
CA ASP A 250 -0.13 11.91 5.89
C ASP A 250 0.88 11.29 6.85
N PRO A 251 0.92 9.96 6.97
CA PRO A 251 1.75 9.32 8.00
C PRO A 251 3.24 9.41 7.74
N TRP A 252 3.67 9.92 6.60
CA TRP A 252 5.09 9.92 6.27
C TRP A 252 5.76 11.12 6.91
N PRO A 253 6.86 10.93 7.65
CA PRO A 253 7.48 12.05 8.35
C PRO A 253 8.09 13.05 7.38
N VAL A 254 8.11 14.31 7.82
CA VAL A 254 8.73 15.38 7.04
C VAL A 254 10.08 15.70 7.69
N PRO A 255 11.20 15.33 7.07
CA PRO A 255 12.51 15.61 7.67
C PRO A 255 12.78 17.11 7.73
N GLN A 256 13.76 17.46 8.55
CA GLN A 256 14.06 18.86 8.80
C GLN A 256 14.47 19.59 7.53
N GLY A 257 14.00 20.82 7.39
CA GLY A 257 14.30 21.62 6.21
C GLY A 257 13.67 21.10 4.93
N LYS A 258 12.59 20.34 5.03
CA LYS A 258 11.95 19.74 3.86
C LYS A 258 10.47 20.10 3.83
N ARG A 259 9.90 20.12 2.60
CA ARG A 259 8.46 20.16 2.37
C ARG A 259 7.90 18.75 2.29
N PRO A 260 6.63 18.54 2.67
CA PRO A 260 6.05 17.19 2.53
C PRO A 260 6.01 16.76 1.07
N LEU A 261 6.01 15.45 0.85
CA LEU A 261 5.81 14.89 -0.47
C LEU A 261 4.31 14.85 -0.74
N ARG A 262 3.83 15.78 -1.57
CA ARG A 262 2.41 15.95 -1.87
C ARG A 262 2.18 15.69 -3.35
N SER A 263 1.43 14.64 -3.67
CA SER A 263 1.28 14.16 -5.05
C SER A 263 -0.04 14.68 -5.64
N SER A 264 -0.15 16.00 -5.73
CA SER A 264 -1.38 16.62 -6.18
C SER A 264 -1.72 16.26 -7.61
N GLY A 265 -0.70 16.17 -8.49
CA GLY A 265 -0.96 15.93 -9.89
C GLY A 265 -1.49 14.53 -10.17
N VAL A 266 -0.97 13.53 -9.45
CA VAL A 266 -1.43 12.16 -9.65
C VAL A 266 -2.81 11.95 -9.03
N ALA A 267 -3.02 12.53 -7.85
CA ALA A 267 -4.34 12.41 -7.21
C ALA A 267 -5.43 12.99 -8.09
N LEU A 268 -5.23 14.19 -8.65
CA LEU A 268 -6.22 14.78 -9.54
C LEU A 268 -6.42 13.92 -10.78
N SER A 269 -5.33 13.36 -11.32
CA SER A 269 -5.47 12.53 -12.52
C SER A 269 -6.17 11.21 -12.22
N ILE A 270 -6.04 10.72 -10.98
CA ILE A 270 -6.74 9.49 -10.61
C ILE A 270 -8.22 9.77 -10.38
N ALA A 271 -8.55 10.93 -9.82
CA ALA A 271 -9.95 11.32 -9.69
C ALA A 271 -10.59 11.51 -11.05
N VAL A 272 -9.92 12.20 -11.97
CA VAL A 272 -10.43 12.39 -13.32
C VAL A 272 -10.63 11.04 -14.00
N GLY A 273 -9.63 10.16 -13.92
CA GLY A 273 -9.73 8.85 -14.54
C GLY A 273 -10.80 7.97 -13.93
N LEU A 274 -11.06 8.12 -12.63
CA LEU A 274 -12.10 7.33 -11.97
C LEU A 274 -13.48 7.63 -12.55
N LEU A 275 -13.83 8.92 -12.62
CA LEU A 275 -15.13 9.28 -13.14
C LEU A 275 -15.22 9.05 -14.65
N GLU A 276 -14.09 9.12 -15.34
CA GLU A 276 -14.09 8.97 -16.79
C GLU A 276 -14.48 7.56 -17.20
N CYS A 277 -14.07 6.56 -16.44
CA CYS A 277 -14.39 5.18 -16.78
C CYS A 277 -15.62 4.66 -16.04
N THR A 278 -16.29 5.49 -15.24
CA THR A 278 -17.48 5.07 -14.51
C THR A 278 -18.73 5.82 -14.97
N PHE A 279 -18.74 7.15 -14.88
CA PHE A 279 -19.87 7.97 -15.33
C PHE A 279 -19.40 9.06 -16.27
N PRO A 280 -18.96 8.71 -17.48
CA PRO A 280 -18.69 9.74 -18.48
C PRO A 280 -19.98 10.36 -19.00
N ASN A 281 -19.87 11.64 -19.39
CA ASN A 281 -20.97 12.39 -20.02
C ASN A 281 -22.16 12.56 -19.08
N THR A 282 -21.89 13.02 -17.87
CA THR A 282 -22.93 13.29 -16.88
C THR A 282 -22.32 14.20 -15.82
N GLY A 283 -23.17 15.02 -15.21
CA GLY A 283 -22.73 16.00 -14.24
C GLY A 283 -22.00 15.40 -13.06
N ALA A 284 -20.77 15.88 -12.83
CA ALA A 284 -19.98 15.44 -11.70
C ALA A 284 -19.10 16.59 -11.23
N ARG A 285 -18.81 16.62 -9.93
CA ARG A 285 -18.00 17.67 -9.32
C ARG A 285 -16.78 17.04 -8.65
N ILE A 286 -15.61 17.31 -9.20
CA ILE A 286 -14.33 16.91 -8.59
C ILE A 286 -13.86 18.09 -7.76
N MET A 287 -13.97 17.98 -6.44
CA MET A 287 -13.65 19.06 -5.52
C MET A 287 -12.32 18.76 -4.83
N MET A 288 -11.25 19.45 -5.25
CA MET A 288 -9.91 19.17 -4.74
C MET A 288 -9.50 20.19 -3.70
N PHE A 289 -9.07 19.70 -2.54
CA PHE A 289 -8.65 20.53 -1.42
C PHE A 289 -7.16 20.33 -1.20
N ILE A 290 -6.37 21.37 -1.41
CA ILE A 290 -4.93 21.30 -1.27
C ILE A 290 -4.48 22.24 -0.17
N GLY A 291 -3.48 21.82 0.59
CA GLY A 291 -2.94 22.66 1.64
C GLY A 291 -1.52 23.09 1.37
N GLY A 292 -1.11 22.99 0.11
CA GLY A 292 0.24 23.32 -0.29
C GLY A 292 0.52 22.86 -1.71
N PRO A 293 1.73 23.17 -2.19
CA PRO A 293 2.05 22.89 -3.60
C PRO A 293 2.42 21.43 -3.83
N ALA A 294 2.27 21.02 -5.09
CA ALA A 294 2.68 19.68 -5.49
C ALA A 294 4.20 19.57 -5.46
N THR A 295 4.73 18.63 -4.69
CA THR A 295 6.17 18.47 -4.52
C THR A 295 6.68 17.14 -5.06
N GLN A 296 5.87 16.35 -5.71
CA GLN A 296 6.30 15.08 -6.24
C GLN A 296 5.43 14.64 -7.37
N GLY A 297 5.98 14.06 -8.40
CA GLY A 297 5.18 13.51 -9.46
C GLY A 297 4.92 14.48 -10.54
N PRO A 298 4.24 14.04 -11.56
CA PRO A 298 3.81 14.90 -12.63
C PRO A 298 2.92 15.96 -12.07
N GLY A 299 3.13 17.17 -12.49
CA GLY A 299 2.39 18.27 -11.99
C GLY A 299 3.09 18.98 -10.89
N MET A 300 4.30 18.60 -10.64
CA MET A 300 5.14 19.20 -9.61
C MET A 300 5.34 20.69 -9.87
N VAL A 301 5.23 21.49 -8.82
CA VAL A 301 5.31 22.94 -8.90
C VAL A 301 6.60 23.46 -8.27
N VAL A 302 7.05 22.85 -7.17
CA VAL A 302 8.28 23.24 -6.49
C VAL A 302 8.90 21.98 -5.90
N GLY A 303 10.22 22.03 -5.70
CA GLY A 303 10.91 20.91 -5.09
C GLY A 303 10.65 20.81 -3.60
N ASP A 304 11.15 19.72 -3.01
CA ASP A 304 10.93 19.44 -1.60
C ASP A 304 11.95 20.13 -0.68
N GLU A 305 12.88 20.89 -1.24
CA GLU A 305 13.86 21.62 -0.45
C GLU A 305 13.25 22.91 0.06
N LEU A 306 13.13 23.04 1.38
CA LEU A 306 12.58 24.26 1.95
C LEU A 306 13.45 25.48 1.65
N LYS A 307 14.74 25.27 1.41
CA LYS A 307 15.62 26.40 1.11
C LYS A 307 15.31 27.02 -0.25
N THR A 308 14.70 26.28 -1.16
CA THR A 308 14.29 26.82 -2.45
C THR A 308 12.88 27.36 -2.37
N PRO A 309 12.66 28.66 -2.56
CA PRO A 309 11.30 29.19 -2.48
C PRO A 309 10.49 28.82 -3.72
N ILE A 310 9.17 28.87 -3.56
CA ILE A 310 8.27 28.68 -4.70
C ILE A 310 8.48 29.83 -5.67
N ARG A 311 8.36 29.53 -6.97
CA ARG A 311 8.60 30.53 -8.00
C ARG A 311 7.69 31.75 -7.82
N SER A 312 8.23 32.92 -8.15
CA SER A 312 7.52 34.17 -8.17
C SER A 312 7.47 34.70 -9.60
N TRP A 313 6.67 35.75 -9.81
CA TRP A 313 6.61 36.35 -11.15
C TRP A 313 7.98 36.82 -11.60
N HIS A 314 8.76 37.39 -10.67
CA HIS A 314 10.13 37.76 -11.01
C HIS A 314 10.95 36.52 -11.36
N ASP A 315 10.69 35.41 -10.66
CA ASP A 315 11.37 34.15 -11.01
C ASP A 315 10.95 33.65 -12.38
N ILE A 316 9.72 33.96 -12.82
CA ILE A 316 9.24 33.47 -14.10
C ILE A 316 9.94 34.19 -15.24
N ASP A 317 10.07 35.52 -15.14
CA ASP A 317 10.58 36.30 -16.28
C ASP A 317 12.07 36.09 -16.52
N LYS A 318 12.80 35.56 -15.53
CA LYS A 318 14.23 35.32 -15.67
C LYS A 318 14.55 33.82 -15.75
N ASP A 319 13.56 33.00 -16.11
CA ASP A 319 13.77 31.58 -16.42
C ASP A 319 14.38 30.84 -15.22
N ASN A 320 13.93 31.20 -14.02
CA ASN A 320 14.37 30.52 -12.81
C ASN A 320 13.16 29.81 -12.20
N ALA A 321 12.45 29.05 -13.03
CA ALA A 321 11.32 28.26 -12.59
C ALA A 321 11.18 27.01 -13.45
N LYS A 322 11.93 25.94 -13.15
CA LYS A 322 12.01 24.77 -14.02
C LYS A 322 10.80 23.83 -13.93
N TYR A 323 9.81 24.14 -13.09
CA TYR A 323 8.66 23.28 -12.92
C TYR A 323 7.40 23.84 -13.55
N VAL A 324 7.39 25.11 -13.96
CA VAL A 324 6.14 25.76 -14.33
C VAL A 324 5.59 25.18 -15.63
N LYS A 325 6.37 25.26 -16.71
CA LYS A 325 5.85 24.84 -18.02
C LYS A 325 5.50 23.36 -18.03
N LYS A 326 6.33 22.52 -17.39
CA LYS A 326 6.03 21.11 -17.33
C LYS A 326 4.83 20.82 -16.43
N GLY A 327 4.67 21.57 -15.34
CA GLY A 327 3.52 21.37 -14.46
C GLY A 327 2.23 21.91 -15.03
N THR A 328 2.31 23.04 -15.72
CA THR A 328 1.13 23.60 -16.38
C THR A 328 0.59 22.63 -17.43
N LYS A 329 1.50 21.99 -18.17
CA LYS A 329 1.09 21.08 -19.23
C LYS A 329 0.33 19.88 -18.67
N HIS A 330 0.76 19.36 -17.52
CA HIS A 330 0.08 18.20 -16.94
C HIS A 330 -1.37 18.53 -16.60
N PHE A 331 -1.62 19.69 -15.98
CA PHE A 331 -2.98 20.04 -15.58
C PHE A 331 -3.83 20.53 -16.76
N GLU A 332 -3.21 21.03 -17.82
CA GLU A 332 -3.96 21.32 -19.04
C GLU A 332 -4.48 20.06 -19.70
N ALA A 333 -3.71 18.96 -19.60
CA ALA A 333 -4.19 17.68 -20.12
C ALA A 333 -5.35 17.14 -19.28
N LEU A 334 -5.27 17.28 -17.95
CA LEU A 334 -6.39 16.87 -17.10
C LEU A 334 -7.59 17.78 -17.31
N ALA A 335 -7.35 19.07 -17.58
CA ALA A 335 -8.46 19.99 -17.82
C ALA A 335 -9.26 19.59 -19.05
N ASN A 336 -8.55 19.32 -20.16
CA ASN A 336 -9.23 18.92 -21.39
C ASN A 336 -9.81 17.51 -21.30
N ARG A 337 -9.21 16.64 -20.48
CA ARG A 337 -9.80 15.33 -20.24
C ARG A 337 -11.13 15.47 -19.51
N ALA A 338 -11.14 16.23 -18.41
CA ALA A 338 -12.37 16.40 -17.64
C ALA A 338 -13.43 17.15 -18.43
N ALA A 339 -13.03 18.13 -19.23
CA ALA A 339 -14.00 18.91 -19.99
C ALA A 339 -14.58 18.13 -21.17
N THR A 340 -13.79 17.26 -21.80
CA THR A 340 -14.31 16.41 -22.87
C THR A 340 -15.31 15.40 -22.32
N THR A 341 -15.05 14.86 -21.13
CA THR A 341 -15.96 13.93 -20.48
C THR A 341 -17.17 14.64 -19.90
N GLY A 342 -17.09 15.94 -19.69
CA GLY A 342 -18.18 16.71 -19.14
C GLY A 342 -18.22 16.82 -17.63
N HIS A 343 -17.07 16.83 -16.96
CA HIS A 343 -17.00 16.91 -15.51
C HIS A 343 -16.36 18.22 -15.06
N VAL A 344 -16.67 18.62 -13.82
CA VAL A 344 -16.24 19.89 -13.24
C VAL A 344 -15.10 19.64 -12.26
N ILE A 345 -14.14 20.56 -12.21
CA ILE A 345 -13.02 20.51 -11.27
C ILE A 345 -12.99 21.80 -10.48
N ASP A 346 -13.10 21.69 -9.15
CA ASP A 346 -12.93 22.82 -8.23
C ASP A 346 -11.59 22.69 -7.50
N ILE A 347 -10.98 23.83 -7.19
CA ILE A 347 -9.73 23.87 -6.42
C ILE A 347 -9.96 24.75 -5.20
N TYR A 348 -9.92 24.16 -4.01
CA TYR A 348 -9.97 24.90 -2.75
C TYR A 348 -8.58 24.82 -2.11
N ALA A 349 -7.86 25.94 -2.15
CA ALA A 349 -6.44 26.00 -1.80
C ALA A 349 -6.22 26.96 -0.64
N CYS A 350 -5.72 26.44 0.48
CA CYS A 350 -5.46 27.27 1.65
C CYS A 350 -4.10 26.90 2.25
N ALA A 351 -3.18 27.86 2.24
CA ALA A 351 -1.84 27.70 2.81
C ALA A 351 -1.20 29.07 2.94
N LEU A 352 -0.17 29.15 3.77
CA LEU A 352 0.53 30.42 3.98
C LEU A 352 1.50 30.73 2.85
N ASP A 353 1.93 29.73 2.10
CA ASP A 353 2.78 29.92 0.93
C ASP A 353 1.94 29.73 -0.32
N GLN A 354 2.56 29.95 -1.48
CA GLN A 354 1.89 29.69 -2.74
C GLN A 354 1.59 28.20 -2.88
N THR A 355 0.53 27.89 -3.61
CA THR A 355 0.03 26.53 -3.70
C THR A 355 0.08 25.95 -5.12
N GLY A 356 0.35 26.75 -6.13
CA GLY A 356 0.44 26.26 -7.49
C GLY A 356 -0.78 26.51 -8.35
N LEU A 357 -1.62 27.47 -8.00
CA LEU A 357 -2.81 27.77 -8.79
C LEU A 357 -2.45 28.14 -10.22
N LEU A 358 -1.27 28.74 -10.43
CA LEU A 358 -0.84 29.11 -11.77
C LEU A 358 -0.77 27.89 -12.69
N GLU A 359 -0.21 26.79 -12.20
CA GLU A 359 -0.05 25.60 -13.04
C GLU A 359 -1.35 24.82 -13.18
N MET A 360 -2.27 24.94 -12.22
CA MET A 360 -3.49 24.17 -12.21
C MET A 360 -4.71 24.98 -12.70
N LYS A 361 -4.51 26.24 -13.11
CA LYS A 361 -5.66 27.12 -13.32
C LYS A 361 -6.58 26.63 -14.42
N CYS A 362 -6.06 25.90 -15.40
CA CYS A 362 -6.90 25.48 -16.52
C CYS A 362 -7.98 24.49 -16.11
N CYS A 363 -7.79 23.73 -15.03
CA CYS A 363 -8.83 22.79 -14.62
C CYS A 363 -10.11 23.51 -14.21
N PRO A 364 -10.10 24.46 -13.27
CA PRO A 364 -11.34 25.19 -12.98
C PRO A 364 -11.69 26.25 -14.01
N ASN A 365 -10.77 26.60 -14.91
CA ASN A 365 -11.06 27.60 -15.94
C ASN A 365 -11.75 26.98 -17.16
N LEU A 366 -11.21 25.86 -17.67
CA LEU A 366 -11.80 25.21 -18.84
C LEU A 366 -13.16 24.61 -18.49
N THR A 367 -13.20 23.76 -17.47
CA THR A 367 -14.47 23.41 -16.85
C THR A 367 -15.02 24.62 -16.11
N GLY A 368 -16.27 24.54 -15.71
CA GLY A 368 -16.85 25.66 -14.99
C GLY A 368 -16.59 25.63 -13.49
N GLY A 369 -15.44 25.10 -13.10
CA GLY A 369 -15.16 24.90 -11.69
C GLY A 369 -14.72 26.14 -10.97
N TYR A 370 -14.88 26.10 -9.65
CA TYR A 370 -14.54 27.22 -8.78
C TYR A 370 -13.07 27.18 -8.39
N MET A 371 -12.54 28.35 -8.08
CA MET A 371 -11.18 28.48 -7.56
C MET A 371 -11.24 29.34 -6.31
N VAL A 372 -11.02 28.73 -5.15
CA VAL A 372 -11.04 29.40 -3.87
C VAL A 372 -9.64 29.34 -3.28
N MET A 373 -9.12 30.48 -2.85
CA MET A 373 -7.81 30.53 -2.24
C MET A 373 -7.86 31.35 -0.96
N GLY A 374 -7.04 30.94 0.01
CA GLY A 374 -6.95 31.62 1.28
C GLY A 374 -5.66 31.23 1.97
N ASP A 375 -5.57 31.62 3.24
CA ASP A 375 -4.38 31.31 4.04
C ASP A 375 -4.52 30.03 4.86
N SER A 376 -5.74 29.59 5.15
CA SER A 376 -5.95 28.47 6.04
C SER A 376 -7.39 28.02 5.96
N PHE A 377 -7.61 26.70 6.01
CA PHE A 377 -8.98 26.18 6.05
C PHE A 377 -9.66 26.51 7.37
N ASN A 378 -8.91 26.86 8.39
CA ASN A 378 -9.47 27.14 9.71
C ASN A 378 -9.74 28.63 9.89
N THR A 379 -10.53 29.18 8.96
CA THR A 379 -10.94 30.58 9.02
C THR A 379 -12.41 30.69 8.65
N SER A 380 -13.04 31.79 9.08
CA SER A 380 -14.39 32.08 8.61
C SER A 380 -14.41 32.29 7.11
N LEU A 381 -13.32 32.84 6.56
CA LEU A 381 -13.24 33.13 5.14
C LEU A 381 -13.46 31.88 4.29
N PHE A 382 -12.71 30.81 4.57
CA PHE A 382 -12.89 29.60 3.76
C PHE A 382 -14.19 28.88 4.10
N LYS A 383 -14.51 28.74 5.40
CA LYS A 383 -15.66 27.94 5.78
C LYS A 383 -16.95 28.52 5.21
N GLN A 384 -17.11 29.85 5.27
CA GLN A 384 -18.32 30.46 4.73
C GLN A 384 -18.31 30.44 3.22
N THR A 385 -17.14 30.60 2.59
CA THR A 385 -17.06 30.52 1.14
C THR A 385 -17.42 29.11 0.66
N PHE A 386 -17.00 28.09 1.41
CA PHE A 386 -17.25 26.72 0.97
C PHE A 386 -18.72 26.35 1.07
N GLN A 387 -19.43 26.84 2.09
CA GLN A 387 -20.84 26.50 2.18
C GLN A 387 -21.70 27.29 1.22
N ARG A 388 -21.22 28.44 0.72
CA ARG A 388 -21.97 29.16 -0.30
C ARG A 388 -21.93 28.44 -1.64
N VAL A 389 -21.00 27.50 -1.82
CA VAL A 389 -21.03 26.63 -2.99
C VAL A 389 -22.36 25.90 -3.08
N PHE A 390 -22.94 25.56 -1.93
CA PHE A 390 -24.14 24.73 -1.87
C PHE A 390 -25.40 25.55 -1.53
N THR A 391 -25.40 26.82 -1.90
CA THR A 391 -26.60 27.65 -1.74
C THR A 391 -27.72 27.11 -2.61
N LYS A 392 -28.91 26.98 -2.02
CA LYS A 392 -30.08 26.49 -2.72
C LYS A 392 -31.02 27.65 -3.04
N ASP A 393 -31.98 27.37 -3.93
CA ASP A 393 -32.97 28.35 -4.37
C ASP A 393 -34.31 28.07 -3.69
N MET A 394 -35.40 28.61 -4.26
CA MET A 394 -36.71 28.59 -3.61
C MET A 394 -37.36 27.23 -3.76
N HIS A 395 -36.56 26.20 -4.05
CA HIS A 395 -37.10 24.85 -4.08
C HIS A 395 -36.16 23.84 -3.41
N GLY A 396 -35.12 24.31 -2.73
CA GLY A 396 -34.22 23.37 -2.09
C GLY A 396 -33.23 22.74 -3.03
N GLN A 397 -32.96 23.39 -4.16
CA GLN A 397 -32.09 22.84 -5.20
C GLN A 397 -30.86 23.70 -5.38
N PHE A 398 -29.72 23.05 -5.57
CA PHE A 398 -28.46 23.75 -5.78
C PHE A 398 -28.53 24.67 -6.99
N LYS A 399 -27.90 25.83 -6.86
CA LYS A 399 -27.73 26.78 -7.96
C LYS A 399 -26.61 26.36 -8.90
N MET A 400 -26.53 25.08 -9.26
CA MET A 400 -25.49 24.57 -10.14
C MET A 400 -26.12 23.99 -11.41
N GLY A 401 -25.41 24.11 -12.52
CA GLY A 401 -25.75 23.39 -13.73
C GLY A 401 -24.56 22.61 -14.23
N PHE A 402 -24.85 21.54 -14.96
CA PHE A 402 -23.81 20.59 -15.38
C PHE A 402 -23.97 20.27 -16.86
N GLY A 403 -22.84 20.08 -17.54
CA GLY A 403 -22.84 19.66 -18.93
C GLY A 403 -23.51 20.64 -19.88
N GLY A 404 -23.29 21.93 -19.67
CA GLY A 404 -23.97 22.94 -20.47
C GLY A 404 -23.43 22.99 -21.89
N THR A 405 -24.32 22.88 -22.86
CA THR A 405 -23.97 23.03 -24.27
C THR A 405 -24.60 24.33 -24.77
N LEU A 406 -23.76 25.29 -25.13
CA LEU A 406 -24.21 26.55 -25.70
C LEU A 406 -24.10 26.48 -27.21
N GLU A 407 -25.22 26.76 -27.89
CA GLU A 407 -25.27 26.82 -29.34
C GLU A 407 -25.83 28.17 -29.75
N ILE A 408 -25.14 28.86 -30.64
CA ILE A 408 -25.49 30.21 -31.07
C ILE A 408 -25.86 30.17 -32.55
N LYS A 409 -27.07 30.63 -32.85
CA LYS A 409 -27.59 30.66 -34.21
C LYS A 409 -27.84 32.11 -34.59
N THR A 410 -27.24 32.55 -35.69
CA THR A 410 -27.24 33.96 -36.09
C THR A 410 -27.85 34.13 -37.47
N SER A 411 -28.20 35.37 -37.77
CA SER A 411 -28.62 35.70 -39.13
C SER A 411 -27.46 35.48 -40.09
N ARG A 412 -27.79 35.35 -41.38
CA ARG A 412 -26.75 35.08 -42.36
C ARG A 412 -25.73 36.21 -42.41
N GLU A 413 -26.10 37.43 -42.03
CA GLU A 413 -25.19 38.57 -42.02
C GLU A 413 -24.29 38.59 -40.80
N ILE A 414 -24.46 37.67 -39.86
CA ILE A 414 -23.69 37.63 -38.61
C ILE A 414 -22.83 36.38 -38.60
N LYS A 415 -21.61 36.52 -38.10
CA LYS A 415 -20.71 35.38 -37.91
C LYS A 415 -20.04 35.50 -36.55
N ILE A 416 -19.81 34.35 -35.92
CA ILE A 416 -19.30 34.30 -34.56
C ILE A 416 -17.78 34.21 -34.60
N SER A 417 -17.11 35.17 -33.98
CA SER A 417 -15.65 35.14 -33.94
C SER A 417 -15.14 34.18 -32.86
N GLY A 418 -15.81 34.13 -31.72
CA GLY A 418 -15.41 33.23 -30.67
C GLY A 418 -15.96 33.65 -29.33
N ALA A 419 -15.50 32.98 -28.29
CA ALA A 419 -15.94 33.23 -26.92
C ALA A 419 -14.73 33.29 -25.99
N ILE A 420 -14.87 34.09 -24.94
CA ILE A 420 -13.88 34.17 -23.88
C ILE A 420 -14.60 33.99 -22.55
N GLY A 421 -14.28 32.92 -21.84
CA GLY A 421 -14.92 32.60 -20.59
C GLY A 421 -14.82 31.12 -20.28
N PRO A 422 -15.49 30.67 -19.22
CA PRO A 422 -15.44 29.25 -18.84
C PRO A 422 -16.21 28.36 -19.82
N CYS A 423 -15.53 27.87 -20.85
CA CYS A 423 -16.16 27.03 -21.86
C CYS A 423 -15.08 26.32 -22.68
N VAL A 424 -15.52 25.30 -23.43
CA VAL A 424 -14.65 24.56 -24.33
C VAL A 424 -15.37 24.42 -25.66
N SER A 425 -14.59 24.35 -26.74
CA SER A 425 -15.15 24.24 -28.09
C SER A 425 -15.57 22.81 -28.39
N LEU A 426 -16.71 22.68 -29.05
CA LEU A 426 -17.18 21.40 -29.57
C LEU A 426 -16.77 21.18 -31.02
N ASN A 427 -16.13 22.16 -31.65
CA ASN A 427 -15.55 22.02 -32.99
C ASN A 427 -16.62 21.67 -34.02
N SER A 428 -17.79 22.30 -33.90
CA SER A 428 -18.87 22.14 -34.87
C SER A 428 -18.84 23.31 -35.85
N LYS A 429 -19.09 23.02 -37.12
CA LYS A 429 -18.94 24.00 -38.18
C LYS A 429 -20.29 24.39 -38.76
N GLY A 430 -20.29 25.50 -39.50
CA GLY A 430 -21.48 26.03 -40.11
C GLY A 430 -21.25 27.40 -40.71
N PRO A 431 -22.27 27.97 -41.34
CA PRO A 431 -22.12 29.32 -41.92
C PRO A 431 -22.04 30.43 -40.89
N CYS A 432 -22.20 30.12 -39.60
CA CYS A 432 -22.10 31.13 -38.55
C CYS A 432 -20.71 31.24 -37.95
N VAL A 433 -19.77 30.38 -38.34
CA VAL A 433 -18.41 30.40 -37.83
C VAL A 433 -17.59 31.37 -38.66
N SER A 434 -16.82 32.22 -37.99
CA SER A 434 -16.01 33.24 -38.65
C SER A 434 -14.56 32.80 -38.77
N GLU A 435 -13.89 33.30 -39.81
CA GLU A 435 -12.47 33.01 -39.98
C GLU A 435 -11.64 33.71 -38.91
N ASN A 436 -11.99 34.95 -38.60
CA ASN A 436 -11.35 35.69 -37.51
C ASN A 436 -11.80 35.08 -36.19
N GLU A 437 -10.97 34.20 -35.63
CA GLU A 437 -11.28 33.55 -34.37
C GLU A 437 -10.74 34.35 -33.19
N ILE A 438 -11.54 34.44 -32.12
CA ILE A 438 -11.19 35.20 -30.93
C ILE A 438 -11.39 34.29 -29.73
N GLY A 439 -10.36 34.14 -28.91
CA GLY A 439 -10.40 33.26 -27.76
C GLY A 439 -10.64 31.81 -28.12
N THR A 440 -11.78 31.27 -27.70
CA THR A 440 -12.19 29.91 -28.03
C THR A 440 -13.11 30.01 -29.25
N GLY A 441 -12.52 29.94 -30.43
CA GLY A 441 -13.28 30.12 -31.66
C GLY A 441 -13.35 28.89 -32.53
N GLY A 442 -13.76 29.08 -33.79
CA GLY A 442 -13.90 27.98 -34.72
C GLY A 442 -15.05 27.04 -34.42
N THR A 443 -16.14 27.55 -33.88
CA THR A 443 -17.27 26.72 -33.50
C THR A 443 -18.49 27.59 -33.25
N CYS A 444 -19.67 27.01 -33.50
CA CYS A 444 -20.95 27.59 -33.09
C CYS A 444 -21.56 26.82 -31.93
N GLN A 445 -20.76 25.97 -31.27
CA GLN A 445 -21.19 25.20 -30.11
C GLN A 445 -20.06 25.15 -29.09
N TRP A 446 -20.42 25.30 -27.81
CA TRP A 446 -19.46 25.27 -26.72
C TRP A 446 -20.03 24.42 -25.59
N LYS A 447 -19.15 23.72 -24.89
CA LYS A 447 -19.53 22.98 -23.69
C LYS A 447 -19.06 23.72 -22.45
N ILE A 448 -19.96 23.86 -21.48
CA ILE A 448 -19.68 24.52 -20.21
C ILE A 448 -20.02 23.51 -19.12
N CYS A 449 -18.99 22.79 -18.63
CA CYS A 449 -19.25 21.67 -17.73
C CYS A 449 -19.92 22.12 -16.43
N GLY A 450 -19.71 23.36 -16.01
CA GLY A 450 -20.35 23.86 -14.82
C GLY A 450 -20.75 25.32 -14.93
N LEU A 451 -22.03 25.60 -14.80
CA LEU A 451 -22.53 26.96 -14.83
C LEU A 451 -23.31 27.26 -13.56
N SER A 452 -23.29 28.53 -13.18
CA SER A 452 -24.10 29.06 -12.08
C SER A 452 -25.00 30.15 -12.65
N PRO A 453 -25.95 30.68 -11.88
CA PRO A 453 -26.74 31.82 -12.38
C PRO A 453 -25.93 33.08 -12.62
N THR A 454 -24.65 33.12 -12.26
CA THR A 454 -23.82 34.27 -12.53
C THR A 454 -22.80 34.05 -13.64
N THR A 455 -22.66 32.82 -14.14
CA THR A 455 -21.70 32.54 -15.21
C THR A 455 -21.96 33.44 -16.41
N THR A 456 -20.95 34.22 -16.79
CA THR A 456 -21.09 35.17 -17.88
C THR A 456 -19.99 34.93 -18.91
N LEU A 457 -20.39 34.57 -20.11
CA LEU A 457 -19.49 34.41 -21.24
C LEU A 457 -19.40 35.72 -22.02
N ALA A 458 -18.43 35.79 -22.91
CA ALA A 458 -18.27 36.94 -23.79
C ALA A 458 -18.12 36.38 -25.21
N ILE A 459 -19.09 36.69 -26.07
CA ILE A 459 -19.12 36.18 -27.43
C ILE A 459 -18.88 37.35 -28.37
N TYR A 460 -17.85 37.24 -29.21
CA TYR A 460 -17.45 38.30 -30.12
C TYR A 460 -17.96 37.96 -31.52
N PHE A 461 -18.64 38.92 -32.14
CA PHE A 461 -19.31 38.73 -33.40
C PHE A 461 -18.63 39.55 -34.50
N GLU A 462 -19.13 39.37 -35.73
CA GLU A 462 -18.56 40.02 -36.89
C GLU A 462 -19.60 40.02 -38.01
N VAL A 463 -19.74 41.16 -38.68
CA VAL A 463 -20.67 41.30 -39.79
C VAL A 463 -19.92 41.08 -41.09
N VAL A 464 -20.49 40.25 -41.97
CA VAL A 464 -19.86 39.94 -43.24
C VAL A 464 -20.80 40.27 -44.39
N ARG A 476 -33.92 43.98 -38.87
CA ARG A 476 -33.49 43.53 -37.55
C ARG A 476 -32.55 42.35 -37.66
N GLY A 477 -31.42 42.43 -36.96
CA GLY A 477 -30.43 41.37 -36.96
C GLY A 477 -30.76 40.53 -35.76
N ALA A 478 -30.62 39.22 -35.85
CA ALA A 478 -30.98 38.34 -34.75
C ALA A 478 -29.85 37.39 -34.39
N ILE A 479 -29.81 37.02 -33.11
CA ILE A 479 -28.91 36.00 -32.58
C ILE A 479 -29.69 35.19 -31.55
N GLN A 480 -29.57 33.87 -31.62
CA GLN A 480 -30.28 32.97 -30.71
C GLN A 480 -29.29 32.13 -29.91
N PHE A 481 -29.40 32.21 -28.58
CA PHE A 481 -28.57 31.44 -27.67
C PHE A 481 -29.38 30.25 -27.16
N VAL A 482 -28.85 29.04 -27.34
CA VAL A 482 -29.51 27.81 -26.92
C VAL A 482 -28.56 27.06 -26.00
N THR A 483 -28.89 27.04 -24.70
CA THR A 483 -28.05 26.41 -23.68
C THR A 483 -28.77 25.19 -23.13
N GLN A 484 -28.27 24.00 -23.46
CA GLN A 484 -28.77 22.75 -22.91
C GLN A 484 -27.87 22.32 -21.77
N TYR A 485 -28.48 22.03 -20.62
CA TYR A 485 -27.68 21.66 -19.45
C TYR A 485 -28.48 20.72 -18.56
N GLN A 486 -27.79 20.10 -17.61
CA GLN A 486 -28.39 19.22 -16.63
C GLN A 486 -28.64 20.02 -15.35
N HIS A 487 -29.90 20.14 -14.95
CA HIS A 487 -30.25 20.85 -13.74
C HIS A 487 -29.85 20.02 -12.51
N SER A 488 -29.67 20.72 -11.39
CA SER A 488 -29.26 20.03 -10.16
C SER A 488 -30.29 19.02 -9.70
N SER A 489 -31.53 19.13 -10.18
CA SER A 489 -32.56 18.13 -9.90
C SER A 489 -32.41 16.89 -10.78
N GLY A 490 -31.55 16.94 -11.80
CA GLY A 490 -31.46 15.89 -12.79
C GLY A 490 -32.26 16.14 -14.05
N GLN A 491 -33.12 17.16 -14.07
CA GLN A 491 -33.92 17.44 -15.25
C GLN A 491 -33.06 18.00 -16.36
N ARG A 492 -33.26 17.49 -17.58
CA ARG A 492 -32.63 18.09 -18.75
C ARG A 492 -33.38 19.36 -19.14
N ARG A 493 -32.66 20.46 -19.33
CA ARG A 493 -33.28 21.75 -19.57
C ARG A 493 -32.60 22.45 -20.74
N ILE A 494 -33.38 23.26 -21.44
CA ILE A 494 -32.92 24.05 -22.58
C ILE A 494 -33.35 25.49 -22.39
N ARG A 495 -32.39 26.39 -22.25
CA ARG A 495 -32.68 27.82 -22.16
C ARG A 495 -32.41 28.47 -23.51
N VAL A 496 -33.39 29.21 -24.01
CA VAL A 496 -33.34 29.81 -25.33
C VAL A 496 -33.54 31.31 -25.17
N THR A 497 -32.52 32.08 -25.53
CA THR A 497 -32.62 33.53 -25.57
C THR A 497 -32.48 33.99 -27.02
N THR A 498 -33.48 34.73 -27.50
CA THR A 498 -33.46 35.29 -28.84
C THR A 498 -33.54 36.81 -28.74
N ILE A 499 -32.48 37.49 -29.16
CA ILE A 499 -32.45 38.95 -29.14
C ILE A 499 -32.38 39.47 -30.57
N ALA A 500 -32.70 40.75 -30.72
CA ALA A 500 -32.66 41.41 -32.01
C ALA A 500 -32.23 42.86 -31.83
N ARG A 501 -31.36 43.33 -32.72
CA ARG A 501 -30.88 44.70 -32.71
C ARG A 501 -31.04 45.31 -34.10
N ASN A 502 -31.28 46.61 -34.13
CA ASN A 502 -31.58 47.29 -35.39
C ASN A 502 -30.33 47.45 -36.25
N TRP A 503 -30.50 47.23 -37.56
CA TRP A 503 -29.48 47.61 -38.51
C TRP A 503 -29.47 49.12 -38.69
N ALA A 504 -28.26 49.71 -38.67
CA ALA A 504 -28.14 51.15 -38.74
C ALA A 504 -28.65 51.68 -40.07
N ASP A 505 -29.49 52.71 -40.01
CA ASP A 505 -29.98 53.34 -41.23
C ASP A 505 -28.82 53.94 -42.03
N ALA A 506 -28.83 53.73 -43.35
CA ALA A 506 -27.71 54.12 -44.18
C ALA A 506 -27.50 55.61 -44.22
N GLN A 507 -28.56 56.40 -44.10
CA GLN A 507 -28.47 57.85 -44.18
C GLN A 507 -28.05 58.50 -42.88
N THR A 508 -27.99 57.73 -41.79
CA THR A 508 -27.52 58.21 -40.50
C THR A 508 -26.73 57.10 -39.81
N GLN A 509 -25.75 56.54 -40.53
CA GLN A 509 -25.02 55.35 -40.08
C GLN A 509 -24.33 55.53 -38.74
N ILE A 510 -23.20 56.26 -38.75
CA ILE A 510 -22.35 56.31 -37.57
C ILE A 510 -23.01 57.05 -36.40
N GLN A 511 -24.03 57.87 -36.68
CA GLN A 511 -24.71 58.60 -35.62
C GLN A 511 -25.60 57.68 -34.80
N ASN A 512 -26.41 56.85 -35.46
CA ASN A 512 -27.22 55.87 -34.76
C ASN A 512 -26.36 54.85 -34.03
N ILE A 513 -25.24 54.47 -34.64
CA ILE A 513 -24.34 53.50 -34.02
C ILE A 513 -23.71 54.09 -32.77
N ALA A 514 -23.28 55.36 -32.84
CA ALA A 514 -22.66 56.00 -31.69
C ALA A 514 -23.62 56.14 -30.51
N ALA A 515 -24.92 56.31 -30.79
CA ALA A 515 -25.89 56.46 -29.70
C ALA A 515 -26.14 55.16 -28.96
N SER A 516 -25.83 54.01 -29.57
CA SER A 516 -26.11 52.71 -28.97
C SER A 516 -24.89 52.08 -28.32
N PHE A 517 -23.93 52.90 -27.88
CA PHE A 517 -22.68 52.41 -27.32
C PHE A 517 -22.83 52.16 -25.83
N ASP A 518 -22.60 50.92 -25.40
CA ASP A 518 -22.59 50.56 -23.99
C ASP A 518 -21.15 50.65 -23.50
N GLN A 519 -20.79 51.79 -22.89
CA GLN A 519 -19.41 52.01 -22.49
C GLN A 519 -18.97 51.04 -21.40
N GLU A 520 -19.88 50.65 -20.52
CA GLU A 520 -19.54 49.68 -19.48
C GLU A 520 -19.30 48.29 -20.07
N ALA A 521 -20.20 47.84 -20.94
CA ALA A 521 -20.05 46.53 -21.54
C ALA A 521 -18.80 46.48 -22.42
N ALA A 522 -18.57 47.52 -23.22
CA ALA A 522 -17.42 47.53 -24.11
C ALA A 522 -16.11 47.53 -23.33
N ALA A 523 -16.06 48.21 -22.19
CA ALA A 523 -14.84 48.21 -21.40
C ALA A 523 -14.54 46.81 -20.86
N ILE A 524 -15.56 46.09 -20.41
CA ILE A 524 -15.36 44.74 -19.91
C ILE A 524 -15.03 43.80 -21.06
N LEU A 525 -15.65 44.01 -22.22
CA LEU A 525 -15.37 43.16 -23.37
C LEU A 525 -13.96 43.40 -23.90
N MET A 526 -13.50 44.66 -23.88
CA MET A 526 -12.12 44.92 -24.26
C MET A 526 -11.16 44.42 -23.20
N ALA A 527 -11.54 44.53 -21.92
CA ALA A 527 -10.71 43.99 -20.85
C ALA A 527 -10.56 42.49 -20.98
N ARG A 528 -11.65 41.79 -21.33
CA ARG A 528 -11.57 40.35 -21.59
C ARG A 528 -10.54 40.05 -22.68
N LEU A 529 -10.52 40.85 -23.74
CA LEU A 529 -9.56 40.64 -24.81
C LEU A 529 -8.13 40.91 -24.34
N ALA A 530 -7.95 41.91 -23.47
CA ALA A 530 -6.61 42.25 -23.00
C ALA A 530 -6.06 41.19 -22.05
N ILE A 531 -6.90 40.71 -21.13
CA ILE A 531 -6.43 39.69 -20.18
C ILE A 531 -6.12 38.40 -20.91
N TYR A 532 -6.92 38.06 -21.92
CA TYR A 532 -6.71 36.82 -22.65
C TYR A 532 -5.40 36.83 -23.43
N ARG A 533 -4.94 38.01 -23.87
CA ARG A 533 -3.69 38.07 -24.60
C ARG A 533 -2.48 38.09 -23.67
N ALA A 534 -2.61 38.69 -22.50
CA ALA A 534 -1.51 38.67 -21.53
C ALA A 534 -1.31 37.28 -20.95
N GLU A 535 -2.40 36.57 -20.69
CA GLU A 535 -2.36 35.21 -20.18
C GLU A 535 -2.02 34.19 -21.26
N THR A 536 -1.82 34.63 -22.50
CA THR A 536 -1.39 33.78 -23.60
C THR A 536 -0.41 34.52 -24.48
N GLU A 537 0.46 35.32 -23.86
CA GLU A 537 1.43 36.20 -24.50
C GLU A 537 1.95 35.71 -25.86
N ASP A 541 3.58 43.54 -26.31
CA ASP A 541 2.94 44.16 -25.15
C ASP A 541 1.44 44.29 -25.38
N VAL A 542 0.67 44.06 -24.32
CA VAL A 542 -0.79 44.14 -24.42
C VAL A 542 -1.28 45.58 -24.20
N LEU A 543 -0.59 46.36 -23.37
CA LEU A 543 -0.98 47.76 -23.17
C LEU A 543 -0.89 48.55 -24.48
N ARG A 544 0.00 48.13 -25.39
CA ARG A 544 0.09 48.82 -26.68
C ARG A 544 -1.20 48.65 -27.47
N TRP A 545 -1.79 47.45 -27.46
CA TRP A 545 -3.04 47.24 -28.18
C TRP A 545 -4.19 47.98 -27.50
N LEU A 546 -4.18 48.03 -26.17
CA LEU A 546 -5.26 48.70 -25.44
C LEU A 546 -5.24 50.20 -25.67
N ASP A 547 -4.06 50.80 -25.80
CA ASP A 547 -3.98 52.24 -26.04
C ASP A 547 -4.39 52.60 -27.45
N ARG A 548 -3.94 51.80 -28.45
CA ARG A 548 -4.25 52.13 -29.83
C ARG A 548 -5.75 52.10 -30.10
N GLN A 549 -6.49 51.27 -29.37
CA GLN A 549 -7.94 51.22 -29.55
C GLN A 549 -8.65 52.35 -28.81
N LEU A 550 -8.12 52.76 -27.64
CA LEU A 550 -8.70 53.91 -26.95
C LEU A 550 -8.52 55.19 -27.76
N ILE A 551 -7.34 55.38 -28.34
CA ILE A 551 -7.09 56.57 -29.16
C ILE A 551 -7.94 56.54 -30.41
N ARG A 552 -8.09 55.36 -31.03
CA ARG A 552 -8.94 55.24 -32.21
C ARG A 552 -10.39 55.56 -31.86
N LEU A 553 -10.88 55.05 -30.73
CA LEU A 553 -12.26 55.32 -30.33
C LEU A 553 -12.49 56.80 -30.07
N CYS A 554 -11.44 57.52 -29.66
CA CYS A 554 -11.58 58.95 -29.43
C CYS A 554 -11.71 59.71 -30.75
N GLN A 555 -10.99 59.28 -31.78
CA GLN A 555 -10.96 60.01 -33.03
C GLN A 555 -12.26 59.83 -33.82
N LYS A 556 -12.93 58.68 -33.68
CA LYS A 556 -14.12 58.43 -34.47
C LYS A 556 -15.39 58.93 -33.80
N PHE A 557 -15.48 58.84 -32.47
CA PHE A 557 -16.71 59.17 -31.76
C PHE A 557 -16.55 60.37 -30.82
N GLY A 558 -15.41 61.06 -30.86
CA GLY A 558 -15.21 62.25 -30.08
C GLY A 558 -15.37 63.50 -30.92
N GLU A 559 -15.33 64.64 -30.24
CA GLU A 559 -15.45 65.95 -30.86
C GLU A 559 -14.18 66.74 -30.59
N TYR A 560 -13.55 67.26 -31.64
CA TYR A 560 -12.28 67.94 -31.48
C TYR A 560 -11.93 68.68 -32.75
N HIS A 561 -11.29 69.84 -32.60
CA HIS A 561 -10.57 70.46 -33.69
C HIS A 561 -9.17 69.87 -33.78
N LYS A 562 -8.64 69.79 -35.00
CA LYS A 562 -7.33 69.18 -35.20
C LYS A 562 -6.25 69.97 -34.47
N ASP A 563 -5.40 69.24 -33.75
CA ASP A 563 -4.24 69.82 -33.05
C ASP A 563 -4.64 70.80 -31.95
N ASP A 564 -5.83 70.59 -31.37
CA ASP A 564 -6.28 71.36 -30.21
C ASP A 564 -6.81 70.39 -29.16
N PRO A 565 -5.95 69.97 -28.23
CA PRO A 565 -6.39 68.98 -27.23
C PRO A 565 -7.49 69.49 -26.33
N SER A 566 -7.51 70.79 -26.01
CA SER A 566 -8.55 71.33 -25.13
C SER A 566 -9.93 71.28 -25.77
N SER A 567 -10.00 71.20 -27.10
CA SER A 567 -11.28 71.12 -27.78
C SER A 567 -11.92 69.73 -27.70
N PHE A 568 -11.23 68.76 -27.09
CA PHE A 568 -11.74 67.40 -27.12
C PHE A 568 -12.89 67.23 -26.13
N ARG A 569 -13.96 66.60 -26.59
CA ARG A 569 -15.12 66.30 -25.77
C ARG A 569 -15.56 64.87 -26.04
N PHE A 570 -16.34 64.33 -25.11
CA PHE A 570 -16.95 63.03 -25.29
C PHE A 570 -18.41 63.13 -24.87
N SER A 571 -19.30 62.60 -25.69
CA SER A 571 -20.71 62.58 -25.34
C SER A 571 -20.93 61.76 -24.08
N GLU A 572 -22.08 61.97 -23.44
CA GLU A 572 -22.44 61.20 -22.26
C GLU A 572 -22.38 59.70 -22.49
N THR A 573 -22.41 59.27 -23.75
CA THR A 573 -22.35 57.86 -24.08
C THR A 573 -20.95 57.28 -23.95
N PHE A 574 -19.92 58.12 -24.11
CA PHE A 574 -18.53 57.65 -24.12
C PHE A 574 -17.68 58.21 -22.99
N SER A 575 -18.24 59.08 -22.14
CA SER A 575 -17.43 59.88 -21.23
C SER A 575 -16.68 59.01 -20.21
N LEU A 576 -17.26 57.88 -19.79
CA LEU A 576 -16.64 57.06 -18.77
C LEU A 576 -15.67 56.03 -19.32
N TYR A 577 -15.66 55.81 -20.64
CA TYR A 577 -14.77 54.80 -21.22
C TYR A 577 -13.29 55.05 -20.94
N PRO A 578 -12.75 56.28 -21.06
CA PRO A 578 -11.32 56.46 -20.76
C PRO A 578 -10.99 56.19 -19.30
N GLN A 579 -11.88 56.55 -18.38
CA GLN A 579 -11.63 56.29 -16.96
C GLN A 579 -11.62 54.79 -16.68
N PHE A 580 -12.55 54.04 -17.26
CA PHE A 580 -12.52 52.59 -17.13
C PHE A 580 -11.23 52.02 -17.70
N MET A 581 -10.73 52.63 -18.78
CA MET A 581 -9.49 52.19 -19.40
C MET A 581 -8.27 52.56 -18.56
N PHE A 582 -8.35 53.67 -17.82
CA PHE A 582 -7.24 54.06 -16.96
C PHE A 582 -7.04 53.06 -15.82
N HIS A 583 -8.13 52.71 -15.13
CA HIS A 583 -8.00 51.78 -14.01
C HIS A 583 -7.71 50.36 -14.47
N LEU A 584 -8.10 50.01 -15.70
CA LEU A 584 -7.86 48.65 -16.19
C LEU A 584 -6.38 48.41 -16.45
N ARG A 585 -5.70 49.37 -17.08
CA ARG A 585 -4.30 49.18 -17.43
C ARG A 585 -3.37 49.23 -16.23
N ARG A 586 -3.83 49.76 -15.10
CA ARG A 586 -3.06 49.76 -13.87
C ARG A 586 -3.51 48.67 -12.90
N SER A 587 -4.55 47.91 -13.24
CA SER A 587 -5.11 46.93 -12.32
C SER A 587 -4.16 45.76 -12.12
N SER A 588 -4.49 44.94 -11.11
CA SER A 588 -3.73 43.74 -10.84
C SER A 588 -3.96 42.65 -11.88
N PHE A 589 -4.87 42.89 -12.83
CA PHE A 589 -5.12 41.93 -13.90
C PHE A 589 -4.06 42.01 -15.00
N LEU A 590 -3.45 43.19 -15.18
CA LEU A 590 -2.43 43.39 -16.18
C LEU A 590 -1.04 43.71 -15.61
N GLN A 591 -0.95 44.21 -14.38
CA GLN A 591 0.34 44.45 -13.71
C GLN A 591 0.57 43.30 -12.73
N VAL A 592 1.09 42.19 -13.26
CA VAL A 592 1.16 40.96 -12.50
C VAL A 592 2.16 41.06 -11.36
N PHE A 593 3.18 41.90 -11.50
CA PHE A 593 4.13 42.06 -10.41
C PHE A 593 3.46 42.75 -9.22
N ASN A 594 4.14 42.69 -8.08
CA ASN A 594 3.60 43.03 -6.75
C ASN A 594 2.51 42.05 -6.29
N ASN A 595 2.30 40.97 -7.03
CA ASN A 595 1.43 39.88 -6.63
C ASN A 595 2.13 38.55 -6.90
N SER A 596 1.68 37.52 -6.21
CA SER A 596 2.21 36.20 -6.50
C SER A 596 1.50 35.62 -7.72
N PRO A 597 2.17 34.72 -8.45
CA PRO A 597 1.50 34.10 -9.62
C PRO A 597 0.16 33.46 -9.30
N ASP A 598 0.02 32.85 -8.12
CA ASP A 598 -1.26 32.27 -7.74
C ASP A 598 -2.32 33.36 -7.58
N GLU A 599 -1.94 34.53 -7.04
CA GLU A 599 -2.90 35.60 -6.86
C GLU A 599 -3.35 36.18 -8.20
N SER A 600 -2.43 36.30 -9.15
CA SER A 600 -2.80 36.79 -10.48
C SER A 600 -3.73 35.82 -11.19
N SER A 601 -3.50 34.52 -11.03
CA SER A 601 -4.39 33.54 -11.65
C SER A 601 -5.75 33.51 -10.98
N TYR A 602 -5.78 33.73 -9.66
CA TYR A 602 -7.05 33.80 -8.95
C TYR A 602 -7.86 35.01 -9.38
N TYR A 603 -7.21 36.18 -9.47
CA TYR A 603 -7.91 37.40 -9.87
C TYR A 603 -8.48 37.27 -11.27
N ARG A 604 -7.69 36.76 -12.21
CA ARG A 604 -8.16 36.62 -13.59
C ARG A 604 -9.27 35.59 -13.69
N HIS A 605 -9.18 34.51 -12.89
CA HIS A 605 -10.19 33.46 -12.93
C HIS A 605 -11.58 34.04 -12.70
N HIS A 606 -11.74 34.85 -11.65
CA HIS A 606 -13.05 35.35 -11.30
C HIS A 606 -13.51 36.47 -12.21
N PHE A 607 -12.59 37.22 -12.81
CA PHE A 607 -12.99 38.26 -13.75
C PHE A 607 -13.49 37.66 -15.05
N MET A 608 -12.94 36.53 -15.47
CA MET A 608 -13.35 35.89 -16.71
C MET A 608 -14.71 35.20 -16.61
N ARG A 609 -15.34 35.18 -15.44
CA ARG A 609 -16.63 34.54 -15.25
C ARG A 609 -17.74 35.48 -14.83
N GLN A 610 -17.42 36.70 -14.41
CA GLN A 610 -18.41 37.53 -13.75
C GLN A 610 -19.25 38.32 -14.75
N ASP A 611 -20.40 38.77 -14.27
CA ASP A 611 -21.29 39.61 -15.07
C ASP A 611 -20.70 41.01 -15.17
N LEU A 612 -21.46 41.93 -15.76
CA LEU A 612 -20.94 43.28 -15.95
C LEU A 612 -20.78 44.00 -14.62
N THR A 613 -21.83 43.97 -13.79
CA THR A 613 -21.83 44.75 -12.54
C THR A 613 -20.61 44.44 -11.68
N GLN A 614 -20.35 43.15 -11.45
CA GLN A 614 -19.20 42.81 -10.62
C GLN A 614 -17.89 43.09 -11.33
N SER A 615 -17.85 42.95 -12.65
CA SER A 615 -16.61 43.21 -13.39
C SER A 615 -16.18 44.66 -13.26
N LEU A 616 -17.12 45.59 -13.38
CA LEU A 616 -16.79 47.00 -13.20
C LEU A 616 -16.20 47.26 -11.82
N ILE A 617 -16.67 46.56 -10.80
CA ILE A 617 -16.18 46.74 -9.44
C ILE A 617 -14.72 46.29 -9.35
N MET A 618 -14.39 45.16 -9.98
CA MET A 618 -13.01 44.68 -10.00
C MET A 618 -12.09 45.69 -10.66
N ILE A 619 -12.47 46.18 -11.84
CA ILE A 619 -11.61 47.12 -12.59
C ILE A 619 -11.50 48.43 -11.83
N GLN A 620 -12.61 48.95 -11.34
CA GLN A 620 -12.68 50.26 -10.71
C GLN A 620 -13.43 50.12 -9.39
N PRO A 621 -12.72 49.90 -8.29
CA PRO A 621 -13.39 49.71 -7.00
C PRO A 621 -14.20 50.94 -6.63
N ILE A 622 -15.38 50.70 -6.07
CA ILE A 622 -16.24 51.80 -5.65
C ILE A 622 -15.85 52.23 -4.24
N LEU A 623 -16.03 53.51 -3.96
CA LEU A 623 -15.61 54.10 -2.70
C LEU A 623 -16.76 54.91 -2.12
N TYR A 624 -17.14 54.60 -0.87
CA TYR A 624 -18.15 55.33 -0.13
C TYR A 624 -17.50 56.09 1.03
N ALA A 625 -18.09 57.23 1.38
CA ALA A 625 -17.58 58.08 2.44
C ALA A 625 -18.64 58.24 3.54
N TYR A 626 -18.18 58.25 4.79
CA TYR A 626 -19.04 58.35 5.95
C TYR A 626 -18.53 59.48 6.85
N SER A 627 -19.42 60.38 7.23
CA SER A 627 -19.05 61.49 8.11
C SER A 627 -20.30 62.01 8.80
N PHE A 628 -20.09 62.92 9.76
CA PHE A 628 -21.23 63.58 10.41
C PHE A 628 -22.00 64.45 9.44
N SER A 629 -21.33 64.97 8.42
CA SER A 629 -21.94 65.95 7.51
C SER A 629 -22.64 65.26 6.35
N GLY A 630 -23.65 64.46 6.69
CA GLY A 630 -24.52 63.87 5.70
C GLY A 630 -24.51 62.35 5.69
N PRO A 631 -25.41 61.76 4.90
CA PRO A 631 -25.49 60.31 4.79
C PRO A 631 -24.34 59.76 3.97
N PRO A 632 -24.17 58.44 3.92
CA PRO A 632 -23.10 57.86 3.10
C PRO A 632 -23.28 58.21 1.62
N GLU A 633 -22.20 58.63 0.99
CA GLU A 633 -22.19 59.06 -0.40
C GLU A 633 -21.04 58.41 -1.16
N PRO A 634 -21.25 58.02 -2.40
CA PRO A 634 -20.12 57.54 -3.21
C PRO A 634 -19.20 58.68 -3.58
N VAL A 635 -17.89 58.41 -3.57
CA VAL A 635 -16.87 59.42 -3.85
C VAL A 635 -15.87 58.87 -4.85
N LEU A 636 -15.14 59.78 -5.47
CA LEU A 636 -14.14 59.42 -6.46
C LEU A 636 -13.00 58.62 -5.84
N LEU A 637 -12.44 57.71 -6.64
CA LEU A 637 -11.24 56.94 -6.29
C LEU A 637 -10.02 57.82 -6.56
N ASP A 638 -9.78 58.75 -5.64
CA ASP A 638 -8.64 59.65 -5.74
C ASP A 638 -8.18 60.00 -4.33
N SER A 639 -6.88 60.35 -4.22
CA SER A 639 -6.31 60.73 -2.93
C SER A 639 -7.06 61.89 -2.29
N SER A 640 -7.73 62.73 -3.08
CA SER A 640 -8.51 63.85 -2.56
C SER A 640 -9.74 63.41 -1.78
N SER A 641 -10.11 62.13 -1.86
CA SER A 641 -11.22 61.59 -1.07
C SER A 641 -10.80 61.13 0.31
N ILE A 642 -9.49 60.99 0.56
CA ILE A 642 -8.97 60.54 1.84
C ILE A 642 -8.98 61.75 2.80
N LEU A 643 -10.03 61.86 3.60
CA LEU A 643 -10.14 62.92 4.60
C LEU A 643 -9.93 62.36 5.99
N ALA A 644 -9.51 63.24 6.91
CA ALA A 644 -9.19 62.81 8.27
C ALA A 644 -10.44 62.54 9.09
N ASP A 645 -11.50 63.33 8.88
CA ASP A 645 -12.74 63.19 9.64
C ASP A 645 -13.78 62.37 8.89
N ARG A 646 -13.35 61.33 8.17
CA ARG A 646 -14.25 60.57 7.32
C ARG A 646 -13.86 59.09 7.36
N ILE A 647 -14.88 58.23 7.31
CA ILE A 647 -14.68 56.79 7.15
C ILE A 647 -14.94 56.45 5.69
N LEU A 648 -14.05 55.66 5.11
CA LEU A 648 -14.18 55.22 3.72
C LEU A 648 -14.45 53.72 3.69
N LEU A 649 -15.29 53.30 2.77
CA LEU A 649 -15.51 51.90 2.58
C LEU A 649 -15.20 51.61 1.17
N MET A 650 -14.22 50.78 0.90
CA MET A 650 -13.90 50.49 -0.46
C MET A 650 -14.19 49.06 -0.74
N ASP A 651 -14.89 48.81 -1.80
CA ASP A 651 -15.23 47.49 -2.18
C ASP A 651 -14.48 47.20 -3.42
N THR A 652 -13.61 46.24 -3.42
CA THR A 652 -12.88 45.95 -4.61
C THR A 652 -13.23 44.66 -5.24
N PHE A 653 -14.30 44.06 -4.78
CA PHE A 653 -14.82 42.72 -5.09
C PHE A 653 -14.10 41.61 -4.34
N PHE A 654 -12.80 41.58 -4.39
CA PHE A 654 -11.99 40.72 -3.63
C PHE A 654 -11.80 41.23 -2.22
N GLN A 655 -11.94 42.52 -1.94
CA GLN A 655 -11.69 43.08 -0.62
C GLN A 655 -12.79 44.06 -0.22
N ILE A 656 -13.23 43.96 1.03
CA ILE A 656 -14.04 44.99 1.68
C ILE A 656 -13.14 45.68 2.70
N LEU A 657 -12.82 46.94 2.45
CA LEU A 657 -11.88 47.68 3.27
C LEU A 657 -12.57 48.88 3.91
N ILE A 658 -12.41 49.03 5.22
CA ILE A 658 -12.91 50.17 5.96
C ILE A 658 -11.72 50.95 6.48
N TYR A 659 -11.58 52.19 6.03
CA TYR A 659 -10.47 53.06 6.41
C TYR A 659 -10.97 54.16 7.34
N HIS A 660 -10.30 54.32 8.48
CA HIS A 660 -10.60 55.38 9.42
C HIS A 660 -9.58 56.50 9.25
N GLY A 661 -10.07 57.70 8.94
CA GLY A 661 -9.20 58.85 8.83
C GLY A 661 -8.47 59.15 10.12
N GLU A 662 -7.44 59.99 9.99
CA GLU A 662 -6.58 60.29 11.15
C GLU A 662 -7.39 60.85 12.31
N THR A 663 -8.35 61.73 12.01
CA THR A 663 -9.18 62.29 13.08
C THR A 663 -10.07 61.21 13.70
N ILE A 664 -10.75 60.42 12.86
CA ILE A 664 -11.64 59.40 13.39
C ILE A 664 -10.85 58.28 14.07
N ALA A 665 -9.64 57.99 13.57
CA ALA A 665 -8.81 56.98 14.21
C ALA A 665 -8.45 57.39 15.63
N GLN A 666 -8.04 58.64 15.82
CA GLN A 666 -7.72 59.13 17.15
C GLN A 666 -8.96 59.18 18.04
N TRP A 667 -10.08 59.65 17.50
CA TRP A 667 -11.34 59.64 18.26
C TRP A 667 -11.72 58.23 18.68
N ARG A 668 -11.43 57.24 17.84
CA ARG A 668 -11.77 55.85 18.15
C ARG A 668 -10.75 55.19 19.06
N LYS A 669 -9.47 55.53 18.91
CA LYS A 669 -8.47 55.06 19.87
C LYS A 669 -8.65 55.70 21.24
N SER A 670 -9.33 56.84 21.32
CA SER A 670 -9.49 57.54 22.59
C SER A 670 -10.50 56.82 23.48
N GLY A 671 -11.67 56.50 22.93
CA GLY A 671 -12.70 55.82 23.71
C GLY A 671 -14.01 56.57 23.71
N TYR A 672 -14.16 57.55 22.81
CA TYR A 672 -15.38 58.34 22.72
C TYR A 672 -16.60 57.48 22.37
N GLN A 673 -16.40 56.33 21.74
CA GLN A 673 -17.52 55.50 21.31
C GLN A 673 -18.28 54.92 22.49
N ASP A 674 -17.55 54.47 23.52
CA ASP A 674 -18.19 53.80 24.65
C ASP A 674 -19.01 54.77 25.49
N MET A 675 -18.67 56.05 25.47
CA MET A 675 -19.38 57.03 26.30
C MET A 675 -20.78 57.27 25.74
N PRO A 676 -21.82 57.29 26.58
CA PRO A 676 -23.18 57.50 26.08
C PRO A 676 -23.41 58.88 25.49
N GLU A 677 -22.48 59.82 25.70
CA GLU A 677 -22.59 61.13 25.08
C GLU A 677 -22.49 61.03 23.57
N TYR A 678 -21.65 60.12 23.07
CA TYR A 678 -21.35 60.06 21.64
C TYR A 678 -21.94 58.81 21.01
N GLU A 679 -23.26 58.61 21.19
CA GLU A 679 -23.95 57.58 20.40
C GLU A 679 -23.98 57.94 18.92
N ASN A 680 -23.74 59.21 18.58
CA ASN A 680 -23.59 59.59 17.18
C ASN A 680 -22.26 59.10 16.61
N PHE A 681 -21.22 59.09 17.45
CA PHE A 681 -19.95 58.51 17.02
C PHE A 681 -20.03 56.99 16.93
N ARG A 682 -20.98 56.38 17.62
CA ARG A 682 -21.24 54.96 17.42
C ARG A 682 -21.89 54.71 16.06
N HIS A 683 -22.84 55.56 15.66
CA HIS A 683 -23.45 55.43 14.34
C HIS A 683 -22.41 55.56 13.24
N LEU A 684 -21.46 56.48 13.40
CA LEU A 684 -20.47 56.71 12.35
C LEU A 684 -19.51 55.53 12.21
N LEU A 685 -19.16 54.89 13.32
CA LEU A 685 -18.25 53.75 13.24
C LEU A 685 -18.96 52.47 12.79
N GLN A 686 -20.26 52.35 13.06
CA GLN A 686 -20.99 51.15 12.70
C GLN A 686 -21.65 51.23 11.33
N ALA A 687 -21.83 52.44 10.80
CA ALA A 687 -22.47 52.59 9.48
C ALA A 687 -21.72 51.88 8.38
N PRO A 688 -20.39 52.01 8.23
CA PRO A 688 -19.70 51.24 7.19
C PRO A 688 -19.69 49.75 7.49
N VAL A 689 -19.63 49.37 8.76
CA VAL A 689 -19.63 47.95 9.12
C VAL A 689 -20.95 47.30 8.72
N ASP A 690 -22.07 47.98 8.96
CA ASP A 690 -23.36 47.43 8.58
C ASP A 690 -23.45 47.22 7.07
N ASP A 691 -23.13 48.26 6.30
CA ASP A 691 -23.16 48.12 4.84
C ASP A 691 -22.17 47.05 4.36
N ALA A 692 -21.07 46.86 5.10
CA ALA A 692 -20.11 45.84 4.71
C ALA A 692 -20.66 44.44 4.96
N GLN A 693 -21.46 44.27 6.02
CA GLN A 693 -21.99 42.95 6.35
C GLN A 693 -22.90 42.42 5.25
N GLU A 694 -23.69 43.29 4.63
CA GLU A 694 -24.65 42.84 3.63
C GLU A 694 -23.94 42.23 2.43
N ILE A 695 -22.97 42.96 1.86
CA ILE A 695 -22.23 42.44 0.71
C ILE A 695 -21.24 41.37 1.13
N LEU A 696 -21.04 41.17 2.43
CA LEU A 696 -20.11 40.18 2.92
C LEU A 696 -20.89 38.88 3.12
N HIS A 697 -21.94 38.70 2.32
CA HIS A 697 -22.74 37.49 2.42
C HIS A 697 -23.24 37.02 1.06
N SER A 698 -23.55 37.97 0.18
CA SER A 698 -24.07 37.59 -1.13
C SER A 698 -22.95 37.12 -2.05
N ARG A 699 -21.79 37.76 -1.96
CA ARG A 699 -20.68 37.47 -2.86
C ARG A 699 -20.19 36.04 -2.65
N PHE A 700 -20.11 35.27 -3.74
CA PHE A 700 -19.71 33.87 -3.62
C PHE A 700 -18.28 33.74 -3.11
N PRO A 701 -17.27 34.28 -3.78
CA PRO A 701 -15.96 34.30 -3.14
C PRO A 701 -16.02 35.38 -2.09
N MET A 702 -16.29 34.99 -0.84
CA MET A 702 -16.44 35.95 0.23
C MET A 702 -15.22 36.86 0.30
N PRO A 703 -15.38 38.17 0.16
CA PRO A 703 -14.22 39.05 0.12
C PRO A 703 -13.53 39.14 1.47
N ARG A 704 -12.22 39.40 1.44
CA ARG A 704 -11.47 39.59 2.67
C ARG A 704 -11.82 40.94 3.28
N TYR A 705 -11.99 40.96 4.59
CA TYR A 705 -12.37 42.16 5.31
C TYR A 705 -11.15 42.79 5.97
N ILE A 706 -11.05 44.12 5.87
CA ILE A 706 -9.91 44.86 6.38
C ILE A 706 -10.42 46.02 7.22
N ASP A 707 -9.94 46.12 8.45
CA ASP A 707 -10.23 47.23 9.36
C ASP A 707 -8.90 47.93 9.63
N THR A 708 -8.63 49.01 8.90
CA THR A 708 -7.39 49.76 9.02
C THR A 708 -7.72 51.24 9.20
N GLU A 709 -6.67 52.04 9.31
CA GLU A 709 -6.81 53.49 9.50
C GLU A 709 -5.56 54.17 8.99
N HIS A 710 -5.47 55.49 9.23
CA HIS A 710 -4.30 56.25 8.83
C HIS A 710 -3.09 55.81 9.63
N GLY A 711 -1.99 55.53 8.93
CA GLY A 711 -0.79 55.00 9.56
C GLY A 711 -0.80 53.51 9.76
N GLY A 712 -1.94 52.85 9.61
CA GLY A 712 -1.97 51.40 9.70
C GLY A 712 -1.26 50.74 8.52
N SER A 713 -0.84 49.50 8.76
CA SER A 713 -0.12 48.77 7.72
C SER A 713 -1.02 48.45 6.53
N GLN A 714 -2.25 47.99 6.80
CA GLN A 714 -3.17 47.55 5.75
C GLN A 714 -3.80 48.71 4.99
N ALA A 715 -3.48 49.96 5.33
CA ALA A 715 -3.96 51.09 4.54
C ALA A 715 -3.37 51.11 3.14
N ARG A 716 -2.37 50.28 2.86
CA ARG A 716 -1.72 50.26 1.54
C ARG A 716 -2.70 49.87 0.44
N PHE A 717 -3.65 48.97 0.74
CA PHE A 717 -4.58 48.52 -0.28
C PHE A 717 -5.45 49.66 -0.78
N LEU A 718 -5.77 50.62 0.08
CA LEU A 718 -6.54 51.79 -0.35
C LEU A 718 -5.68 52.75 -1.14
N LEU A 719 -4.42 52.94 -0.73
CA LEU A 719 -3.55 53.91 -1.37
C LEU A 719 -3.09 53.46 -2.76
N SER A 720 -3.12 52.17 -3.05
CA SER A 720 -2.70 51.68 -4.36
C SER A 720 -3.84 51.66 -5.38
N LYS A 721 -5.07 51.38 -4.95
CA LYS A 721 -6.23 51.42 -5.85
C LYS A 721 -6.68 52.84 -6.15
N VAL A 722 -6.29 53.81 -5.34
CA VAL A 722 -6.81 55.17 -5.40
C VAL A 722 -6.05 55.97 -6.45
N ASN A 723 -6.33 57.27 -6.54
CA ASN A 723 -5.62 58.20 -7.43
C ASN A 723 -5.96 57.93 -8.90
N ASP A 746 -0.07 56.47 -17.51
CA ASP A 746 1.29 56.77 -17.07
C ASP A 746 1.35 56.94 -15.54
N VAL A 747 0.81 58.06 -15.05
CA VAL A 747 0.85 58.38 -13.62
C VAL A 747 -0.43 58.56 -12.81
N SER A 748 -1.06 59.72 -12.94
CA SER A 748 -2.40 59.98 -12.45
C SER A 748 -3.40 60.07 -13.60
N LEU A 749 -4.68 60.07 -13.25
CA LEU A 749 -5.73 60.15 -14.27
C LEU A 749 -5.69 61.49 -15.00
N GLN A 750 -5.40 62.58 -14.29
CA GLN A 750 -5.33 63.90 -14.92
C GLN A 750 -4.24 63.91 -15.98
N VAL A 751 -3.05 63.43 -15.63
CA VAL A 751 -1.96 63.34 -16.62
C VAL A 751 -2.34 62.40 -17.75
N PHE A 752 -2.99 61.28 -17.41
CA PHE A 752 -3.38 60.29 -18.40
C PHE A 752 -4.33 60.89 -19.44
N MET A 753 -5.24 61.75 -18.99
CA MET A 753 -6.21 62.33 -19.92
C MET A 753 -5.56 63.36 -20.83
N ASP A 754 -4.64 64.17 -20.30
CA ASP A 754 -3.96 65.15 -21.12
C ASP A 754 -3.16 64.49 -22.24
N HIS A 755 -2.50 63.37 -21.93
CA HIS A 755 -1.76 62.64 -22.96
C HIS A 755 -2.69 62.08 -24.02
N LEU A 756 -3.88 61.63 -23.59
CA LEU A 756 -4.85 61.07 -24.55
C LEU A 756 -5.38 62.14 -25.49
N LYS A 757 -5.71 63.33 -24.95
CA LYS A 757 -6.25 64.38 -25.80
C LYS A 757 -5.21 64.90 -26.79
N LYS A 758 -3.93 64.86 -26.42
CA LYS A 758 -2.88 65.29 -27.33
C LYS A 758 -2.80 64.36 -28.54
N LEU A 759 -2.88 63.06 -28.32
CA LEU A 759 -2.78 62.10 -29.42
C LEU A 759 -4.08 61.97 -30.20
N ALA A 760 -5.21 62.23 -29.56
CA ALA A 760 -6.49 62.11 -30.24
C ALA A 760 -6.66 63.19 -31.31
N VAL A 761 -6.26 64.42 -30.99
CA VAL A 761 -6.43 65.54 -31.91
C VAL A 761 -5.31 65.64 -32.94
N SER A 762 -4.37 64.71 -32.94
CA SER A 762 -3.20 64.77 -33.82
C SER A 762 -3.37 63.74 -34.93
N SER A 763 -2.41 62.83 -35.13
CA SER A 763 -2.43 61.96 -36.29
C SER A 763 -3.50 60.88 -36.18
N ALA A 764 -4.07 60.50 -37.32
CA ALA A 764 -5.07 59.45 -37.38
C ALA A 764 -4.41 58.07 -37.38
N GLU B 1 23.40 -58.48 20.94
CA GLU B 1 24.60 -58.43 20.10
C GLU B 1 24.54 -59.44 18.97
N GLY B 2 25.60 -59.48 18.17
CA GLY B 2 25.65 -60.41 17.05
C GLY B 2 26.69 -60.08 16.00
N LEU B 3 27.82 -60.79 16.07
CA LEU B 3 28.75 -60.87 14.95
C LEU B 3 28.27 -61.85 13.89
N ARG B 4 27.15 -62.53 14.12
CA ARG B 4 26.74 -63.63 13.28
C ARG B 4 26.27 -63.17 11.91
N VAL B 5 26.37 -64.06 10.93
CA VAL B 5 25.91 -63.84 9.57
C VAL B 5 24.49 -64.36 9.45
N VAL B 6 23.66 -63.67 8.68
CA VAL B 6 22.24 -63.93 8.57
C VAL B 6 21.89 -64.22 7.12
N ASN B 7 21.17 -65.32 6.90
CA ASN B 7 20.64 -65.68 5.58
C ASN B 7 19.21 -65.16 5.49
N LEU B 8 19.01 -64.09 4.72
CA LEU B 8 17.71 -63.41 4.65
C LEU B 8 16.62 -64.25 4.02
N LEU B 9 16.96 -65.37 3.40
CA LEU B 9 15.97 -66.20 2.71
C LEU B 9 15.31 -67.21 3.64
N GLN B 10 15.98 -67.60 4.73
CA GLN B 10 15.42 -68.53 5.69
C GLN B 10 14.77 -67.85 6.88
N GLU B 11 15.24 -66.66 7.25
CA GLU B 11 14.66 -65.91 8.36
C GLU B 11 13.29 -65.36 7.97
N ARG B 12 13.30 -64.25 7.22
CA ARG B 12 12.09 -63.62 6.69
C ARG B 12 11.22 -63.02 7.80
N ASN B 13 11.52 -63.35 9.05
CA ASN B 13 10.91 -62.69 10.21
C ASN B 13 11.98 -61.91 10.97
N MET B 14 12.78 -61.15 10.23
CA MET B 14 13.94 -60.48 10.81
C MET B 14 13.57 -59.28 11.66
N LEU B 15 12.39 -58.70 11.46
CA LEU B 15 12.02 -57.48 12.17
C LEU B 15 11.79 -57.77 13.65
N PRO B 16 12.49 -57.10 14.55
CA PRO B 16 12.29 -57.35 15.98
C PRO B 16 10.94 -56.82 16.47
N SER B 17 10.46 -57.43 17.54
CA SER B 17 9.17 -57.03 18.13
C SER B 17 9.28 -55.76 18.97
N THR B 18 10.48 -55.35 19.34
CA THR B 18 10.70 -54.14 20.11
C THR B 18 11.33 -53.06 19.24
N PRO B 19 11.19 -51.78 19.62
CA PRO B 19 11.71 -50.71 18.76
C PRO B 19 13.20 -50.83 18.51
N LEU B 20 13.63 -50.37 17.34
CA LEU B 20 15.02 -50.44 16.94
C LEU B 20 15.84 -49.39 17.68
N LYS B 21 16.89 -49.83 18.39
CA LYS B 21 17.78 -48.89 19.07
C LYS B 21 18.99 -48.57 18.20
N PRO B 22 19.48 -47.33 18.25
CA PRO B 22 20.64 -46.97 17.43
C PRO B 22 21.89 -47.70 17.91
N PRO B 23 22.80 -48.04 17.00
CA PRO B 23 24.02 -48.76 17.40
C PRO B 23 24.88 -47.91 18.33
N VAL B 24 25.62 -48.61 19.20
CA VAL B 24 26.54 -47.98 20.13
C VAL B 24 27.93 -47.98 19.49
N PRO B 25 28.57 -46.83 19.32
CA PRO B 25 29.94 -46.82 18.79
C PRO B 25 30.87 -47.66 19.66
N ASN B 26 31.73 -48.44 19.01
CA ASN B 26 32.67 -49.29 19.72
C ASN B 26 33.79 -48.43 20.28
N LEU B 27 33.48 -47.73 21.38
CA LEU B 27 34.40 -46.82 22.04
C LEU B 27 34.72 -47.32 23.44
N HIS B 28 35.80 -46.79 24.01
CA HIS B 28 36.08 -47.02 25.41
C HIS B 28 34.90 -46.61 26.27
N GLU B 29 34.67 -47.35 27.35
CA GLU B 29 33.47 -47.16 28.16
C GLU B 29 33.32 -45.73 28.63
N ASP B 30 34.43 -45.07 29.00
CA ASP B 30 34.37 -43.71 29.49
C ASP B 30 34.20 -42.70 28.37
N ILE B 31 34.68 -43.01 27.17
CA ILE B 31 34.43 -42.13 26.03
C ILE B 31 32.96 -42.18 25.63
N GLN B 32 32.37 -43.38 25.60
CA GLN B 32 31.01 -43.51 25.09
C GLN B 32 29.99 -42.91 26.04
N LYS B 33 30.26 -42.95 27.36
CA LYS B 33 29.28 -42.42 28.29
C LYS B 33 29.11 -40.90 28.16
N LEU B 34 30.04 -40.23 27.49
CA LEU B 34 29.94 -38.79 27.22
C LEU B 34 29.42 -38.50 25.82
N ASN B 35 29.21 -39.52 24.99
CA ASN B 35 28.90 -39.28 23.59
C ASN B 35 27.56 -38.56 23.43
N CYS B 36 27.43 -37.87 22.29
CA CYS B 36 26.21 -37.13 22.01
C CYS B 36 25.01 -38.07 21.94
N ASN B 37 23.87 -37.54 22.33
CA ASN B 37 22.61 -38.27 22.21
C ASN B 37 22.34 -38.58 20.74
N PRO B 38 22.17 -39.86 20.37
CA PRO B 38 22.03 -40.21 18.94
C PRO B 38 20.75 -39.70 18.29
N GLU B 39 19.79 -39.22 19.07
CA GLU B 39 18.64 -38.52 18.49
C GLU B 39 19.02 -37.15 17.95
N LEU B 40 20.11 -36.56 18.43
CA LEU B 40 20.58 -35.27 17.96
C LEU B 40 21.65 -35.38 16.89
N PHE B 41 22.40 -36.48 16.86
CA PHE B 41 23.59 -36.57 16.02
C PHE B 41 23.94 -38.04 15.87
N ARG B 42 23.88 -38.56 14.64
CA ARG B 42 24.23 -39.96 14.42
C ARG B 42 24.81 -40.14 13.02
N CYS B 43 25.63 -41.17 12.88
CA CYS B 43 26.42 -41.40 11.67
C CYS B 43 25.97 -42.69 11.00
N THR B 44 26.09 -42.73 9.68
CA THR B 44 25.74 -43.94 8.94
C THR B 44 26.68 -45.08 9.28
N LEU B 45 27.93 -44.76 9.61
CA LEU B 45 28.95 -45.77 9.92
C LEU B 45 29.58 -45.35 11.25
N THR B 46 29.21 -46.05 12.32
CA THR B 46 29.72 -45.70 13.64
C THR B 46 31.20 -46.02 13.76
N SER B 47 31.70 -46.95 12.94
CA SER B 47 33.13 -47.19 12.80
C SER B 47 33.57 -46.54 11.49
N ILE B 48 34.28 -45.42 11.60
CA ILE B 48 34.66 -44.65 10.41
C ILE B 48 35.73 -45.41 9.63
N PRO B 49 35.56 -45.59 8.32
CA PRO B 49 36.62 -46.22 7.52
C PRO B 49 37.88 -45.36 7.53
N GLN B 50 39.04 -46.03 7.60
CA GLN B 50 40.30 -45.32 7.72
C GLN B 50 40.67 -44.61 6.43
N THR B 51 40.35 -45.21 5.28
CA THR B 51 40.70 -44.63 3.99
C THR B 51 39.47 -44.51 3.12
N GLN B 52 39.61 -43.72 2.04
CA GLN B 52 38.55 -43.60 1.06
C GLN B 52 38.37 -44.91 0.28
N ALA B 53 39.46 -45.65 0.08
CA ALA B 53 39.37 -46.92 -0.63
C ALA B 53 38.56 -47.94 0.17
N LEU B 54 38.77 -47.99 1.48
CA LEU B 54 37.97 -48.87 2.32
C LEU B 54 36.50 -48.48 2.29
N LEU B 55 36.21 -47.17 2.32
CA LEU B 55 34.83 -46.71 2.23
C LEU B 55 34.19 -47.14 0.92
N ASN B 56 34.92 -47.00 -0.19
CA ASN B 56 34.38 -47.37 -1.49
C ASN B 56 34.13 -48.87 -1.60
N LYS B 57 35.00 -49.69 -0.98
CA LYS B 57 34.81 -51.13 -1.02
C LYS B 57 33.54 -51.55 -0.30
N ALA B 58 33.20 -50.87 0.79
CA ALA B 58 32.00 -51.22 1.55
C ALA B 58 30.72 -50.88 0.79
N LYS B 59 30.77 -49.94 -0.16
CA LYS B 59 29.62 -49.57 -0.98
C LYS B 59 28.47 -49.03 -0.13
N LEU B 60 28.79 -48.45 1.02
CA LEU B 60 27.82 -47.82 1.90
C LEU B 60 28.11 -46.33 2.03
N PRO B 61 27.08 -45.49 2.05
CA PRO B 61 27.32 -44.04 2.13
C PRO B 61 27.78 -43.65 3.53
N LEU B 62 28.72 -42.71 3.58
CA LEU B 62 29.19 -42.14 4.83
C LEU B 62 28.55 -40.77 5.01
N GLY B 63 27.86 -40.56 6.12
CA GLY B 63 27.21 -39.29 6.34
C GLY B 63 26.68 -39.19 7.74
N LEU B 64 26.26 -37.97 8.09
CA LEU B 64 25.68 -37.68 9.39
C LEU B 64 24.25 -37.18 9.20
N LEU B 65 23.41 -37.55 10.16
CA LEU B 65 22.06 -37.03 10.28
C LEU B 65 21.95 -36.32 11.61
N LEU B 66 21.35 -35.12 11.62
CA LEU B 66 21.36 -34.30 12.81
C LEU B 66 20.01 -33.63 13.02
N HIS B 67 19.66 -33.46 14.28
CA HIS B 67 18.43 -32.78 14.71
C HIS B 67 18.83 -31.75 15.76
N PRO B 68 19.57 -30.71 15.34
CA PRO B 68 20.32 -29.92 16.33
C PRO B 68 19.46 -29.07 17.26
N PHE B 69 18.31 -28.58 16.81
CA PHE B 69 17.48 -27.70 17.62
C PHE B 69 16.35 -28.46 18.31
N LYS B 70 16.44 -29.78 18.39
CA LYS B 70 15.41 -30.58 19.01
C LYS B 70 15.16 -30.15 20.46
N ASP B 71 13.88 -30.13 20.84
CA ASP B 71 13.52 -29.88 22.24
C ASP B 71 14.19 -30.89 23.16
N LEU B 72 14.77 -30.40 24.24
CA LEU B 72 15.58 -31.21 25.14
C LEU B 72 14.96 -31.25 26.53
N VAL B 73 15.25 -32.35 27.25
CA VAL B 73 14.86 -32.46 28.66
C VAL B 73 15.67 -31.48 29.50
N GLN B 74 16.99 -31.50 29.35
CA GLN B 74 17.88 -30.66 30.12
C GLN B 74 19.00 -30.16 29.22
N LEU B 75 19.32 -28.88 29.33
CA LEU B 75 20.35 -28.26 28.49
C LEU B 75 21.31 -27.46 29.36
N PRO B 76 22.58 -27.86 29.46
CA PRO B 76 23.56 -27.08 30.22
C PRO B 76 23.87 -25.78 29.49
N VAL B 77 23.68 -24.65 30.17
CA VAL B 77 23.88 -23.34 29.58
C VAL B 77 25.08 -22.69 30.25
N VAL B 78 26.16 -22.54 29.50
CA VAL B 78 27.36 -21.88 29.97
C VAL B 78 27.29 -20.40 29.62
N THR B 79 27.53 -19.55 30.61
CA THR B 79 27.53 -18.10 30.43
C THR B 79 28.93 -17.52 30.68
N SER B 80 29.98 -18.28 30.33
CA SER B 80 31.34 -17.87 30.66
C SER B 80 31.71 -16.56 29.97
N SER B 81 32.55 -15.78 30.66
CA SER B 81 33.05 -14.52 30.12
C SER B 81 33.87 -14.72 28.85
N THR B 82 34.25 -15.96 28.56
CA THR B 82 34.97 -16.29 27.34
C THR B 82 34.56 -17.69 26.91
N ILE B 83 34.44 -17.90 25.61
CA ILE B 83 34.16 -19.21 25.04
C ILE B 83 35.50 -19.80 24.62
N VAL B 84 35.83 -20.95 25.17
CA VAL B 84 37.14 -21.56 24.91
C VAL B 84 37.06 -22.31 23.58
N ARG B 85 37.84 -21.87 22.61
CA ARG B 85 37.84 -22.45 21.28
C ARG B 85 39.27 -22.67 20.81
N CYS B 86 39.42 -23.57 19.84
CA CYS B 86 40.75 -23.87 19.32
C CYS B 86 41.28 -22.69 18.50
N ARG B 87 42.55 -22.35 18.72
CA ARG B 87 43.14 -21.20 18.05
C ARG B 87 43.25 -21.38 16.54
N SER B 88 43.28 -22.62 16.04
CA SER B 88 43.52 -22.87 14.63
C SER B 88 42.22 -23.03 13.84
N CYS B 89 41.40 -24.02 14.20
CA CYS B 89 40.19 -24.33 13.44
C CYS B 89 38.92 -23.90 14.16
N ARG B 90 39.04 -23.14 15.26
CA ARG B 90 37.91 -22.54 15.97
C ARG B 90 36.92 -23.58 16.51
N THR B 91 37.39 -24.79 16.79
CA THR B 91 36.54 -25.81 17.39
C THR B 91 36.29 -25.51 18.87
N TYR B 92 35.03 -25.55 19.27
CA TYR B 92 34.68 -25.34 20.67
C TYR B 92 35.19 -26.49 21.53
N ILE B 93 35.87 -26.16 22.63
CA ILE B 93 36.41 -27.19 23.51
C ILE B 93 35.29 -28.12 23.95
N ASN B 94 35.51 -29.41 23.80
CA ASN B 94 34.45 -30.40 23.94
C ASN B 94 34.94 -31.58 24.76
N PRO B 95 34.07 -32.49 25.19
CA PRO B 95 34.52 -33.58 26.08
C PRO B 95 35.59 -34.48 25.47
N PHE B 96 35.79 -34.45 24.16
CA PHE B 96 36.68 -35.39 23.50
C PHE B 96 38.03 -34.77 23.14
N VAL B 97 38.39 -33.66 23.78
CA VAL B 97 39.73 -33.09 23.64
C VAL B 97 40.69 -33.92 24.48
N SER B 98 41.97 -33.61 24.40
CA SER B 98 43.01 -34.33 25.12
C SER B 98 43.77 -33.34 25.99
N PHE B 99 43.66 -33.52 27.30
CA PHE B 99 44.46 -32.74 28.24
C PHE B 99 45.76 -33.47 28.50
N LEU B 100 46.88 -32.75 28.45
CA LEU B 100 48.19 -33.33 28.77
C LEU B 100 48.86 -32.53 29.88
N ASP B 101 49.33 -31.31 29.60
CA ASP B 101 49.98 -30.50 30.62
C ASP B 101 49.00 -29.95 31.66
N GLN B 102 47.71 -30.32 31.57
CA GLN B 102 46.66 -29.87 32.48
C GLN B 102 46.38 -28.37 32.33
N ARG B 103 47.35 -27.63 31.80
CA ARG B 103 47.15 -26.26 31.35
C ARG B 103 47.21 -26.15 29.83
N ARG B 104 47.16 -27.29 29.13
CA ARG B 104 47.16 -27.32 27.68
C ARG B 104 46.27 -28.46 27.21
N TRP B 105 45.42 -28.19 26.22
CA TRP B 105 44.52 -29.18 25.66
C TRP B 105 44.77 -29.34 24.17
N LYS B 106 44.74 -30.59 23.71
CA LYS B 106 44.97 -30.89 22.30
C LYS B 106 43.65 -31.02 21.57
N CYS B 107 43.47 -30.20 20.53
CA CYS B 107 42.22 -30.17 19.79
C CYS B 107 41.98 -31.50 19.08
N ASN B 108 40.77 -32.03 19.23
CA ASN B 108 40.42 -33.32 18.65
C ASN B 108 40.05 -33.24 17.18
N LEU B 109 40.04 -32.05 16.58
CA LEU B 109 39.73 -31.93 15.15
C LEU B 109 40.91 -31.49 14.28
N CYS B 110 41.89 -30.77 14.82
CA CYS B 110 43.07 -30.39 14.06
C CYS B 110 44.38 -30.66 14.79
N TYR B 111 44.34 -31.26 15.99
CA TYR B 111 45.50 -31.72 16.74
C TYR B 111 46.41 -30.58 17.21
N ARG B 112 45.97 -29.33 17.03
CA ARG B 112 46.73 -28.20 17.53
C ARG B 112 46.66 -28.14 19.05
N VAL B 113 47.80 -27.89 19.69
CA VAL B 113 47.86 -27.75 21.14
C VAL B 113 47.50 -26.32 21.51
N ASN B 114 46.55 -26.17 22.44
CA ASN B 114 46.08 -24.87 22.88
C ASN B 114 46.40 -24.69 24.36
N ASP B 115 46.22 -23.46 24.84
CA ASP B 115 46.42 -23.12 26.24
C ASP B 115 45.07 -22.93 26.93
N VAL B 116 44.97 -23.43 28.15
CA VAL B 116 43.73 -23.32 28.92
C VAL B 116 43.70 -21.97 29.63
N PRO B 117 42.64 -21.17 29.47
CA PRO B 117 42.63 -19.84 30.09
C PRO B 117 42.37 -19.92 31.59
N GLU B 118 42.96 -18.95 32.30
CA GLU B 118 42.75 -18.81 33.74
C GLU B 118 41.31 -18.36 34.01
N GLU B 119 40.35 -19.27 33.80
CA GLU B 119 38.94 -18.91 33.89
C GLU B 119 38.08 -20.14 34.19
N GLU B 131 41.67 -28.66 38.26
CA GLU B 131 40.88 -29.65 37.54
C GLU B 131 40.00 -29.00 36.48
N PRO B 132 40.58 -28.69 35.31
CA PRO B 132 39.86 -28.06 34.20
C PRO B 132 38.93 -29.04 33.50
N HIS B 133 39.24 -30.33 33.59
CA HIS B 133 38.41 -31.37 32.96
C HIS B 133 37.03 -31.48 33.59
N ARG B 134 36.80 -30.85 34.75
CA ARG B 134 35.48 -30.83 35.38
C ARG B 134 34.62 -29.68 34.87
N ARG B 135 35.18 -28.82 34.02
CA ARG B 135 34.41 -27.72 33.45
C ARG B 135 33.25 -28.28 32.63
N PRO B 136 32.07 -27.66 32.69
CA PRO B 136 30.91 -28.22 31.95
C PRO B 136 31.14 -28.38 30.46
N GLU B 137 32.00 -27.56 29.85
CA GLU B 137 32.26 -27.70 28.42
C GLU B 137 32.90 -29.03 28.08
N VAL B 138 33.59 -29.66 29.04
CA VAL B 138 34.25 -30.94 28.81
C VAL B 138 33.46 -32.11 29.37
N GLN B 139 32.31 -31.84 29.99
CA GLN B 139 31.50 -32.90 30.58
C GLN B 139 30.17 -33.10 29.87
N ASN B 140 29.87 -32.29 28.86
CA ASN B 140 28.59 -32.37 28.15
C ASN B 140 28.83 -32.26 26.65
N ALA B 141 28.43 -33.29 25.91
CA ALA B 141 28.53 -33.25 24.45
C ALA B 141 27.53 -32.29 23.83
N THR B 142 26.44 -32.00 24.53
CA THR B 142 25.45 -31.02 24.09
C THR B 142 25.39 -29.90 25.11
N ILE B 143 25.54 -28.67 24.65
CA ILE B 143 25.69 -27.52 25.54
C ILE B 143 25.28 -26.27 24.76
N GLU B 144 24.85 -25.25 25.49
CA GLU B 144 24.49 -23.97 24.89
C GLU B 144 25.32 -22.85 25.49
N PHE B 145 25.93 -22.03 24.62
CA PHE B 145 26.76 -20.91 25.04
C PHE B 145 26.02 -19.59 24.85
N MET B 146 26.23 -18.66 25.78
CA MET B 146 25.80 -17.27 25.60
C MET B 146 26.83 -16.54 24.74
N ALA B 147 26.39 -15.95 23.65
CA ALA B 147 27.39 -15.42 22.72
C ALA B 147 27.72 -13.97 23.04
N PRO B 148 28.99 -13.56 22.91
CA PRO B 148 29.34 -12.15 23.09
C PRO B 148 29.14 -11.31 21.82
N SER B 149 29.61 -10.05 21.85
CA SER B 149 29.24 -9.10 20.81
C SER B 149 29.83 -9.47 19.45
N GLU B 150 30.96 -10.16 19.44
CA GLU B 150 31.58 -10.54 18.16
C GLU B 150 30.73 -11.54 17.40
N TYR B 151 29.82 -12.23 18.06
CA TYR B 151 28.98 -13.24 17.43
C TYR B 151 27.67 -12.67 16.90
N MET B 152 27.58 -11.36 16.69
CA MET B 152 26.36 -10.78 16.14
C MET B 152 26.68 -9.60 15.24
N LEU B 153 26.03 -9.56 14.08
CA LEU B 153 26.22 -8.48 13.11
C LEU B 153 25.40 -7.25 13.46
N ARG B 154 24.36 -7.41 14.26
CA ARG B 154 23.45 -6.34 14.60
C ARG B 154 22.82 -6.68 15.93
N PRO B 155 22.16 -5.71 16.58
CA PRO B 155 21.42 -6.03 17.80
C PRO B 155 20.48 -7.21 17.56
N PRO B 156 20.28 -8.06 18.57
CA PRO B 156 19.37 -9.19 18.40
C PRO B 156 18.01 -8.73 17.90
N GLN B 157 17.55 -9.31 16.79
CA GLN B 157 16.32 -8.85 16.17
C GLN B 157 15.12 -9.27 17.02
N PRO B 158 14.02 -8.52 16.95
CA PRO B 158 12.80 -8.90 17.65
C PRO B 158 12.12 -10.07 16.96
N PRO B 159 11.13 -10.70 17.61
CA PRO B 159 10.31 -11.70 16.91
C PRO B 159 9.31 -11.02 16.00
N VAL B 160 9.29 -11.43 14.73
CA VAL B 160 8.43 -10.84 13.72
C VAL B 160 7.70 -11.97 13.00
N TYR B 161 6.37 -11.99 13.12
CA TYR B 161 5.54 -13.01 12.48
C TYR B 161 4.60 -12.34 11.49
N LEU B 162 4.80 -12.62 10.20
CA LEU B 162 3.95 -12.10 9.14
C LEU B 162 3.13 -13.23 8.53
N PHE B 163 1.81 -13.04 8.48
CA PHE B 163 0.90 -14.05 7.98
C PHE B 163 0.29 -13.59 6.65
N VAL B 164 0.46 -14.42 5.62
CA VAL B 164 0.05 -14.10 4.26
C VAL B 164 -0.99 -15.11 3.81
N PHE B 165 -2.22 -14.67 3.62
CA PHE B 165 -3.36 -15.54 3.34
C PHE B 165 -3.85 -15.36 1.92
N ASP B 166 -4.05 -16.47 1.19
CA ASP B 166 -4.76 -16.47 -0.07
C ASP B 166 -6.27 -16.38 0.16
N VAL B 167 -6.93 -15.43 -0.51
CA VAL B 167 -8.36 -15.20 -0.30
C VAL B 167 -9.11 -15.25 -1.61
N SER B 168 -8.61 -16.02 -2.57
CA SER B 168 -9.30 -16.21 -3.84
C SER B 168 -10.62 -16.95 -3.62
N HIS B 169 -11.35 -17.16 -4.71
CA HIS B 169 -12.63 -17.86 -4.63
C HIS B 169 -12.46 -19.31 -4.20
N ASN B 170 -11.43 -19.98 -4.71
CA ASN B 170 -11.15 -21.34 -4.28
C ASN B 170 -10.79 -21.37 -2.79
N ALA B 171 -9.94 -20.46 -2.34
CA ALA B 171 -9.53 -20.45 -0.94
C ALA B 171 -10.72 -20.23 -0.01
N VAL B 172 -11.59 -19.27 -0.36
CA VAL B 172 -12.80 -19.03 0.44
C VAL B 172 -13.65 -20.28 0.51
N GLU B 173 -13.75 -21.02 -0.60
CA GLU B 173 -14.54 -22.24 -0.60
C GLU B 173 -13.95 -23.31 0.31
N THR B 174 -12.61 -23.34 0.48
CA THR B 174 -12.03 -24.35 1.35
C THR B 174 -12.34 -24.08 2.82
N GLY B 175 -12.54 -22.81 3.17
CA GLY B 175 -12.78 -22.46 4.56
C GLY B 175 -11.58 -22.58 5.47
N TYR B 176 -10.37 -22.69 4.92
CA TYR B 176 -9.19 -22.79 5.78
C TYR B 176 -9.01 -21.54 6.63
N LEU B 177 -9.35 -20.37 6.08
CA LEU B 177 -9.07 -19.11 6.77
C LEU B 177 -9.72 -19.04 8.15
N ASN B 178 -10.81 -19.78 8.37
CA ASN B 178 -11.51 -19.72 9.65
C ASN B 178 -10.72 -20.38 10.76
N SER B 179 -10.22 -21.61 10.53
CA SER B 179 -9.48 -22.29 11.59
C SER B 179 -8.12 -21.64 11.83
N VAL B 180 -7.49 -21.10 10.78
CA VAL B 180 -6.19 -20.46 10.94
C VAL B 180 -6.32 -19.21 11.81
N CYS B 181 -7.33 -18.39 11.53
CA CYS B 181 -7.57 -17.22 12.37
C CYS B 181 -7.97 -17.61 13.79
N GLN B 182 -8.69 -18.74 13.93
CA GLN B 182 -9.07 -19.20 15.25
C GLN B 182 -7.87 -19.77 16.02
N SER B 183 -6.94 -20.44 15.32
CA SER B 183 -5.74 -20.92 15.99
C SER B 183 -4.86 -19.78 16.45
N LEU B 184 -4.73 -18.74 15.62
CA LEU B 184 -3.96 -17.56 16.01
C LEU B 184 -4.57 -16.89 17.24
N LEU B 185 -5.89 -16.74 17.28
CA LEU B 185 -6.53 -16.17 18.46
C LEU B 185 -6.26 -17.01 19.69
N ASP B 186 -6.40 -18.33 19.58
CA ASP B 186 -6.20 -19.21 20.73
C ASP B 186 -4.75 -19.20 21.19
N ASN B 187 -3.80 -18.94 20.30
CA ASN B 187 -2.38 -19.08 20.58
C ASN B 187 -1.63 -17.76 20.48
N LEU B 188 -2.34 -16.64 20.64
CA LEU B 188 -1.70 -15.34 20.53
C LEU B 188 -0.73 -15.10 21.68
N ASP B 189 -1.08 -15.55 22.89
CA ASP B 189 -0.19 -15.40 24.04
C ASP B 189 0.93 -16.44 24.07
N LEU B 190 0.84 -17.50 23.27
CA LEU B 190 1.86 -18.55 23.26
C LEU B 190 2.89 -18.37 22.15
N LEU B 191 2.77 -17.33 21.34
CA LEU B 191 3.79 -17.06 20.34
C LEU B 191 5.11 -16.74 21.04
N PRO B 192 6.21 -17.40 20.69
CA PRO B 192 7.48 -17.11 21.35
C PRO B 192 7.89 -15.67 21.15
N GLY B 193 8.30 -15.04 22.24
CA GLY B 193 8.77 -13.67 22.18
C GLY B 193 8.52 -12.96 23.50
N ASN B 194 8.96 -11.71 23.55
CA ASN B 194 8.73 -10.85 24.70
C ASN B 194 7.99 -9.60 24.25
N THR B 195 8.21 -8.47 24.93
CA THR B 195 7.49 -7.26 24.55
C THR B 195 7.91 -6.71 23.20
N ARG B 196 9.00 -7.21 22.61
CA ARG B 196 9.45 -6.72 21.31
C ARG B 196 8.77 -7.42 20.15
N THR B 197 7.90 -8.40 20.43
CA THR B 197 7.29 -9.21 19.38
C THR B 197 6.43 -8.35 18.45
N LYS B 198 6.61 -8.56 17.15
CA LYS B 198 5.86 -7.85 16.13
C LYS B 198 5.05 -8.83 15.30
N ILE B 199 3.91 -8.38 14.78
CA ILE B 199 3.02 -9.23 14.01
C ILE B 199 2.36 -8.40 12.92
N GLY B 200 2.10 -9.06 11.79
CA GLY B 200 1.47 -8.40 10.66
C GLY B 200 0.62 -9.40 9.89
N PHE B 201 -0.14 -8.87 8.93
CA PHE B 201 -1.09 -9.67 8.17
C PHE B 201 -1.19 -9.14 6.75
N ILE B 202 -1.29 -10.06 5.78
CA ILE B 202 -1.53 -9.73 4.38
C ILE B 202 -2.48 -10.76 3.81
N THR B 203 -3.52 -10.29 3.13
CA THR B 203 -4.31 -11.15 2.27
C THR B 203 -4.05 -10.78 0.81
N PHE B 204 -4.32 -11.71 -0.09
CA PHE B 204 -4.11 -11.42 -1.50
C PHE B 204 -5.01 -12.29 -2.36
N ASP B 205 -5.44 -11.71 -3.48
CA ASP B 205 -6.07 -12.48 -4.55
C ASP B 205 -5.45 -12.05 -5.87
N SER B 206 -6.19 -11.27 -6.68
CA SER B 206 -5.57 -10.62 -7.83
C SER B 206 -4.79 -9.37 -7.42
N THR B 207 -5.09 -8.80 -6.25
CA THR B 207 -4.39 -7.65 -5.69
C THR B 207 -3.77 -8.06 -4.35
N ILE B 208 -2.99 -7.14 -3.77
CA ILE B 208 -2.27 -7.38 -2.53
C ILE B 208 -2.86 -6.45 -1.46
N HIS B 209 -3.26 -7.03 -0.34
CA HIS B 209 -3.98 -6.29 0.70
C HIS B 209 -3.15 -6.24 1.97
N PHE B 210 -2.81 -5.04 2.42
CA PHE B 210 -2.19 -4.83 3.72
C PHE B 210 -3.26 -4.46 4.73
N TYR B 211 -2.87 -4.46 6.01
CA TYR B 211 -3.79 -4.18 7.11
C TYR B 211 -3.10 -3.29 8.14
N GLY B 212 -3.57 -2.05 8.26
CA GLY B 212 -3.05 -1.14 9.27
C GLY B 212 -3.83 -1.26 10.57
N LEU B 213 -3.11 -1.16 11.69
CA LEU B 213 -3.71 -1.35 13.02
C LEU B 213 -3.25 -0.20 13.91
N GLN B 214 -4.15 0.75 14.17
CA GLN B 214 -3.88 1.90 15.02
C GLN B 214 -4.99 2.02 16.07
N GLU B 215 -4.59 2.30 17.31
CA GLU B 215 -5.58 2.48 18.36
C GLU B 215 -6.37 3.78 18.18
N SER B 216 -5.89 4.68 17.33
CA SER B 216 -6.56 5.95 17.07
C SER B 216 -7.71 5.82 16.07
N LEU B 217 -7.90 4.64 15.47
CA LEU B 217 -8.91 4.43 14.44
C LEU B 217 -9.95 3.43 14.91
N SER B 218 -11.17 3.57 14.38
CA SER B 218 -12.29 2.74 14.81
C SER B 218 -12.10 1.28 14.41
N GLN B 219 -11.42 1.02 13.31
CA GLN B 219 -11.31 -0.33 12.76
C GLN B 219 -10.03 -0.42 11.96
N PRO B 220 -9.50 -1.63 11.73
CA PRO B 220 -8.30 -1.76 10.90
C PRO B 220 -8.56 -1.23 9.50
N GLN B 221 -7.48 -0.97 8.76
CA GLN B 221 -7.60 -0.42 7.42
C GLN B 221 -6.96 -1.35 6.41
N MET B 222 -7.72 -1.69 5.38
CA MET B 222 -7.27 -2.59 4.31
C MET B 222 -6.72 -1.72 3.18
N LEU B 223 -5.43 -1.85 2.93
CA LEU B 223 -4.73 -1.01 1.96
C LEU B 223 -4.37 -1.89 0.76
N ILE B 224 -5.07 -1.67 -0.34
CA ILE B 224 -4.96 -2.51 -1.53
C ILE B 224 -3.89 -1.94 -2.44
N VAL B 225 -2.82 -2.70 -2.66
CA VAL B 225 -1.83 -2.38 -3.68
C VAL B 225 -2.22 -3.16 -4.94
N SER B 226 -2.66 -2.44 -5.97
CA SER B 226 -3.10 -3.08 -7.20
C SER B 226 -2.02 -3.16 -8.26
N ASP B 227 -0.93 -2.40 -8.13
CA ASP B 227 0.14 -2.43 -9.12
C ASP B 227 0.97 -3.68 -8.93
N ILE B 228 0.54 -4.75 -9.62
CA ILE B 228 1.13 -6.07 -9.41
C ILE B 228 2.56 -6.14 -9.95
N GLU B 229 2.88 -5.34 -10.97
CA GLU B 229 4.22 -5.31 -11.54
C GLU B 229 5.18 -4.41 -10.79
N ASP B 230 4.71 -3.68 -9.76
CA ASP B 230 5.52 -2.70 -9.06
C ASP B 230 4.97 -2.54 -7.64
N VAL B 231 5.22 -3.55 -6.80
CA VAL B 231 4.65 -3.55 -5.47
C VAL B 231 5.44 -2.62 -4.55
N PHE B 232 4.78 -2.14 -3.51
CA PHE B 232 5.37 -1.23 -2.55
C PHE B 232 4.66 -1.36 -1.22
N ILE B 233 5.24 -0.72 -0.20
CA ILE B 233 4.68 -0.71 1.14
C ILE B 233 3.85 0.56 1.29
N PRO B 234 2.53 0.46 1.50
CA PRO B 234 1.69 1.66 1.47
C PRO B 234 1.83 2.54 2.70
N MET B 235 2.22 1.98 3.85
CA MET B 235 2.28 2.75 5.08
C MET B 235 3.57 2.45 5.83
N PRO B 236 4.24 3.47 6.37
CA PRO B 236 5.52 3.21 7.07
C PRO B 236 5.33 2.50 8.39
N GLU B 237 4.35 2.91 9.18
CA GLU B 237 4.09 2.36 10.49
C GLU B 237 2.78 1.57 10.47
N ASN B 238 2.54 0.81 11.54
CA ASN B 238 1.27 0.18 11.86
C ASN B 238 0.90 -0.97 10.93
N LEU B 239 1.80 -1.40 10.04
CA LEU B 239 1.59 -2.65 9.33
C LEU B 239 2.16 -3.83 10.12
N LEU B 240 3.41 -3.74 10.53
CA LEU B 240 3.99 -4.65 11.52
C LEU B 240 3.88 -3.96 12.88
N VAL B 241 2.94 -4.41 13.70
CA VAL B 241 2.64 -3.74 14.96
C VAL B 241 3.16 -4.57 16.11
N ASN B 242 3.35 -3.89 17.23
CA ASN B 242 3.74 -4.56 18.47
C ASN B 242 2.56 -5.35 19.01
N LEU B 243 2.74 -6.67 19.13
CA LEU B 243 1.64 -7.54 19.57
C LEU B 243 1.20 -7.19 20.99
N ASN B 244 2.15 -6.91 21.88
CA ASN B 244 1.83 -6.59 23.26
C ASN B 244 0.94 -5.36 23.36
N GLU B 245 1.30 -4.28 22.67
CA GLU B 245 0.51 -3.05 22.72
C GLU B 245 -0.82 -3.22 21.99
N SER B 246 -0.78 -3.63 20.73
CA SER B 246 -1.97 -3.70 19.88
C SER B 246 -2.66 -5.05 19.94
N LYS B 247 -2.68 -5.70 21.10
CA LYS B 247 -3.29 -7.03 21.21
C LYS B 247 -4.76 -6.99 20.80
N GLU B 248 -5.51 -6.01 21.29
CA GLU B 248 -6.93 -5.91 20.97
C GLU B 248 -7.14 -5.68 19.48
N LEU B 249 -6.27 -4.88 18.85
CA LEU B 249 -6.43 -4.60 17.43
C LEU B 249 -6.17 -5.84 16.58
N VAL B 250 -5.21 -6.67 17.00
CA VAL B 250 -4.95 -7.92 16.28
C VAL B 250 -6.12 -8.89 16.45
N GLN B 251 -6.68 -8.95 17.65
CA GLN B 251 -7.77 -9.88 17.91
C GLN B 251 -9.02 -9.52 17.13
N ASP B 252 -9.33 -8.24 17.01
CA ASP B 252 -10.48 -7.82 16.20
C ASP B 252 -10.28 -8.16 14.73
N LEU B 253 -9.05 -8.07 14.23
CA LEU B 253 -8.82 -8.41 12.83
C LEU B 253 -8.97 -9.90 12.58
N LEU B 254 -8.48 -10.73 13.51
CA LEU B 254 -8.58 -12.17 13.34
C LEU B 254 -10.03 -12.64 13.37
N LYS B 255 -10.90 -11.89 14.06
CA LYS B 255 -12.33 -12.19 14.08
C LYS B 255 -13.06 -11.67 12.85
N THR B 256 -12.54 -10.64 12.20
CA THR B 256 -13.19 -10.04 11.04
C THR B 256 -12.74 -10.64 9.72
N LEU B 257 -11.49 -11.11 9.64
CA LEU B 257 -10.93 -11.57 8.38
C LEU B 257 -11.76 -12.66 7.70
N PRO B 258 -12.19 -13.73 8.38
CA PRO B 258 -12.94 -14.77 7.67
C PRO B 258 -14.26 -14.30 7.08
N GLN B 259 -14.79 -13.16 7.55
CA GLN B 259 -16.08 -12.68 7.08
C GLN B 259 -15.96 -11.71 5.91
N MET B 260 -14.77 -11.30 5.53
CA MET B 260 -14.63 -10.23 4.56
C MET B 260 -14.78 -10.69 3.12
N PHE B 261 -14.40 -11.94 2.82
CA PHE B 261 -14.31 -12.41 1.45
C PHE B 261 -15.34 -13.51 1.15
N THR B 262 -16.51 -13.42 1.77
CA THR B 262 -17.50 -14.48 1.64
C THR B 262 -18.07 -14.54 0.24
N LYS B 263 -18.44 -13.39 -0.33
CA LYS B 263 -19.06 -13.31 -1.65
C LYS B 263 -18.07 -12.93 -2.74
N THR B 264 -16.80 -13.32 -2.58
CA THR B 264 -15.76 -12.94 -3.52
C THR B 264 -15.84 -13.73 -4.82
N LEU B 265 -15.63 -13.04 -5.94
CA LEU B 265 -15.57 -13.64 -7.26
C LEU B 265 -14.17 -13.68 -7.84
N GLU B 266 -13.16 -13.23 -7.10
CA GLU B 266 -11.78 -13.28 -7.56
C GLU B 266 -11.32 -14.74 -7.68
N THR B 267 -11.01 -15.16 -8.90
CA THR B 267 -10.59 -16.55 -9.14
C THR B 267 -9.09 -16.71 -9.33
N GLN B 268 -8.37 -15.63 -9.64
CA GLN B 268 -6.93 -15.69 -9.89
C GLN B 268 -6.15 -15.26 -8.66
N SER B 269 -4.93 -15.77 -8.55
CA SER B 269 -4.08 -15.55 -7.38
C SER B 269 -2.72 -15.04 -7.83
N ALA B 270 -2.32 -13.89 -7.30
CA ALA B 270 -1.01 -13.30 -7.61
C ALA B 270 -0.03 -13.56 -6.49
N LEU B 271 0.34 -14.84 -6.35
CA LEU B 271 1.15 -15.28 -5.22
C LEU B 271 2.52 -14.60 -5.24
N GLY B 272 3.17 -14.57 -6.40
CA GLY B 272 4.48 -13.98 -6.55
C GLY B 272 4.57 -12.57 -6.01
N PRO B 273 3.83 -11.63 -6.62
CA PRO B 273 3.87 -10.24 -6.14
C PRO B 273 3.48 -10.10 -4.69
N ALA B 274 2.61 -10.96 -4.16
CA ALA B 274 2.30 -10.91 -2.75
C ALA B 274 3.51 -11.29 -1.90
N LEU B 275 4.22 -12.36 -2.29
CA LEU B 275 5.45 -12.70 -1.57
C LEU B 275 6.50 -11.62 -1.72
N GLN B 276 6.52 -10.93 -2.88
CA GLN B 276 7.44 -9.82 -3.03
C GLN B 276 7.10 -8.68 -2.09
N ALA B 277 5.81 -8.37 -1.94
CA ALA B 277 5.39 -7.34 -1.00
C ALA B 277 5.66 -7.76 0.44
N ALA B 278 5.32 -8.99 0.78
CA ALA B 278 5.62 -9.49 2.11
C ALA B 278 7.12 -9.44 2.39
N PHE B 279 7.93 -9.71 1.37
CA PHE B 279 9.38 -9.64 1.57
C PHE B 279 9.81 -8.21 1.89
N LYS B 280 9.29 -7.22 1.13
CA LYS B 280 9.66 -5.84 1.40
C LYS B 280 9.22 -5.39 2.78
N LEU B 281 8.08 -5.89 3.26
CA LEU B 281 7.61 -5.53 4.58
C LEU B 281 8.51 -6.10 5.67
N MET B 282 9.07 -7.30 5.47
CA MET B 282 9.91 -7.94 6.47
C MET B 282 11.38 -7.66 6.28
N SER B 283 11.77 -7.10 5.13
CA SER B 283 13.18 -6.85 4.83
C SER B 283 13.95 -6.13 5.93
N PRO B 284 13.43 -5.07 6.57
CA PRO B 284 14.24 -4.34 7.55
C PRO B 284 14.59 -5.13 8.80
N THR B 285 13.84 -6.16 9.16
CA THR B 285 14.05 -6.84 10.42
C THR B 285 14.27 -8.34 10.29
N GLY B 286 13.67 -8.99 9.31
CA GLY B 286 13.64 -10.43 9.27
C GLY B 286 12.51 -10.98 10.11
N GLY B 287 12.39 -12.31 10.12
CA GLY B 287 11.39 -12.99 10.91
C GLY B 287 10.80 -14.16 10.14
N ARG B 288 9.62 -14.61 10.57
CA ARG B 288 8.96 -15.77 9.99
C ARG B 288 7.76 -15.34 9.16
N MET B 289 7.72 -15.78 7.92
CA MET B 289 6.61 -15.53 7.01
C MET B 289 5.82 -16.82 6.85
N SER B 290 4.53 -16.76 7.18
CA SER B 290 3.61 -17.89 7.08
C SER B 290 2.69 -17.66 5.90
N VAL B 291 2.89 -18.42 4.83
CA VAL B 291 2.15 -18.27 3.58
C VAL B 291 1.13 -19.39 3.47
N PHE B 292 -0.12 -19.02 3.21
CA PHE B 292 -1.23 -19.98 3.08
C PHE B 292 -1.78 -19.85 1.67
N GLN B 293 -1.57 -20.89 0.86
CA GLN B 293 -1.92 -20.89 -0.54
C GLN B 293 -2.76 -22.12 -0.85
N THR B 294 -3.74 -21.95 -1.75
CA THR B 294 -4.70 -23.02 -2.03
C THR B 294 -4.80 -23.42 -3.50
N GLN B 295 -4.07 -22.77 -4.41
CA GLN B 295 -4.25 -23.06 -5.83
C GLN B 295 -3.00 -22.68 -6.60
N LEU B 296 -3.01 -22.99 -7.89
CA LEU B 296 -1.94 -22.60 -8.81
C LEU B 296 -1.84 -21.08 -8.89
N PRO B 297 -0.64 -20.50 -8.75
CA PRO B 297 -0.47 -19.07 -9.03
C PRO B 297 -0.54 -18.81 -10.53
N THR B 298 -1.47 -17.95 -10.95
CA THR B 298 -1.68 -17.74 -12.37
C THR B 298 -1.59 -16.29 -12.81
N LEU B 299 -1.27 -15.35 -11.92
CA LEU B 299 -1.30 -13.93 -12.22
C LEU B 299 -0.01 -13.28 -11.76
N GLY B 300 0.67 -12.61 -12.69
CA GLY B 300 1.87 -11.85 -12.35
C GLY B 300 3.13 -12.68 -12.41
N VAL B 301 4.20 -12.11 -11.82
CA VAL B 301 5.45 -12.84 -11.72
C VAL B 301 5.26 -14.07 -10.83
N GLY B 302 5.97 -15.14 -11.18
CA GLY B 302 5.82 -16.39 -10.48
C GLY B 302 4.65 -17.23 -10.93
N ALA B 303 3.95 -16.81 -11.99
CA ALA B 303 2.86 -17.60 -12.52
C ALA B 303 3.37 -18.94 -13.02
N LEU B 304 2.55 -19.98 -12.85
CA LEU B 304 2.93 -21.34 -13.16
C LEU B 304 1.89 -21.96 -14.08
N LYS B 305 2.37 -22.66 -15.10
CA LYS B 305 1.47 -23.27 -16.08
C LYS B 305 0.78 -24.50 -15.49
N PRO B 306 -0.46 -24.77 -15.90
CA PRO B 306 -1.11 -26.01 -15.48
C PRO B 306 -0.42 -27.23 -16.06
N ARG B 307 -0.57 -28.36 -15.36
CA ARG B 307 -0.01 -29.62 -15.80
C ARG B 307 -1.03 -30.73 -15.63
N GLU B 308 -0.92 -31.74 -16.48
CA GLU B 308 -1.83 -32.89 -16.44
C GLU B 308 -1.26 -33.93 -15.50
N GLU B 309 -2.10 -34.43 -14.59
CA GLU B 309 -1.63 -35.36 -13.58
C GLU B 309 -1.33 -36.73 -14.20
N PRO B 310 -0.31 -37.42 -13.72
CA PRO B 310 -0.03 -38.77 -14.24
C PRO B 310 -0.94 -39.80 -13.61
N ASN B 311 -1.13 -40.90 -14.34
CA ASN B 311 -1.89 -42.05 -13.88
C ASN B 311 -0.93 -43.22 -13.65
N HIS B 312 -1.50 -44.35 -13.24
CA HIS B 312 -0.70 -45.55 -13.02
C HIS B 312 -0.05 -46.07 -14.30
N ARG B 313 -0.43 -45.52 -15.46
CA ARG B 313 0.01 -46.05 -16.75
C ARG B 313 1.30 -45.41 -17.25
N SER B 314 1.54 -44.14 -16.91
CA SER B 314 2.73 -43.45 -17.39
C SER B 314 3.97 -43.89 -16.62
N SER B 315 5.05 -44.11 -17.34
CA SER B 315 6.31 -44.58 -16.75
C SER B 315 7.01 -43.42 -16.06
N ALA B 316 8.25 -43.65 -15.61
CA ALA B 316 9.01 -42.65 -14.86
C ALA B 316 9.67 -41.64 -15.81
N LYS B 317 8.83 -40.98 -16.61
CA LYS B 317 9.26 -39.93 -17.51
C LYS B 317 8.83 -38.58 -16.97
N MET B 321 8.92 -33.21 -11.95
CA MET B 321 9.88 -33.36 -10.86
C MET B 321 10.55 -32.04 -10.47
N THR B 322 11.21 -31.42 -11.44
CA THR B 322 11.99 -30.22 -11.21
C THR B 322 11.10 -28.97 -11.22
N PRO B 323 11.58 -27.86 -10.66
CA PRO B 323 10.80 -26.62 -10.73
C PRO B 323 10.59 -26.16 -12.15
N SER B 324 9.43 -25.54 -12.39
CA SER B 324 9.12 -24.96 -13.70
C SER B 324 9.71 -23.57 -13.87
N THR B 325 10.12 -22.92 -12.78
CA THR B 325 10.73 -21.60 -12.85
C THR B 325 11.72 -21.46 -11.70
N ASP B 326 12.52 -20.41 -11.75
CA ASP B 326 13.45 -20.07 -10.68
C ASP B 326 13.01 -18.84 -9.90
N PHE B 327 11.78 -18.36 -10.11
CA PHE B 327 11.32 -17.16 -9.41
C PHE B 327 11.31 -17.38 -7.91
N TYR B 328 10.66 -18.47 -7.45
CA TYR B 328 10.52 -18.69 -6.02
C TYR B 328 11.86 -19.07 -5.38
N LYS B 329 12.77 -19.66 -6.16
CA LYS B 329 14.11 -19.93 -5.66
C LYS B 329 14.89 -18.64 -5.49
N LYS B 330 14.89 -17.76 -6.50
CA LYS B 330 15.52 -16.46 -6.37
C LYS B 330 14.94 -15.67 -5.20
N LEU B 331 13.61 -15.60 -5.13
CA LEU B 331 12.98 -14.86 -4.03
C LEU B 331 13.37 -15.44 -2.68
N ALA B 332 13.45 -16.77 -2.59
CA ALA B 332 13.86 -17.40 -1.33
C ALA B 332 15.27 -16.95 -0.93
N LEU B 333 16.17 -16.81 -1.91
CA LEU B 333 17.52 -16.36 -1.59
C LEU B 333 17.52 -14.91 -1.12
N ASP B 334 16.65 -14.08 -1.71
CA ASP B 334 16.52 -12.70 -1.23
C ASP B 334 16.02 -12.66 0.21
N CYS B 335 15.04 -13.51 0.54
CA CYS B 335 14.57 -13.60 1.92
C CYS B 335 15.69 -14.04 2.87
N SER B 336 16.51 -15.01 2.44
CA SER B 336 17.57 -15.51 3.31
C SER B 336 18.56 -14.41 3.67
N GLY B 337 18.91 -13.55 2.72
CA GLY B 337 19.81 -12.44 2.97
C GLY B 337 19.30 -11.44 3.99
N GLN B 338 17.98 -11.33 4.17
CA GLN B 338 17.39 -10.42 5.13
C GLN B 338 16.87 -11.14 6.36
N GLN B 339 17.27 -12.40 6.55
CA GLN B 339 16.91 -13.22 7.72
C GLN B 339 15.40 -13.47 7.76
N VAL B 340 14.83 -13.75 6.60
CA VAL B 340 13.40 -14.05 6.46
C VAL B 340 13.26 -15.50 6.03
N ALA B 341 12.57 -16.29 6.84
CA ALA B 341 12.21 -17.66 6.50
C ALA B 341 10.75 -17.70 6.06
N VAL B 342 10.45 -18.56 5.10
CA VAL B 342 9.11 -18.63 4.50
C VAL B 342 8.57 -20.05 4.68
N ASP B 343 7.51 -20.19 5.46
CA ASP B 343 6.81 -21.45 5.59
C ASP B 343 5.59 -21.46 4.68
N LEU B 344 5.43 -22.55 3.93
CA LEU B 344 4.39 -22.66 2.92
C LEU B 344 3.34 -23.66 3.38
N PHE B 345 2.09 -23.21 3.45
CA PHE B 345 0.93 -24.06 3.75
C PHE B 345 0.12 -24.19 2.46
N LEU B 346 0.20 -25.34 1.82
CA LEU B 346 -0.51 -25.61 0.58
C LEU B 346 -1.74 -26.45 0.90
N LEU B 347 -2.92 -25.85 0.73
CA LEU B 347 -4.19 -26.53 1.00
C LEU B 347 -4.97 -26.68 -0.29
N SER B 348 -4.30 -27.16 -1.33
CA SER B 348 -4.85 -27.19 -2.68
C SER B 348 -5.68 -28.44 -2.94
N GLY B 349 -6.72 -28.27 -3.75
CA GLY B 349 -7.55 -29.37 -4.18
C GLY B 349 -7.20 -29.84 -5.58
N GLN B 350 -6.42 -29.05 -6.31
CA GLN B 350 -5.93 -29.37 -7.64
C GLN B 350 -4.42 -29.16 -7.68
N TYR B 351 -3.83 -29.53 -8.81
CA TYR B 351 -2.40 -29.33 -9.04
C TYR B 351 -2.03 -27.86 -8.86
N SER B 352 -0.91 -27.63 -8.16
CA SER B 352 -0.48 -26.27 -7.86
C SER B 352 1.00 -26.05 -8.11
N ASP B 353 1.69 -27.04 -8.68
CA ASP B 353 3.12 -26.97 -8.95
C ASP B 353 3.91 -26.72 -7.66
N LEU B 354 3.76 -27.65 -6.72
CA LEU B 354 4.54 -27.58 -5.49
C LEU B 354 6.04 -27.73 -5.78
N ALA B 355 6.39 -28.46 -6.84
CA ALA B 355 7.78 -28.60 -7.25
C ALA B 355 8.46 -27.27 -7.48
N SER B 356 7.69 -26.23 -7.81
CA SER B 356 8.24 -24.88 -7.94
C SER B 356 8.00 -24.03 -6.71
N LEU B 357 6.83 -24.18 -6.07
CA LEU B 357 6.52 -23.39 -4.90
C LEU B 357 7.37 -23.78 -3.70
N GLY B 358 7.73 -25.06 -3.60
CA GLY B 358 8.53 -25.50 -2.49
C GLY B 358 9.85 -24.78 -2.36
N CYS B 359 10.35 -24.22 -3.46
CA CYS B 359 11.64 -23.55 -3.41
C CYS B 359 11.63 -22.34 -2.49
N ILE B 360 10.46 -21.80 -2.18
CA ILE B 360 10.40 -20.64 -1.30
C ILE B 360 10.80 -21.04 0.12
N SER B 361 10.58 -22.30 0.48
CA SER B 361 10.90 -22.79 1.82
C SER B 361 12.23 -23.53 1.88
N ARG B 362 12.59 -24.26 0.81
CA ARG B 362 13.86 -24.98 0.80
C ARG B 362 15.02 -24.04 1.06
N TYR B 363 15.10 -22.94 0.32
CA TYR B 363 16.27 -22.08 0.34
C TYR B 363 16.14 -20.92 1.33
N SER B 364 15.10 -20.89 2.14
CA SER B 364 14.97 -19.90 3.21
C SER B 364 14.92 -20.55 4.59
N ALA B 365 15.21 -21.85 4.69
CA ALA B 365 15.15 -22.60 5.95
C ALA B 365 13.74 -22.59 6.55
N GLY B 366 12.73 -22.54 5.69
CA GLY B 366 11.36 -22.77 6.09
C GLY B 366 11.00 -24.24 6.02
N SER B 367 9.71 -24.51 6.04
CA SER B 367 9.20 -25.85 5.84
C SER B 367 7.84 -25.76 5.16
N VAL B 368 7.48 -26.80 4.42
CA VAL B 368 6.21 -26.83 3.72
C VAL B 368 5.25 -27.76 4.47
N TYR B 369 3.96 -27.45 4.38
CA TYR B 369 2.90 -28.26 4.97
C TYR B 369 1.82 -28.44 3.92
N TYR B 370 1.41 -29.68 3.69
CA TYR B 370 0.51 -30.03 2.61
C TYR B 370 -0.78 -30.59 3.18
N TYR B 371 -1.92 -30.09 2.70
CA TYR B 371 -3.23 -30.54 3.13
C TYR B 371 -4.05 -30.79 1.87
N PRO B 372 -3.88 -31.96 1.25
CA PRO B 372 -4.54 -32.22 -0.04
C PRO B 372 -6.05 -32.20 0.10
N SER B 373 -6.70 -31.44 -0.80
CA SER B 373 -8.16 -31.37 -0.87
C SER B 373 -8.78 -30.89 0.43
N TYR B 374 -8.14 -29.89 1.05
CA TYR B 374 -8.68 -29.32 2.28
C TYR B 374 -10.05 -28.72 2.01
N HIS B 375 -11.02 -29.04 2.88
CA HIS B 375 -12.33 -28.41 2.85
C HIS B 375 -12.93 -28.46 4.26
N HIS B 376 -13.46 -27.31 4.70
CA HIS B 376 -13.96 -27.22 6.08
C HIS B 376 -15.10 -28.19 6.35
N GLN B 377 -15.90 -28.52 5.33
CA GLN B 377 -17.03 -29.42 5.48
C GLN B 377 -16.75 -30.83 4.99
N HIS B 378 -16.04 -30.96 3.88
CA HIS B 378 -15.92 -32.24 3.20
C HIS B 378 -14.73 -33.08 3.67
N ASN B 379 -13.70 -32.48 4.24
CA ASN B 379 -12.48 -33.20 4.62
C ASN B 379 -12.19 -32.94 6.09
N PRO B 380 -12.88 -33.64 7.00
CA PRO B 380 -12.64 -33.41 8.43
C PRO B 380 -11.28 -33.87 8.89
N VAL B 381 -10.66 -34.85 8.23
CA VAL B 381 -9.35 -35.32 8.66
C VAL B 381 -8.29 -34.26 8.40
N GLN B 382 -8.36 -33.58 7.25
CA GLN B 382 -7.42 -32.50 6.99
C GLN B 382 -7.72 -31.27 7.85
N VAL B 383 -8.98 -31.09 8.24
CA VAL B 383 -9.32 -30.00 9.17
C VAL B 383 -8.61 -30.21 10.51
N GLN B 384 -8.69 -31.43 11.05
CA GLN B 384 -8.06 -31.67 12.35
C GLN B 384 -6.55 -31.76 12.22
N LYS B 385 -6.04 -32.23 11.07
CA LYS B 385 -4.60 -32.27 10.84
C LYS B 385 -4.02 -30.87 10.82
N LEU B 386 -4.68 -29.93 10.14
CA LEU B 386 -4.21 -28.55 10.12
C LEU B 386 -4.25 -27.94 11.50
N GLN B 387 -5.31 -28.21 12.27
CA GLN B 387 -5.42 -27.65 13.61
C GLN B 387 -4.26 -28.11 14.48
N LYS B 388 -3.93 -29.42 14.44
CA LYS B 388 -2.88 -29.95 15.30
C LYS B 388 -1.51 -29.49 14.83
N GLU B 389 -1.28 -29.45 13.51
CA GLU B 389 0.02 -28.99 13.04
C GLU B 389 0.21 -27.49 13.30
N LEU B 390 -0.87 -26.71 13.24
CA LEU B 390 -0.76 -25.28 13.53
C LEU B 390 -0.48 -25.04 15.01
N GLN B 391 -1.10 -25.85 15.88
CA GLN B 391 -0.82 -25.73 17.31
C GLN B 391 0.67 -25.87 17.59
N ARG B 392 1.30 -26.92 17.07
CA ARG B 392 2.74 -27.09 17.24
C ARG B 392 3.50 -25.95 16.58
N TYR B 393 3.07 -25.55 15.38
CA TYR B 393 3.80 -24.55 14.60
C TYR B 393 3.82 -23.20 15.28
N LEU B 394 2.77 -22.85 16.02
CA LEU B 394 2.67 -21.54 16.65
C LEU B 394 3.26 -21.51 18.06
N THR B 395 3.42 -22.67 18.70
CA THR B 395 3.85 -22.71 20.09
C THR B 395 5.25 -23.25 20.32
N ARG B 396 5.86 -23.90 19.32
CA ARG B 396 7.19 -24.46 19.49
C ARG B 396 8.22 -23.35 19.59
N LYS B 397 9.39 -23.68 20.14
CA LYS B 397 10.42 -22.65 20.27
C LYS B 397 10.94 -22.27 18.89
N ILE B 398 11.56 -21.09 18.81
CA ILE B 398 12.03 -20.59 17.51
C ILE B 398 13.32 -19.80 17.73
N GLY B 399 14.25 -19.96 16.80
CA GLY B 399 15.45 -19.15 16.75
C GLY B 399 15.46 -18.31 15.49
N PHE B 400 15.98 -17.09 15.59
CA PHE B 400 16.00 -16.18 14.47
C PHE B 400 17.43 -15.92 14.02
N GLU B 401 17.55 -15.48 12.77
CA GLU B 401 18.79 -15.06 12.12
C GLU B 401 19.96 -15.97 12.51
N ALA B 402 19.81 -17.24 12.17
CA ALA B 402 20.67 -18.32 12.65
C ALA B 402 21.67 -18.75 11.57
N VAL B 403 22.91 -18.99 11.98
CA VAL B 403 23.89 -19.64 11.13
C VAL B 403 24.30 -20.93 11.82
N MET B 404 24.59 -21.96 11.04
CA MET B 404 25.11 -23.20 11.59
C MET B 404 26.39 -23.60 10.86
N ARG B 405 27.42 -23.94 11.62
CA ARG B 405 28.64 -24.52 11.07
C ARG B 405 28.84 -25.91 11.64
N ILE B 406 29.37 -26.80 10.80
CA ILE B 406 29.66 -28.18 11.19
C ILE B 406 31.11 -28.48 10.85
N ARG B 407 31.86 -28.92 11.85
CA ARG B 407 33.28 -29.24 11.72
C ARG B 407 33.48 -30.72 12.00
N CYS B 408 34.48 -31.31 11.34
CA CYS B 408 34.85 -32.71 11.54
C CYS B 408 36.36 -32.80 11.56
N THR B 409 36.86 -33.90 12.11
CA THR B 409 38.30 -34.09 12.27
C THR B 409 39.00 -34.03 10.92
N LYS B 410 40.20 -33.45 10.92
CA LYS B 410 41.04 -33.38 9.72
C LYS B 410 41.11 -34.73 9.02
N GLY B 411 40.97 -34.69 7.69
CA GLY B 411 40.91 -35.88 6.87
C GLY B 411 39.52 -36.20 6.39
N LEU B 412 38.50 -35.77 7.14
CA LEU B 412 37.10 -35.95 6.77
C LEU B 412 36.56 -34.64 6.21
N SER B 413 35.74 -34.74 5.17
CA SER B 413 35.30 -33.57 4.42
C SER B 413 33.84 -33.74 4.06
N ILE B 414 33.00 -32.79 4.47
CA ILE B 414 31.61 -32.75 4.01
C ILE B 414 31.58 -32.23 2.57
N HIS B 415 30.89 -32.95 1.69
CA HIS B 415 30.79 -32.52 0.30
C HIS B 415 29.36 -32.31 -0.21
N THR B 416 28.34 -32.70 0.54
CA THR B 416 26.96 -32.47 0.11
C THR B 416 26.06 -32.27 1.32
N PHE B 417 25.31 -31.17 1.31
CA PHE B 417 24.37 -30.85 2.37
C PHE B 417 22.96 -31.20 1.94
N HIS B 418 22.12 -31.52 2.93
CA HIS B 418 20.71 -31.86 2.71
C HIS B 418 19.87 -31.18 3.78
N GLY B 419 18.73 -30.63 3.37
CA GLY B 419 17.81 -29.97 4.27
C GLY B 419 17.45 -28.58 3.76
N ASN B 420 16.69 -27.84 4.58
CA ASN B 420 16.20 -26.52 4.22
C ASN B 420 17.12 -25.46 4.85
N PHE B 421 17.88 -24.78 4.00
CA PHE B 421 18.85 -23.76 4.40
C PHE B 421 19.43 -23.18 3.11
N PHE B 422 20.44 -22.32 3.25
CA PHE B 422 21.20 -21.84 2.11
C PHE B 422 22.68 -22.02 2.43
N VAL B 423 23.36 -22.83 1.64
CA VAL B 423 24.77 -23.12 1.86
C VAL B 423 25.59 -21.90 1.45
N ARG B 424 26.11 -21.17 2.43
CA ARG B 424 27.06 -20.10 2.16
C ARG B 424 28.43 -20.67 1.84
N SER B 425 29.35 -19.79 1.44
CA SER B 425 30.71 -20.22 1.16
C SER B 425 31.37 -20.76 2.42
N THR B 426 32.35 -21.65 2.24
CA THR B 426 33.04 -22.33 3.34
C THR B 426 32.08 -23.11 4.22
N ASP B 427 31.02 -23.66 3.61
CA ASP B 427 30.13 -24.61 4.26
C ASP B 427 29.43 -24.02 5.49
N LEU B 428 29.14 -22.73 5.43
CA LEU B 428 28.26 -22.09 6.40
C LEU B 428 26.81 -22.35 5.97
N LEU B 429 25.98 -22.80 6.91
CA LEU B 429 24.57 -23.05 6.65
C LEU B 429 23.76 -21.86 7.17
N SER B 430 23.16 -21.12 6.25
CA SER B 430 22.34 -19.97 6.61
C SER B 430 20.93 -20.45 6.95
N LEU B 431 20.44 -20.06 8.13
CA LEU B 431 19.14 -20.49 8.62
C LEU B 431 18.37 -19.27 9.09
N PRO B 432 17.64 -18.60 8.19
CA PRO B 432 16.86 -17.42 8.60
C PRO B 432 15.97 -17.65 9.80
N ASN B 433 15.36 -18.83 9.90
CA ASN B 433 14.81 -19.32 11.16
C ASN B 433 15.33 -20.73 11.38
N VAL B 434 15.33 -21.14 12.65
CA VAL B 434 15.63 -22.51 13.02
C VAL B 434 14.48 -23.01 13.89
N ASN B 435 13.90 -24.15 13.52
CA ASN B 435 12.77 -24.70 14.25
C ASN B 435 13.13 -26.07 14.82
N PRO B 436 12.54 -26.45 15.95
CA PRO B 436 12.94 -27.70 16.63
C PRO B 436 12.51 -28.98 15.92
N ASP B 437 11.80 -28.88 14.80
CA ASP B 437 11.30 -30.06 14.11
C ASP B 437 12.06 -30.34 12.81
N ALA B 438 13.11 -29.57 12.54
CA ALA B 438 13.86 -29.69 11.29
C ALA B 438 14.97 -30.73 11.42
N GLY B 439 15.18 -31.49 10.36
CA GLY B 439 16.25 -32.47 10.32
C GLY B 439 17.19 -32.17 9.18
N TYR B 440 18.47 -32.51 9.37
CA TYR B 440 19.48 -32.25 8.37
C TYR B 440 20.35 -33.49 8.16
N ALA B 441 20.96 -33.54 6.98
CA ALA B 441 21.79 -34.67 6.60
C ALA B 441 23.01 -34.15 5.85
N VAL B 442 24.10 -34.90 5.95
CA VAL B 442 25.37 -34.50 5.34
C VAL B 442 26.04 -35.77 4.81
N GLN B 443 26.64 -35.67 3.62
CA GLN B 443 27.47 -36.75 3.10
C GLN B 443 28.92 -36.30 3.13
N MET B 444 29.80 -37.17 3.63
CA MET B 444 31.22 -36.85 3.74
C MET B 444 32.07 -37.92 3.06
N SER B 445 33.34 -37.60 2.86
CA SER B 445 34.30 -38.56 2.33
C SER B 445 35.62 -38.43 3.08
N VAL B 446 36.46 -39.46 2.94
CA VAL B 446 37.76 -39.48 3.59
C VAL B 446 38.74 -38.81 2.62
N GLU B 447 38.97 -37.52 2.83
CA GLU B 447 39.86 -36.79 1.93
C GLU B 447 41.32 -37.10 2.21
N GLU B 448 41.68 -37.36 3.47
CA GLU B 448 43.03 -37.78 3.85
C GLU B 448 42.93 -39.02 4.73
N SER B 449 43.81 -39.98 4.49
CA SER B 449 43.76 -41.23 5.24
C SER B 449 43.93 -40.99 6.73
N LEU B 450 43.02 -41.56 7.51
CA LEU B 450 43.04 -41.42 8.96
C LEU B 450 44.03 -42.36 9.62
N THR B 451 45.24 -42.47 9.05
CA THR B 451 46.25 -43.33 9.63
C THR B 451 46.74 -42.81 10.98
N ASP B 452 46.67 -41.49 11.20
CA ASP B 452 47.14 -40.92 12.46
C ASP B 452 46.27 -41.36 13.63
N THR B 453 44.99 -41.02 13.59
CA THR B 453 44.13 -41.16 14.77
C THR B 453 43.43 -42.51 14.81
N GLN B 454 42.87 -42.80 15.99
CA GLN B 454 41.92 -43.87 16.17
C GLN B 454 40.54 -43.36 16.55
N LEU B 455 40.39 -42.06 16.75
CA LEU B 455 39.10 -41.43 17.00
C LEU B 455 38.98 -40.19 16.12
N VAL B 456 37.77 -39.97 15.60
CA VAL B 456 37.44 -38.75 14.89
C VAL B 456 36.19 -38.17 15.52
N SER B 457 36.09 -36.85 15.48
CA SER B 457 34.97 -36.16 16.08
C SER B 457 34.24 -35.33 15.05
N PHE B 458 32.99 -34.98 15.39
CA PHE B 458 32.11 -34.17 14.56
C PHE B 458 31.42 -33.18 15.47
N GLN B 459 31.46 -31.90 15.10
CA GLN B 459 30.92 -30.84 15.95
C GLN B 459 30.04 -29.91 15.11
N SER B 460 28.77 -29.81 15.49
CA SER B 460 27.85 -28.85 14.91
C SER B 460 27.63 -27.71 15.89
N ALA B 461 27.66 -26.49 15.36
CA ALA B 461 27.45 -25.29 16.16
C ALA B 461 26.31 -24.48 15.54
N LEU B 462 25.32 -24.13 16.35
CA LEU B 462 24.16 -23.37 15.90
C LEU B 462 24.13 -22.05 16.63
N LEU B 463 24.55 -20.98 15.94
CA LEU B 463 24.46 -19.61 16.45
C LEU B 463 23.13 -19.02 16.02
N TYR B 464 22.36 -18.49 16.98
CA TYR B 464 21.02 -17.99 16.66
C TYR B 464 20.60 -16.94 17.70
N THR B 465 19.53 -16.21 17.37
CA THR B 465 18.92 -15.25 18.28
C THR B 465 17.64 -15.86 18.83
N SER B 466 17.57 -15.94 20.15
CA SER B 466 16.40 -16.55 20.79
C SER B 466 15.20 -15.61 20.67
N SER B 467 14.03 -16.13 21.05
CA SER B 467 12.82 -15.31 21.04
C SER B 467 12.84 -14.23 22.12
N LYS B 468 13.84 -14.23 23.00
CA LYS B 468 13.99 -13.19 24.01
C LYS B 468 15.07 -12.17 23.68
N GLY B 469 15.69 -12.26 22.51
CA GLY B 469 16.74 -11.33 22.13
C GLY B 469 18.12 -11.61 22.69
N GLU B 470 18.49 -12.88 22.83
CA GLU B 470 19.79 -13.29 23.36
C GLU B 470 20.48 -14.16 22.32
N ARG B 471 21.68 -13.77 21.93
CA ARG B 471 22.48 -14.63 21.04
C ARG B 471 22.92 -15.86 21.81
N ARG B 472 22.71 -17.03 21.20
CA ARG B 472 23.06 -18.29 21.82
C ARG B 472 23.71 -19.19 20.79
N ILE B 473 24.59 -20.07 21.26
CA ILE B 473 25.24 -21.07 20.42
C ILE B 473 24.95 -22.43 21.05
N ARG B 474 24.32 -23.31 20.29
CA ARG B 474 24.10 -24.70 20.70
C ARG B 474 25.10 -25.57 19.96
N VAL B 475 25.88 -26.34 20.73
CA VAL B 475 26.98 -27.14 20.19
C VAL B 475 26.74 -28.60 20.56
N HIS B 476 26.85 -29.49 19.57
CA HIS B 476 26.81 -30.92 19.76
C HIS B 476 28.11 -31.52 19.26
N THR B 477 28.70 -32.43 20.03
CA THR B 477 29.94 -33.08 19.62
C THR B 477 29.76 -34.58 19.65
N LEU B 478 30.09 -35.23 18.54
CA LEU B 478 30.05 -36.69 18.40
C LEU B 478 31.46 -37.21 18.15
N CYS B 479 31.80 -38.31 18.83
CA CYS B 479 33.09 -38.96 18.71
C CYS B 479 32.89 -40.40 18.26
N LEU B 480 33.64 -40.82 17.24
CA LEU B 480 33.56 -42.16 16.69
C LEU B 480 34.95 -42.75 16.49
N PRO B 481 35.08 -44.08 16.53
CA PRO B 481 36.37 -44.71 16.29
C PRO B 481 36.61 -44.97 14.80
N VAL B 482 37.89 -45.22 14.49
CA VAL B 482 38.34 -45.46 13.13
C VAL B 482 38.77 -46.92 13.02
N VAL B 483 38.34 -47.59 11.95
CA VAL B 483 38.65 -48.99 11.73
C VAL B 483 39.29 -49.15 10.36
N SER B 484 39.92 -50.31 10.14
CA SER B 484 40.70 -50.53 8.93
C SER B 484 40.34 -51.83 8.20
N THR B 485 39.30 -52.55 8.62
CA THR B 485 38.87 -53.76 7.95
C THR B 485 37.44 -53.62 7.46
N LEU B 486 37.15 -54.27 6.32
CA LEU B 486 35.79 -54.25 5.79
C LEU B 486 34.79 -54.75 6.82
N ASN B 487 35.13 -55.83 7.54
CA ASN B 487 34.21 -56.40 8.51
C ASN B 487 33.86 -55.38 9.59
N ASP B 488 34.85 -54.64 10.09
CA ASP B 488 34.59 -53.65 11.14
C ASP B 488 33.68 -52.53 10.64
N VAL B 489 33.78 -52.18 9.35
CA VAL B 489 32.87 -51.21 8.77
C VAL B 489 31.45 -51.75 8.79
N PHE B 490 31.26 -52.99 8.31
CA PHE B 490 29.92 -53.58 8.29
C PHE B 490 29.38 -53.77 9.70
N LEU B 491 30.23 -54.13 10.66
CA LEU B 491 29.76 -54.40 12.01
C LEU B 491 29.19 -53.15 12.67
N GLY B 492 29.63 -51.97 12.24
CA GLY B 492 29.19 -50.71 12.81
C GLY B 492 28.14 -49.96 12.01
N ALA B 493 27.59 -50.57 10.96
CA ALA B 493 26.65 -49.86 10.10
C ALA B 493 25.32 -49.62 10.79
N ASP B 494 24.81 -48.40 10.66
CA ASP B 494 23.49 -48.03 11.16
C ASP B 494 22.51 -48.12 9.99
N VAL B 495 21.68 -49.17 9.98
CA VAL B 495 20.80 -49.41 8.85
C VAL B 495 19.81 -48.25 8.67
N GLN B 496 19.26 -47.73 9.77
CA GLN B 496 18.29 -46.64 9.65
C GLN B 496 18.96 -45.36 9.15
N ALA B 497 20.13 -45.02 9.68
CA ALA B 497 20.82 -43.82 9.22
C ALA B 497 21.22 -43.94 7.75
N ILE B 498 21.65 -45.13 7.32
CA ILE B 498 21.99 -45.35 5.91
C ILE B 498 20.75 -45.20 5.05
N SER B 499 19.62 -45.74 5.51
CA SER B 499 18.38 -45.60 4.75
C SER B 499 17.99 -44.13 4.63
N GLY B 500 18.16 -43.37 5.71
CA GLY B 500 17.84 -41.96 5.67
C GLY B 500 18.71 -41.17 4.70
N LEU B 501 20.03 -41.40 4.75
CA LEU B 501 20.93 -40.70 3.84
C LEU B 501 20.64 -41.05 2.39
N LEU B 502 20.36 -42.33 2.11
CA LEU B 502 20.05 -42.73 0.74
C LEU B 502 18.76 -42.09 0.23
N ALA B 503 17.75 -41.94 1.09
CA ALA B 503 16.54 -41.26 0.66
C ALA B 503 16.82 -39.81 0.29
N ASN B 504 17.68 -39.13 1.05
CA ASN B 504 18.06 -37.77 0.70
C ASN B 504 18.86 -37.73 -0.60
N MET B 505 19.70 -38.76 -0.85
CA MET B 505 20.46 -38.79 -2.09
C MET B 505 19.58 -39.13 -3.28
N ALA B 506 18.57 -39.97 -3.09
CA ALA B 506 17.67 -40.33 -4.18
C ALA B 506 16.75 -39.18 -4.56
N VAL B 507 16.39 -38.34 -3.60
CA VAL B 507 15.62 -37.13 -3.91
C VAL B 507 16.42 -36.23 -4.84
N ASP B 508 17.69 -35.97 -4.50
CA ASP B 508 18.53 -35.17 -5.37
C ASP B 508 18.72 -35.82 -6.73
N ARG B 509 18.86 -37.14 -6.75
CA ARG B 509 19.00 -37.87 -8.01
C ARG B 509 17.75 -37.69 -8.88
N SER B 510 16.57 -37.66 -8.27
CA SER B 510 15.34 -37.45 -9.03
C SER B 510 15.35 -36.11 -9.76
N MET B 511 15.78 -35.04 -9.07
CA MET B 511 15.83 -33.71 -9.67
C MET B 511 16.95 -33.61 -10.69
N THR B 512 18.11 -34.20 -10.38
CA THR B 512 19.29 -34.12 -11.23
C THR B 512 19.19 -35.01 -12.48
N ALA B 513 18.78 -36.27 -12.33
CA ALA B 513 18.59 -37.19 -13.46
C ALA B 513 17.14 -37.49 -13.78
N SER B 514 16.62 -38.50 -13.11
CA SER B 514 15.23 -38.90 -13.26
C SER B 514 14.82 -39.77 -12.09
N LEU B 515 13.53 -40.09 -12.05
CA LEU B 515 13.01 -41.00 -11.04
C LEU B 515 13.50 -42.43 -11.27
N SER B 516 13.67 -42.84 -12.52
CA SER B 516 14.23 -44.16 -12.81
C SER B 516 15.62 -44.30 -12.19
N ASP B 517 16.48 -43.31 -12.44
CA ASP B 517 17.84 -43.36 -11.90
C ASP B 517 17.84 -43.33 -10.38
N ALA B 518 16.92 -42.57 -9.78
CA ALA B 518 16.81 -42.56 -8.34
C ALA B 518 16.44 -43.93 -7.81
N ARG B 519 15.45 -44.58 -8.43
CA ARG B 519 15.03 -45.90 -8.00
C ARG B 519 16.14 -46.92 -8.18
N ASP B 520 16.86 -46.85 -9.31
CA ASP B 520 17.92 -47.80 -9.59
C ASP B 520 19.07 -47.66 -8.60
N ALA B 521 19.50 -46.42 -8.30
CA ALA B 521 20.60 -46.23 -7.36
C ALA B 521 20.23 -46.72 -5.96
N LEU B 522 18.94 -46.70 -5.62
CA LEU B 522 18.52 -47.25 -4.34
C LEU B 522 18.64 -48.77 -4.34
N VAL B 523 18.21 -49.42 -5.41
CA VAL B 523 18.39 -50.87 -5.53
C VAL B 523 19.88 -51.21 -5.61
N ASN B 524 20.64 -50.42 -6.37
CA ASN B 524 22.06 -50.72 -6.55
C ASN B 524 22.87 -50.56 -5.26
N ALA B 525 22.38 -49.74 -4.32
CA ALA B 525 23.07 -49.60 -3.05
C ALA B 525 22.96 -50.87 -2.21
N VAL B 526 21.85 -51.61 -2.32
CA VAL B 526 21.71 -52.88 -1.63
C VAL B 526 22.49 -53.97 -2.35
N ILE B 527 22.45 -53.96 -3.69
CA ILE B 527 23.22 -54.93 -4.47
C ILE B 527 24.71 -54.77 -4.21
N ASP B 528 25.20 -53.54 -4.31
CA ASP B 528 26.64 -53.30 -4.22
C ASP B 528 27.16 -53.55 -2.81
N SER B 529 26.33 -53.30 -1.80
CA SER B 529 26.78 -53.47 -0.42
C SER B 529 26.92 -54.95 -0.07
N LEU B 530 25.92 -55.76 -0.41
CA LEU B 530 25.94 -57.17 -0.07
C LEU B 530 26.83 -57.98 -1.01
N SER B 531 26.97 -57.52 -2.25
CA SER B 531 27.92 -58.16 -3.16
C SER B 531 29.35 -57.96 -2.67
N ALA B 532 29.65 -56.77 -2.15
CA ALA B 532 30.95 -56.52 -1.56
C ALA B 532 31.13 -57.34 -0.29
N TYR B 533 30.07 -57.46 0.51
CA TYR B 533 30.13 -58.32 1.68
C TYR B 533 30.29 -59.78 1.28
N ARG B 534 29.64 -60.19 0.20
CA ARG B 534 29.75 -61.57 -0.25
C ARG B 534 31.17 -61.91 -0.66
N SER B 535 31.78 -61.04 -1.47
CA SER B 535 33.14 -61.28 -1.97
C SER B 535 34.19 -61.20 -0.87
N SER B 536 33.79 -61.17 0.40
CA SER B 536 34.72 -61.15 1.52
C SER B 536 34.29 -62.10 2.63
N VAL B 537 33.58 -63.18 2.28
CA VAL B 537 33.23 -64.23 3.22
C VAL B 537 33.49 -65.60 2.58
N PRO B 543 25.65 -69.81 -0.94
CA PRO B 543 24.39 -70.29 -1.52
C PRO B 543 23.27 -69.25 -1.46
N GLY B 544 22.73 -68.98 -0.27
CA GLY B 544 21.64 -68.05 -0.10
C GLY B 544 22.04 -66.60 -0.21
N LEU B 545 21.33 -65.74 0.52
CA LEU B 545 21.56 -64.30 0.53
C LEU B 545 22.11 -63.92 1.90
N MET B 546 23.43 -63.85 2.01
CA MET B 546 24.11 -63.67 3.29
C MET B 546 24.36 -62.19 3.55
N VAL B 547 23.93 -61.71 4.71
CA VAL B 547 24.17 -60.33 5.14
C VAL B 547 24.69 -60.35 6.57
N PRO B 548 25.46 -59.34 6.98
CA PRO B 548 25.79 -59.21 8.40
C PRO B 548 24.57 -58.81 9.21
N PHE B 549 24.66 -59.05 10.52
CA PHE B 549 23.52 -58.82 11.41
C PHE B 549 23.05 -57.38 11.34
N SER B 550 23.99 -56.44 11.22
CA SER B 550 23.66 -55.02 11.23
C SER B 550 22.89 -54.58 9.99
N LEU B 551 22.90 -55.37 8.93
CA LEU B 551 22.25 -55.04 7.68
C LEU B 551 21.10 -56.00 7.35
N ARG B 552 20.61 -56.74 8.34
CA ARG B 552 19.52 -57.69 8.10
C ARG B 552 18.23 -57.00 7.69
N LEU B 553 18.07 -55.71 8.01
CA LEU B 553 16.90 -54.93 7.60
C LEU B 553 17.20 -53.99 6.45
N PHE B 554 18.39 -54.08 5.85
CA PHE B 554 18.74 -53.17 4.77
C PHE B 554 17.84 -53.33 3.55
N PRO B 555 17.61 -54.53 3.01
CA PRO B 555 16.67 -54.64 1.87
C PRO B 555 15.23 -54.33 2.26
N LEU B 556 14.83 -54.58 3.50
CA LEU B 556 13.46 -54.28 3.90
C LEU B 556 13.19 -52.78 3.86
N PHE B 557 14.07 -51.99 4.49
CA PHE B 557 13.86 -50.54 4.52
C PHE B 557 14.01 -49.90 3.15
N VAL B 558 14.87 -50.46 2.28
CA VAL B 558 15.03 -49.91 0.95
C VAL B 558 13.81 -50.27 0.08
N LEU B 559 13.29 -51.48 0.23
CA LEU B 559 12.02 -51.83 -0.42
C LEU B 559 10.92 -50.88 0.02
N ALA B 560 10.84 -50.59 1.33
CA ALA B 560 9.85 -49.65 1.83
C ALA B 560 10.08 -48.25 1.26
N LEU B 561 11.35 -47.89 1.04
CA LEU B 561 11.65 -46.61 0.42
C LEU B 561 11.10 -46.55 -1.00
N LEU B 562 11.22 -47.66 -1.74
CA LEU B 562 10.79 -47.69 -3.13
C LEU B 562 9.28 -47.74 -3.28
N LYS B 563 8.56 -48.18 -2.25
CA LYS B 563 7.10 -48.18 -2.30
C LYS B 563 6.48 -46.93 -1.67
N GLN B 564 7.29 -46.13 -0.98
CA GLN B 564 6.84 -44.87 -0.41
C GLN B 564 6.36 -43.92 -1.51
N LYS B 565 5.58 -42.91 -1.12
CA LYS B 565 5.03 -41.99 -2.11
C LYS B 565 6.11 -41.16 -2.80
N SER B 566 7.30 -41.08 -2.22
CA SER B 566 8.37 -40.32 -2.86
C SER B 566 8.86 -41.01 -4.13
N PHE B 567 9.07 -42.30 -4.07
CA PHE B 567 9.61 -43.05 -5.15
C PHE B 567 8.77 -44.12 -5.81
N GLN B 568 7.57 -44.34 -5.36
CA GLN B 568 6.73 -45.37 -5.91
C GLN B 568 6.41 -45.16 -7.37
N THR B 569 6.21 -46.21 -8.13
CA THR B 569 5.90 -46.00 -9.53
C THR B 569 4.48 -46.17 -10.05
N GLY B 570 4.06 -47.39 -10.28
CA GLY B 570 2.78 -47.67 -10.90
C GLY B 570 1.55 -47.39 -10.04
N THR B 571 1.51 -46.22 -9.41
CA THR B 571 0.41 -45.82 -8.55
C THR B 571 -0.32 -44.64 -9.17
N ASN B 572 -1.46 -44.30 -8.56
CA ASN B 572 -2.23 -43.15 -9.00
C ASN B 572 -1.77 -41.90 -8.25
N ALA B 573 -0.52 -41.90 -7.81
CA ALA B 573 0.00 -40.77 -7.06
C ALA B 573 0.07 -39.53 -7.95
N ARG B 574 -0.19 -38.38 -7.35
CA ARG B 574 -0.24 -37.11 -8.06
C ARG B 574 1.01 -36.29 -7.78
N LEU B 575 1.22 -35.28 -8.63
CA LEU B 575 2.48 -34.53 -8.64
C LEU B 575 2.78 -33.94 -7.27
N ASP B 576 1.85 -33.16 -6.72
CA ASP B 576 2.13 -32.46 -5.47
C ASP B 576 2.32 -33.44 -4.32
N GLU B 577 1.59 -34.56 -4.31
CA GLU B 577 1.78 -35.56 -3.27
C GLU B 577 3.22 -36.08 -3.24
N ARG B 578 3.77 -36.38 -4.41
CA ARG B 578 5.12 -36.93 -4.48
C ARG B 578 6.15 -35.88 -4.05
N ILE B 579 6.00 -34.64 -4.53
CA ILE B 579 6.93 -33.58 -4.16
C ILE B 579 6.88 -33.32 -2.64
N PHE B 580 5.69 -33.29 -2.06
CA PHE B 580 5.60 -33.08 -0.61
C PHE B 580 6.23 -34.25 0.15
N ALA B 581 6.12 -35.46 -0.38
CA ALA B 581 6.80 -36.59 0.25
C ALA B 581 8.31 -36.43 0.21
N MET B 582 8.84 -35.89 -0.90
CA MET B 582 10.28 -35.61 -0.96
C MET B 582 10.68 -34.44 -0.08
N CYS B 583 9.80 -33.44 0.06
CA CYS B 583 10.08 -32.34 0.98
C CYS B 583 10.20 -32.81 2.41
N GLN B 584 9.46 -33.87 2.78
CA GLN B 584 9.57 -34.44 4.12
C GLN B 584 10.85 -35.23 4.29
N VAL B 585 11.29 -35.94 3.24
CA VAL B 585 12.56 -36.66 3.30
C VAL B 585 13.69 -35.68 3.59
N LYS B 586 13.67 -34.52 2.94
CA LYS B 586 14.73 -33.53 3.08
C LYS B 586 14.65 -32.76 4.39
N ASN B 587 13.50 -32.75 5.05
CA ASN B 587 13.28 -31.84 6.17
C ASN B 587 12.96 -32.54 7.49
N GLN B 588 12.61 -33.84 7.47
CA GLN B 588 12.23 -34.44 8.75
C GLN B 588 13.42 -35.16 9.39
N PRO B 589 13.46 -35.22 10.72
CA PRO B 589 14.46 -36.05 11.39
C PRO B 589 14.33 -37.52 11.02
N LEU B 590 15.40 -38.28 11.31
CA LEU B 590 15.48 -39.68 10.91
C LEU B 590 14.29 -40.48 11.44
N VAL B 591 13.94 -40.29 12.71
CA VAL B 591 12.95 -41.15 13.35
C VAL B 591 11.60 -41.04 12.64
N TYR B 592 11.21 -39.84 12.23
CA TYR B 592 9.94 -39.68 11.53
C TYR B 592 10.03 -40.07 10.07
N LEU B 593 11.23 -40.10 9.49
CA LEU B 593 11.38 -40.69 8.17
C LEU B 593 11.18 -42.20 8.25
N MET B 594 11.66 -42.82 9.33
CA MET B 594 11.47 -44.26 9.51
C MET B 594 10.02 -44.58 9.86
N LEU B 595 9.40 -43.78 10.72
CA LEU B 595 8.01 -44.01 11.08
C LEU B 595 7.11 -43.91 9.85
N THR B 596 7.42 -42.96 8.95
CA THR B 596 6.62 -42.79 7.73
C THR B 596 6.90 -43.92 6.74
N THR B 597 8.18 -44.21 6.51
CA THR B 597 8.54 -45.20 5.49
C THR B 597 8.13 -46.61 5.92
N HIS B 598 8.36 -46.95 7.17
CA HIS B 598 8.08 -48.30 7.69
C HIS B 598 7.32 -48.17 8.99
N PRO B 599 6.01 -47.90 8.92
CA PRO B 599 5.24 -47.67 10.14
C PRO B 599 5.22 -48.88 11.04
N SER B 600 5.08 -48.63 12.33
CA SER B 600 4.94 -49.71 13.31
C SER B 600 3.51 -50.21 13.34
N LEU B 601 3.33 -51.52 13.24
CA LEU B 601 2.03 -52.15 13.20
C LEU B 601 1.83 -53.00 14.45
N TYR B 602 0.71 -52.81 15.12
CA TYR B 602 0.40 -53.51 16.35
C TYR B 602 -1.02 -54.05 16.29
N ARG B 603 -1.22 -55.21 16.90
CA ARG B 603 -2.56 -55.72 17.15
C ARG B 603 -3.03 -55.20 18.50
N VAL B 604 -4.22 -54.59 18.54
CA VAL B 604 -4.61 -53.82 19.71
C VAL B 604 -5.97 -54.22 20.27
N ASP B 605 -6.56 -55.30 19.75
CA ASP B 605 -7.83 -55.76 20.29
C ASP B 605 -7.67 -56.71 21.46
N ASN B 606 -6.47 -57.15 21.72
CA ASN B 606 -6.25 -58.07 22.78
C ASN B 606 -5.16 -57.62 23.68
N LEU B 607 -5.12 -56.36 24.01
CA LEU B 607 -4.07 -55.86 24.84
C LEU B 607 -4.13 -56.35 26.24
N SER B 608 -2.93 -56.54 26.80
CA SER B 608 -2.69 -57.02 28.17
C SER B 608 -1.51 -56.28 28.80
N ASP B 609 -1.43 -56.26 30.13
CA ASP B 609 -0.37 -55.53 30.84
C ASP B 609 1.00 -56.18 31.15
N GLU B 610 1.82 -56.42 30.12
CA GLU B 610 3.19 -56.92 30.31
C GLU B 610 4.02 -55.68 29.99
N GLY B 611 3.25 -54.61 29.87
CA GLY B 611 3.59 -53.28 29.51
C GLY B 611 4.47 -52.56 30.42
N ALA B 612 4.68 -51.27 30.14
CA ALA B 612 5.52 -50.46 31.00
C ALA B 612 4.54 -50.06 32.07
N LEU B 613 4.30 -50.98 32.99
CA LEU B 613 3.30 -50.74 34.03
C LEU B 613 3.91 -49.99 35.19
N ASN B 614 5.05 -49.36 34.95
CA ASN B 614 5.77 -48.74 35.96
C ASN B 614 5.42 -47.38 36.21
N ILE B 615 4.71 -46.78 35.28
CA ILE B 615 4.57 -45.39 35.46
C ILE B 615 3.52 -45.14 36.41
N SER B 616 3.89 -45.05 37.67
CA SER B 616 2.97 -44.80 38.72
C SER B 616 1.68 -45.52 38.63
N ASP B 617 0.68 -44.83 38.18
CA ASP B 617 -0.64 -45.34 38.06
C ASP B 617 -1.12 -45.81 36.72
N ARG B 618 -0.26 -45.91 35.74
CA ARG B 618 -0.64 -46.29 34.41
C ARG B 618 -0.02 -47.55 33.97
N THR B 619 -0.73 -48.37 33.22
CA THR B 619 -0.12 -49.60 32.77
C THR B 619 0.55 -49.69 31.40
N ILE B 620 0.03 -49.10 30.40
CA ILE B 620 0.65 -48.96 29.09
C ILE B 620 1.04 -50.32 28.52
N PRO B 621 0.16 -51.00 27.78
CA PRO B 621 0.55 -52.26 27.17
C PRO B 621 1.68 -52.06 26.16
N GLN B 622 2.38 -53.14 25.88
CA GLN B 622 3.50 -53.16 24.93
C GLN B 622 3.30 -54.31 23.96
N PRO B 623 2.34 -54.19 23.04
CA PRO B 623 2.13 -55.26 22.07
C PRO B 623 3.30 -55.34 21.11
N PRO B 624 3.58 -56.52 20.56
CA PRO B 624 4.77 -56.67 19.70
C PRO B 624 4.57 -56.02 18.34
N ILE B 625 5.65 -55.42 17.83
CA ILE B 625 5.64 -54.84 16.48
C ILE B 625 5.51 -55.97 15.46
N LEU B 626 4.66 -55.77 14.47
CA LEU B 626 4.36 -56.76 13.45
C LEU B 626 4.97 -56.32 12.12
N GLN B 627 5.30 -57.30 11.28
CA GLN B 627 5.82 -57.00 9.96
C GLN B 627 4.69 -56.48 9.07
N LEU B 628 5.03 -55.54 8.20
CA LEU B 628 4.04 -54.84 7.38
C LEU B 628 3.56 -55.75 6.25
N SER B 629 2.63 -56.64 6.59
CA SER B 629 2.04 -57.55 5.61
C SER B 629 0.60 -57.85 6.00
N VAL B 630 -0.25 -58.02 4.98
CA VAL B 630 -1.65 -58.40 5.21
C VAL B 630 -1.72 -59.79 5.84
N GLU B 631 -0.70 -60.62 5.62
CA GLU B 631 -0.66 -61.93 6.26
C GLU B 631 -0.66 -61.82 7.78
N LYS B 632 -0.08 -60.74 8.32
CA LYS B 632 -0.07 -60.54 9.75
C LYS B 632 -1.38 -59.97 10.29
N LEU B 633 -2.29 -59.56 9.41
CA LEU B 633 -3.58 -59.04 9.83
C LEU B 633 -4.52 -60.19 10.18
N SER B 634 -5.76 -59.85 10.50
CA SER B 634 -6.77 -60.82 10.89
C SER B 634 -8.12 -60.13 10.85
N ARG B 635 -9.08 -60.76 10.16
CA ARG B 635 -10.43 -60.24 10.12
C ARG B 635 -11.11 -60.30 11.49
N ASP B 636 -10.56 -61.04 12.45
CA ASP B 636 -11.16 -61.22 13.76
C ASP B 636 -10.69 -60.19 14.78
N GLY B 637 -9.73 -59.34 14.42
CA GLY B 637 -9.22 -58.37 15.37
C GLY B 637 -9.11 -56.97 14.82
N ALA B 638 -8.39 -56.11 15.53
CA ALA B 638 -8.17 -54.73 15.15
C ALA B 638 -6.69 -54.42 15.25
N PHE B 639 -6.18 -53.61 14.33
CA PHE B 639 -4.75 -53.34 14.25
C PHE B 639 -4.50 -51.84 14.14
N LEU B 640 -3.53 -51.36 14.90
CA LEU B 640 -3.13 -49.97 14.92
C LEU B 640 -1.80 -49.80 14.19
N MET B 641 -1.74 -48.79 13.31
CA MET B 641 -0.54 -48.50 12.54
C MET B 641 -0.06 -47.10 12.91
N ASP B 642 1.15 -47.02 13.46
CA ASP B 642 1.78 -45.76 13.82
C ASP B 642 2.68 -45.35 12.66
N ALA B 643 2.20 -44.42 11.85
CA ALA B 643 2.98 -43.85 10.75
C ALA B 643 3.65 -42.55 11.14
N GLY B 644 3.82 -42.29 12.43
CA GLY B 644 4.50 -41.10 12.90
C GLY B 644 3.57 -39.91 13.04
N SER B 645 3.12 -39.37 11.90
CA SER B 645 2.23 -38.22 11.89
C SER B 645 0.76 -38.60 12.00
N VAL B 646 0.44 -39.89 11.95
CA VAL B 646 -0.95 -40.33 11.95
C VAL B 646 -0.99 -41.74 12.52
N LEU B 647 -2.09 -42.06 13.20
CA LEU B 647 -2.37 -43.40 13.72
C LEU B 647 -3.65 -43.90 13.08
N MET B 648 -3.59 -45.09 12.47
CA MET B 648 -4.74 -45.65 11.78
C MET B 648 -5.09 -46.98 12.43
N LEU B 649 -6.34 -47.09 12.87
CA LEU B 649 -6.82 -48.27 13.59
C LEU B 649 -7.77 -49.01 12.65
N TRP B 650 -7.27 -50.06 12.02
CA TRP B 650 -8.09 -50.87 11.13
C TRP B 650 -8.85 -51.90 11.94
N VAL B 651 -10.15 -52.01 11.69
CA VAL B 651 -11.02 -52.95 12.39
C VAL B 651 -11.45 -54.03 11.42
N GLY B 652 -11.31 -55.29 11.83
CA GLY B 652 -11.68 -56.38 10.96
C GLY B 652 -13.19 -56.51 10.82
N LYS B 653 -13.60 -57.09 9.69
CA LYS B 653 -15.03 -57.31 9.44
C LYS B 653 -15.64 -58.28 10.44
N ASN B 654 -14.84 -59.22 10.96
CA ASN B 654 -15.30 -60.21 11.93
C ASN B 654 -14.74 -59.93 13.32
N CYS B 655 -14.67 -58.65 13.68
CA CYS B 655 -14.16 -58.25 14.98
C CYS B 655 -15.10 -58.68 16.09
N THR B 656 -14.54 -58.91 17.27
CA THR B 656 -15.32 -59.40 18.40
C THR B 656 -16.30 -58.34 18.89
N GLN B 657 -17.41 -58.79 19.48
CA GLN B 657 -18.37 -57.86 20.07
C GLN B 657 -17.77 -57.13 21.28
N ASN B 658 -16.78 -57.72 21.94
CA ASN B 658 -16.15 -57.04 23.07
C ASN B 658 -15.40 -55.80 22.61
N PHE B 659 -14.67 -55.89 21.50
CA PHE B 659 -13.96 -54.71 21.02
C PHE B 659 -14.92 -53.65 20.50
N LEU B 660 -16.01 -54.07 19.85
CA LEU B 660 -16.94 -53.09 19.29
C LEU B 660 -17.62 -52.27 20.38
N SER B 661 -18.11 -52.93 21.43
CA SER B 661 -18.89 -52.23 22.45
C SER B 661 -18.03 -51.62 23.55
N GLN B 662 -16.95 -52.28 23.97
CA GLN B 662 -16.15 -51.82 25.09
C GLN B 662 -15.01 -50.90 24.70
N VAL B 663 -14.62 -50.87 23.43
CA VAL B 663 -13.60 -49.96 22.93
C VAL B 663 -14.19 -48.94 21.98
N LEU B 664 -14.93 -49.39 20.97
CA LEU B 664 -15.50 -48.49 19.99
C LEU B 664 -16.83 -47.89 20.43
N GLY B 665 -17.50 -48.48 21.42
CA GLY B 665 -18.80 -48.00 21.85
C GLY B 665 -19.87 -48.19 20.81
N VAL B 666 -19.88 -49.34 20.14
CA VAL B 666 -20.76 -49.62 19.01
C VAL B 666 -21.24 -51.06 19.14
N GLN B 667 -22.50 -51.31 18.75
CA GLN B 667 -23.08 -52.63 18.94
C GLN B 667 -22.76 -53.63 17.83
N ASN B 668 -22.34 -53.16 16.66
CA ASN B 668 -22.03 -54.07 15.57
C ASN B 668 -21.13 -53.36 14.57
N TYR B 669 -20.46 -54.15 13.73
CA TYR B 669 -19.51 -53.61 12.78
C TYR B 669 -20.16 -52.64 11.79
N ALA B 670 -21.46 -52.81 11.52
CA ALA B 670 -22.14 -52.01 10.52
C ALA B 670 -22.37 -50.57 10.97
N SER B 671 -22.42 -50.32 12.28
CA SER B 671 -22.71 -48.99 12.80
C SER B 671 -21.48 -48.28 13.36
N ILE B 672 -20.30 -48.60 12.81
CA ILE B 672 -19.10 -47.82 13.11
C ILE B 672 -19.09 -46.60 12.19
N PRO B 673 -19.14 -45.38 12.73
CA PRO B 673 -19.27 -44.19 11.86
C PRO B 673 -18.17 -44.14 10.81
N GLN B 674 -18.54 -43.67 9.61
CA GLN B 674 -17.64 -43.74 8.46
C GLN B 674 -16.36 -42.95 8.68
N PRO B 675 -16.40 -41.63 8.96
CA PRO B 675 -15.20 -40.99 9.48
C PRO B 675 -15.22 -40.91 10.99
N MET B 676 -14.34 -41.64 11.65
CA MET B 676 -14.25 -41.66 13.11
C MET B 676 -12.97 -40.94 13.51
N THR B 677 -13.14 -39.74 14.07
CA THR B 677 -12.00 -38.86 14.34
C THR B 677 -11.16 -39.29 15.53
N ASP B 678 -11.66 -40.19 16.39
CA ASP B 678 -10.92 -40.66 17.55
C ASP B 678 -11.78 -41.68 18.28
N LEU B 679 -11.15 -42.46 19.15
CA LEU B 679 -11.88 -43.39 20.00
C LEU B 679 -12.61 -42.64 21.10
N PRO B 680 -13.72 -43.18 21.58
CA PRO B 680 -14.30 -42.66 22.83
C PRO B 680 -13.50 -43.15 24.02
N GLU B 681 -13.68 -42.46 25.14
CA GLU B 681 -13.04 -42.84 26.40
C GLU B 681 -14.13 -43.45 27.28
N LEU B 682 -14.47 -44.70 26.96
CA LEU B 682 -15.51 -45.42 27.68
C LEU B 682 -15.01 -45.89 29.04
N ASP B 683 -15.96 -46.26 29.90
CA ASP B 683 -15.66 -46.77 31.24
C ASP B 683 -15.52 -48.29 31.22
N THR B 684 -14.58 -48.75 30.41
CA THR B 684 -14.24 -50.17 30.33
C THR B 684 -12.74 -50.34 30.48
N PRO B 685 -12.30 -51.43 31.11
CA PRO B 685 -10.84 -51.66 31.20
C PRO B 685 -10.19 -51.84 29.84
N GLU B 686 -10.91 -52.40 28.87
CA GLU B 686 -10.38 -52.50 27.51
C GLU B 686 -10.15 -51.12 26.90
N SER B 687 -11.06 -50.18 27.15
CA SER B 687 -10.85 -48.81 26.68
C SER B 687 -9.66 -48.17 27.38
N ALA B 688 -9.53 -48.38 28.69
CA ALA B 688 -8.40 -47.82 29.42
C ALA B 688 -7.07 -48.35 28.90
N ARG B 689 -7.02 -49.61 28.49
CA ARG B 689 -5.76 -50.15 27.97
C ARG B 689 -5.40 -49.54 26.63
N ILE B 690 -6.38 -49.34 25.75
CA ILE B 690 -6.05 -48.85 24.42
C ILE B 690 -5.80 -47.34 24.43
N ILE B 691 -6.50 -46.60 25.31
CA ILE B 691 -6.19 -45.18 25.48
C ILE B 691 -4.82 -45.01 26.12
N ALA B 692 -4.43 -45.94 27.00
CA ALA B 692 -3.09 -45.87 27.59
C ALA B 692 -2.01 -46.12 26.53
N PHE B 693 -2.26 -47.05 25.61
CA PHE B 693 -1.26 -47.36 24.60
C PHE B 693 -1.16 -46.24 23.57
N ILE B 694 -2.29 -45.63 23.19
CA ILE B 694 -2.26 -44.53 22.25
C ILE B 694 -1.65 -43.29 22.88
N SER B 695 -1.99 -43.00 24.14
CA SER B 695 -1.39 -41.84 24.81
C SER B 695 0.11 -42.00 24.93
N TRP B 696 0.58 -43.22 25.16
CA TRP B 696 2.02 -43.45 25.27
C TRP B 696 2.72 -43.19 23.94
N LEU B 697 2.13 -43.66 22.83
CA LEU B 697 2.68 -43.39 21.51
C LEU B 697 2.81 -41.89 21.24
N ARG B 698 1.76 -41.11 21.59
CA ARG B 698 1.75 -39.69 21.27
C ARG B 698 2.75 -38.88 22.10
N GLU B 699 3.00 -39.30 23.35
CA GLU B 699 3.91 -38.57 24.23
C GLU B 699 5.36 -38.63 23.76
N GLN B 700 5.61 -39.45 22.77
CA GLN B 700 6.92 -39.68 22.27
C GLN B 700 7.28 -38.80 21.13
N ARG B 701 6.46 -37.80 20.91
CA ARG B 701 6.62 -36.88 19.84
C ARG B 701 5.91 -35.63 20.11
N PRO B 702 6.15 -34.61 19.29
CA PRO B 702 5.42 -33.40 19.58
C PRO B 702 4.39 -32.99 18.54
N PHE B 703 4.38 -33.40 17.30
CA PHE B 703 3.28 -32.99 16.44
C PHE B 703 2.20 -34.04 16.70
N PHE B 704 1.10 -33.70 17.39
CA PHE B 704 0.00 -34.55 17.82
C PHE B 704 -0.52 -35.38 16.65
N PRO B 705 -0.27 -36.69 16.62
CA PRO B 705 -0.73 -37.51 15.48
C PRO B 705 -2.21 -37.84 15.63
N ILE B 706 -2.99 -37.45 14.62
CA ILE B 706 -4.43 -37.73 14.64
C ILE B 706 -4.65 -39.21 14.42
N LEU B 707 -5.58 -39.77 15.12
CA LEU B 707 -5.88 -41.15 14.93
C LEU B 707 -7.20 -41.33 14.24
N TYR B 708 -7.25 -42.11 13.19
CA TYR B 708 -8.51 -42.37 12.60
C TYR B 708 -8.75 -43.82 12.48
N VAL B 709 -9.91 -44.26 12.98
CA VAL B 709 -10.26 -45.68 12.93
C VAL B 709 -11.09 -46.00 11.69
N ILE B 710 -11.32 -44.96 10.90
CA ILE B 710 -12.10 -45.01 9.69
C ILE B 710 -11.69 -46.09 8.71
N ALA B 711 -10.56 -46.73 8.99
CA ALA B 711 -10.06 -47.75 8.10
C ALA B 711 -10.90 -48.96 8.45
N ASP B 712 -11.91 -49.11 7.61
CA ASP B 712 -12.89 -50.12 7.68
C ASP B 712 -12.68 -50.89 6.43
N GLU B 713 -13.07 -52.12 6.44
CA GLU B 713 -12.86 -52.82 5.18
C GLU B 713 -13.47 -52.09 3.96
N SER B 714 -14.50 -51.25 4.07
CA SER B 714 -14.99 -50.52 2.92
C SER B 714 -15.22 -49.02 3.11
N PRO B 715 -14.19 -48.20 3.29
CA PRO B 715 -14.34 -46.80 3.49
C PRO B 715 -13.61 -46.16 2.33
N MET B 716 -13.31 -46.93 1.30
CA MET B 716 -12.63 -46.29 0.19
C MET B 716 -11.51 -45.36 0.66
N LYS B 717 -11.09 -45.53 1.92
CA LYS B 717 -9.95 -44.81 2.48
C LYS B 717 -8.97 -45.78 3.11
N ALA B 718 -9.05 -47.06 2.74
CA ALA B 718 -8.11 -48.07 3.22
C ALA B 718 -6.80 -48.04 2.46
N ASN B 719 -6.16 -46.88 2.41
CA ASN B 719 -4.73 -46.75 2.08
C ASN B 719 -3.83 -47.28 3.19
N PHE B 720 -4.42 -47.66 4.32
CA PHE B 720 -3.78 -48.56 5.28
C PHE B 720 -3.01 -49.68 4.57
N LEU B 721 -3.57 -50.23 3.48
CA LEU B 721 -2.92 -51.32 2.78
C LEU B 721 -1.69 -50.86 2.00
N GLN B 722 -1.61 -49.58 1.66
CA GLN B 722 -0.46 -49.06 0.93
C GLN B 722 0.83 -49.10 1.75
N ASN B 723 0.73 -49.27 3.06
CA ASN B 723 1.90 -49.40 3.93
C ASN B 723 2.33 -50.85 4.14
N MET B 724 1.59 -51.81 3.60
CA MET B 724 1.98 -53.22 3.67
C MET B 724 3.08 -53.46 2.64
N ILE B 725 4.27 -52.93 2.96
CA ILE B 725 5.35 -52.87 1.98
C ILE B 725 5.97 -54.23 1.68
N GLU B 726 5.64 -55.27 2.45
CA GLU B 726 6.14 -56.60 2.17
C GLU B 726 5.31 -57.36 1.15
N ASP B 727 4.05 -56.97 0.96
CA ASP B 727 3.19 -57.66 0.00
C ASP B 727 3.44 -57.17 -1.41
N ARG B 728 3.18 -58.04 -2.38
CA ARG B 728 3.30 -57.65 -3.77
C ARG B 728 2.06 -56.88 -4.20
N THR B 729 2.24 -56.04 -5.22
CA THR B 729 1.14 -55.36 -5.88
C THR B 729 1.25 -55.58 -7.38
N GLU B 730 0.31 -55.01 -8.13
CA GLU B 730 0.34 -55.15 -9.57
C GLU B 730 1.51 -54.41 -10.20
N SER B 731 2.18 -53.55 -9.45
CA SER B 731 3.25 -52.73 -10.02
C SER B 731 4.50 -52.70 -9.16
N ALA B 732 4.66 -53.64 -8.23
CA ALA B 732 5.88 -53.73 -7.44
C ALA B 732 6.03 -55.15 -6.93
N LEU B 733 7.24 -55.45 -6.45
CA LEU B 733 7.56 -56.78 -5.94
C LEU B 733 7.13 -56.92 -4.49
N SER B 734 7.09 -58.16 -4.03
CA SER B 734 6.96 -58.44 -2.60
C SER B 734 8.34 -58.47 -1.96
N TYR B 735 8.36 -58.49 -0.62
CA TYR B 735 9.64 -58.55 0.07
C TYR B 735 10.41 -59.81 -0.29
N TYR B 736 9.71 -60.92 -0.49
CA TYR B 736 10.38 -62.15 -0.92
C TYR B 736 10.84 -62.04 -2.37
N GLU B 737 9.99 -61.49 -3.24
CA GLU B 737 10.42 -61.25 -4.62
C GLU B 737 11.62 -60.32 -4.65
N PHE B 738 11.61 -59.28 -3.82
CA PHE B 738 12.73 -58.35 -3.77
C PHE B 738 14.01 -59.07 -3.34
N LEU B 739 13.93 -59.87 -2.28
CA LEU B 739 15.11 -60.62 -1.84
C LEU B 739 15.60 -61.53 -2.96
N LEU B 740 14.69 -62.11 -3.74
CA LEU B 740 15.09 -63.00 -4.82
C LEU B 740 15.82 -62.24 -5.92
N HIS B 741 15.41 -60.99 -6.19
CA HIS B 741 16.09 -60.20 -7.20
C HIS B 741 17.47 -59.76 -6.72
N ILE B 742 17.61 -59.45 -5.42
CA ILE B 742 18.92 -59.08 -4.89
C ILE B 742 19.91 -60.22 -5.05
N GLN B 743 19.50 -61.43 -4.64
CA GLN B 743 20.39 -62.59 -4.74
C GLN B 743 20.79 -62.90 -6.17
N GLN B 744 19.89 -62.68 -7.13
CA GLN B 744 20.24 -62.92 -8.52
C GLN B 744 21.35 -61.99 -8.97
N GLN B 745 21.36 -60.75 -8.48
CA GLN B 745 22.37 -59.78 -8.86
C GLN B 745 23.64 -59.86 -8.02
N VAL B 746 23.54 -60.37 -6.78
CA VAL B 746 24.71 -60.45 -5.92
C VAL B 746 25.73 -61.43 -6.49
N ASN B 747 25.29 -62.64 -6.84
CA ASN B 747 26.18 -63.67 -7.37
C ASN B 747 26.09 -63.79 -8.89
N LYS B 748 25.83 -62.68 -9.60
CA LYS B 748 25.77 -62.72 -11.05
C LYS B 748 27.14 -62.99 -11.64
N MET C 1 16.25 13.73 9.50
CA MET C 1 16.86 12.81 8.55
C MET C 1 16.68 11.36 9.00
N VAL C 2 17.80 10.66 9.10
CA VAL C 2 17.79 9.26 9.52
C VAL C 2 19.00 8.96 10.38
N LEU C 3 18.95 7.85 11.10
CA LEU C 3 19.99 7.49 12.06
C LEU C 3 20.17 6.04 12.55
N LEU C 4 20.98 5.92 13.60
CA LEU C 4 21.30 4.71 14.37
C LEU C 4 21.58 5.06 15.83
N THR C 5 21.08 4.29 16.75
CA THR C 5 21.23 4.61 18.13
C THR C 5 21.73 3.50 19.02
N MET C 6 22.75 3.77 19.81
CA MET C 6 23.34 2.78 20.70
C MET C 6 23.65 3.19 22.14
N ILE C 7 23.41 2.32 23.09
CA ILE C 7 23.66 2.57 24.50
C ILE C 7 24.64 1.51 25.00
N ALA C 8 25.73 1.96 25.61
CA ALA C 8 26.81 1.03 25.96
C ALA C 8 27.47 1.44 27.26
N ARG C 9 27.99 0.44 27.96
CA ARG C 9 28.78 0.68 29.16
C ARG C 9 30.19 1.12 28.77
N VAL C 10 30.60 2.29 29.27
CA VAL C 10 31.87 2.90 28.85
C VAL C 10 33.07 2.06 29.27
N ALA C 11 32.99 1.38 30.41
CA ALA C 11 34.17 0.70 30.94
C ALA C 11 34.72 -0.32 29.94
N ASP C 12 33.88 -1.22 29.47
CA ASP C 12 34.31 -2.27 28.56
C ASP C 12 33.67 -2.19 27.18
N GLY C 13 32.85 -1.17 26.91
CA GLY C 13 32.17 -1.09 25.63
C GLY C 13 31.03 -2.06 25.47
N LEU C 14 30.59 -2.71 26.56
CA LEU C 14 29.51 -3.70 26.48
C LEU C 14 28.22 -3.05 25.99
N PRO C 15 27.62 -3.55 24.92
CA PRO C 15 26.35 -2.97 24.45
C PRO C 15 25.21 -3.24 25.43
N LEU C 16 24.37 -2.23 25.62
CA LEU C 16 23.21 -2.34 26.50
C LEU C 16 21.89 -2.31 25.75
N ALA C 17 21.71 -1.37 24.83
CA ALA C 17 20.49 -1.27 24.05
C ALA C 17 20.79 -0.49 22.78
N ALA C 18 20.02 -0.76 21.74
CA ALA C 18 20.23 -0.11 20.46
C ALA C 18 18.91 -0.11 19.69
N SER C 19 18.95 0.45 18.47
CA SER C 19 17.79 0.51 17.60
C SER C 19 18.19 0.89 16.19
N MET C 20 17.91 0.05 15.20
CA MET C 20 18.31 0.27 13.83
C MET C 20 17.21 -0.17 12.88
N GLN C 21 16.95 0.67 11.86
CA GLN C 21 15.98 0.36 10.81
C GLN C 21 16.57 0.82 9.48
N GLU C 22 16.89 -0.12 8.61
CA GLU C 22 17.41 0.21 7.29
C GLU C 22 16.29 0.67 6.36
N ASP C 23 15.55 -0.28 5.81
CA ASP C 23 14.50 0.00 4.85
C ASP C 23 13.27 0.60 5.52
N ASP C 29 25.95 2.11 4.12
CA ASP C 29 25.00 1.22 4.78
C ASP C 29 25.17 1.25 6.30
N LEU C 30 24.60 0.25 6.96
CA LEU C 30 24.64 0.18 8.41
C LEU C 30 25.93 -0.44 8.93
N GLN C 31 26.65 -1.20 8.10
CA GLN C 31 27.78 -1.96 8.62
C GLN C 31 28.98 -1.07 8.89
N GLN C 32 29.18 -0.02 8.08
CA GLN C 32 30.38 0.80 8.26
C GLN C 32 30.26 1.70 9.49
N TYR C 33 29.04 2.16 9.79
CA TYR C 33 28.85 3.08 10.91
C TYR C 33 28.55 2.37 12.21
N GLN C 34 28.00 1.15 12.16
CA GLN C 34 27.89 0.36 13.38
C GLN C 34 29.27 -0.08 13.87
N SER C 35 30.20 -0.31 12.93
CA SER C 35 31.57 -0.62 13.33
C SER C 35 32.23 0.60 13.97
N GLN C 36 32.20 1.75 13.29
CA GLN C 36 32.75 2.98 13.87
C GLN C 36 32.14 3.29 15.22
N ALA C 37 30.87 2.94 15.43
CA ALA C 37 30.25 3.15 16.74
C ALA C 37 30.93 2.29 17.79
N LYS C 38 31.20 1.02 17.47
CA LYS C 38 31.86 0.13 18.43
C LYS C 38 33.32 0.51 18.67
N GLN C 39 33.97 1.15 17.69
CA GLN C 39 35.32 1.68 17.93
C GLN C 39 35.29 2.76 19.00
N LEU C 40 34.35 3.70 18.87
CA LEU C 40 34.22 4.78 19.85
C LEU C 40 33.98 4.22 21.25
N PHE C 41 33.05 3.28 21.37
CA PHE C 41 32.78 2.66 22.67
C PHE C 41 34.03 2.01 23.25
N ARG C 42 34.91 1.49 22.41
CA ARG C 42 36.16 0.91 22.90
C ARG C 42 37.12 2.00 23.37
N LYS C 43 37.22 3.10 22.63
CA LYS C 43 38.18 4.15 22.97
C LYS C 43 37.77 4.93 24.21
N LEU C 44 36.47 5.15 24.41
CA LEU C 44 36.00 5.98 25.52
C LEU C 44 36.41 5.40 26.86
N ASN C 45 36.84 6.27 27.76
CA ASN C 45 37.25 5.88 29.11
C ASN C 45 36.95 7.04 30.07
N GLU C 46 37.51 6.96 31.27
CA GLU C 46 37.21 7.93 32.33
C GLU C 46 37.76 9.32 32.05
N GLN C 47 38.62 9.48 31.05
CA GLN C 47 39.15 10.79 30.69
C GLN C 47 38.51 11.39 29.46
N SER C 48 37.53 10.70 28.86
CA SER C 48 36.87 11.17 27.65
C SER C 48 35.91 12.33 27.97
N PRO C 49 35.70 13.23 27.01
CA PRO C 49 34.69 14.28 27.19
C PRO C 49 33.31 13.69 27.42
N THR C 50 32.56 14.32 28.34
CA THR C 50 31.22 13.86 28.67
C THR C 50 30.19 14.20 27.59
N ARG C 51 30.43 15.22 26.78
CA ARG C 51 29.54 15.60 25.69
C ARG C 51 30.39 15.92 24.47
N CYS C 52 30.07 15.32 23.33
CA CYS C 52 30.90 15.49 22.15
C CYS C 52 30.08 15.30 20.88
N THR C 53 30.61 15.84 19.78
CA THR C 53 30.05 15.70 18.44
C THR C 53 31.19 15.38 17.49
N LEU C 54 31.02 14.34 16.67
CA LEU C 54 32.06 13.87 15.78
C LEU C 54 31.58 13.91 14.33
N GLU C 55 32.42 14.43 13.44
CA GLU C 55 32.07 14.58 12.04
C GLU C 55 32.55 13.35 11.25
N ALA C 56 31.64 12.72 10.54
CA ALA C 56 31.93 11.52 9.76
C ALA C 56 31.61 11.73 8.28
N GLY C 57 32.01 12.88 7.74
CA GLY C 57 31.71 13.22 6.37
C GLY C 57 30.25 13.62 6.17
N ALA C 58 29.49 12.81 5.45
CA ALA C 58 28.07 13.07 5.27
C ALA C 58 27.26 12.75 6.52
N MET C 59 27.83 12.02 7.47
CA MET C 59 27.17 11.64 8.71
C MET C 59 27.87 12.31 9.89
N THR C 60 27.20 12.25 11.04
CA THR C 60 27.69 12.94 12.23
C THR C 60 27.23 12.19 13.48
N PHE C 61 28.18 11.85 14.34
CA PHE C 61 27.90 11.19 15.60
C PHE C 61 27.72 12.21 16.72
N HIS C 62 26.83 11.89 17.66
CA HIS C 62 26.63 12.67 18.87
C HIS C 62 26.49 11.72 20.05
N TYR C 63 27.15 12.04 21.16
CA TYR C 63 27.02 11.19 22.34
C TYR C 63 27.08 12.02 23.61
N ILE C 64 26.53 11.46 24.67
CA ILE C 64 26.73 11.93 26.04
C ILE C 64 27.10 10.72 26.88
N ILE C 65 27.80 10.98 27.98
CA ILE C 65 28.24 9.94 28.90
C ILE C 65 27.78 10.33 30.29
N GLU C 66 26.88 9.54 30.86
CA GLU C 66 26.37 9.79 32.20
C GLU C 66 26.33 8.48 32.97
N GLN C 67 26.95 8.46 34.15
CA GLN C 67 26.99 7.27 35.01
C GLN C 67 27.63 6.09 34.29
N GLY C 68 28.75 6.34 33.64
CA GLY C 68 29.53 5.29 33.00
C GLY C 68 28.80 4.63 31.84
N VAL C 69 27.74 5.28 31.39
CA VAL C 69 26.94 4.80 30.26
C VAL C 69 27.00 5.83 29.15
N CYS C 70 27.32 5.37 27.95
CA CYS C 70 27.42 6.23 26.78
C CYS C 70 26.17 6.09 25.92
N TYR C 71 25.55 7.22 25.60
CA TYR C 71 24.35 7.28 24.77
C TYR C 71 24.75 7.92 23.43
N LEU C 72 24.84 7.10 22.39
CA LEU C 72 25.34 7.53 21.10
C LEU C 72 24.22 7.54 20.06
N VAL C 73 24.23 8.56 19.20
CA VAL C 73 23.29 8.67 18.10
C VAL C 73 24.04 9.12 16.85
N LEU C 74 23.69 8.52 15.72
CA LEU C 74 24.24 8.90 14.41
C LEU C 74 23.12 9.39 13.51
N CYS C 75 23.40 10.47 12.78
CA CYS C 75 22.43 11.02 11.85
C CYS C 75 23.16 11.72 10.72
N GLU C 76 22.44 12.00 9.64
CA GLU C 76 23.02 12.79 8.56
C GLU C 76 23.46 14.15 9.09
N ALA C 77 24.51 14.70 8.49
CA ALA C 77 25.12 15.93 8.99
C ALA C 77 24.15 17.10 9.06
N ALA C 78 23.01 17.02 8.38
CA ALA C 78 22.04 18.10 8.36
C ALA C 78 20.99 18.00 9.46
N PHE C 79 21.13 17.04 10.38
CA PHE C 79 20.17 16.97 11.48
C PHE C 79 20.58 17.95 12.56
N PRO C 80 19.63 18.71 13.11
CA PRO C 80 19.97 19.76 14.09
C PRO C 80 20.73 19.20 15.29
N LYS C 81 21.94 19.71 15.49
CA LYS C 81 22.75 19.33 16.65
C LYS C 81 22.01 19.60 17.96
N LYS C 82 21.20 20.67 17.99
CA LYS C 82 20.43 20.98 19.19
C LYS C 82 19.46 19.85 19.55
N LEU C 83 18.85 19.23 18.54
CA LEU C 83 17.88 18.18 18.77
C LEU C 83 18.52 16.82 19.03
N ALA C 84 19.75 16.62 18.56
CA ALA C 84 20.41 15.32 18.76
C ALA C 84 20.70 15.08 20.23
N PHE C 85 21.18 16.11 20.94
CA PHE C 85 21.50 15.99 22.35
C PHE C 85 20.24 15.95 23.22
N ALA C 86 19.18 16.68 22.85
CA ALA C 86 17.93 16.57 23.58
C ALA C 86 17.34 15.18 23.46
N TYR C 87 17.57 14.50 22.33
CA TYR C 87 17.13 13.13 22.18
C TYR C 87 17.92 12.18 23.08
N LEU C 88 19.21 12.44 23.26
CA LEU C 88 20.03 11.61 24.13
C LEU C 88 19.70 11.83 25.60
N GLU C 89 19.31 13.04 25.97
CA GLU C 89 18.93 13.30 27.36
C GLU C 89 17.63 12.58 27.71
N ASP C 90 16.66 12.55 26.79
CA ASP C 90 15.42 11.83 27.04
C ASP C 90 15.69 10.34 27.24
N LEU C 91 16.62 9.78 26.46
CA LEU C 91 16.97 8.37 26.66
C LEU C 91 17.70 8.18 27.98
N HIS C 92 18.67 9.05 28.28
CA HIS C 92 19.48 8.90 29.48
C HIS C 92 18.62 8.96 30.74
N SER C 93 17.72 9.95 30.83
CA SER C 93 16.89 10.07 32.02
C SER C 93 16.01 8.84 32.19
N GLU C 94 15.49 8.29 31.09
CA GLU C 94 14.64 7.10 31.20
C GLU C 94 15.46 5.86 31.49
N PHE C 95 16.59 5.69 30.80
CA PHE C 95 17.40 4.50 30.99
C PHE C 95 18.00 4.45 32.39
N ASP C 96 18.55 5.58 32.86
CA ASP C 96 19.12 5.63 34.20
C ASP C 96 18.04 5.40 35.27
N GLU C 97 16.80 5.79 34.98
CA GLU C 97 15.72 5.56 35.94
C GLU C 97 15.33 4.09 36.00
N GLN C 98 15.27 3.43 34.84
CA GLN C 98 14.77 2.06 34.79
C GLN C 98 15.85 1.05 35.15
N HIS C 99 17.06 1.22 34.60
CA HIS C 99 18.11 0.22 34.74
C HIS C 99 19.43 0.80 35.24
N GLY C 100 19.43 2.04 35.72
CA GLY C 100 20.69 2.70 36.07
C GLY C 100 21.49 1.98 37.13
N LYS C 101 20.82 1.25 38.02
CA LYS C 101 21.49 0.56 39.10
C LYS C 101 21.89 -0.86 38.76
N LYS C 102 21.40 -1.41 37.65
CA LYS C 102 21.78 -2.74 37.20
C LYS C 102 22.88 -2.73 36.16
N VAL C 103 23.24 -1.55 35.63
CA VAL C 103 24.23 -1.48 34.56
C VAL C 103 25.57 -2.06 34.95
N PRO C 104 26.20 -1.69 36.09
CA PRO C 104 27.57 -2.17 36.35
C PRO C 104 27.64 -3.62 36.83
N THR C 105 26.58 -4.40 36.62
CA THR C 105 26.54 -5.79 37.03
C THR C 105 26.30 -6.76 35.89
N VAL C 106 25.58 -6.37 34.85
CA VAL C 106 25.25 -7.28 33.76
C VAL C 106 26.52 -7.63 32.98
N SER C 107 26.50 -8.79 32.35
CA SER C 107 27.62 -9.26 31.54
C SER C 107 27.25 -9.67 30.12
N ARG C 108 25.99 -9.99 29.85
CA ARG C 108 25.60 -10.32 28.49
C ARG C 108 25.55 -9.06 27.63
N PRO C 109 25.77 -9.19 26.33
CA PRO C 109 25.50 -8.06 25.44
C PRO C 109 24.00 -7.86 25.28
N TYR C 110 23.58 -6.60 25.26
CA TYR C 110 22.19 -6.21 25.05
C TYR C 110 21.27 -6.86 26.09
N SER C 111 21.67 -6.75 27.37
CA SER C 111 20.85 -7.22 28.47
C SER C 111 19.62 -6.36 28.64
N PHE C 112 19.47 -5.32 27.82
CA PHE C 112 18.30 -4.46 27.85
C PHE C 112 17.78 -4.25 26.43
N ILE C 113 17.58 -5.34 25.69
CA ILE C 113 17.02 -5.22 24.34
C ILE C 113 15.65 -4.55 24.41
N GLU C 114 14.85 -4.92 25.41
CA GLU C 114 13.48 -4.41 25.51
C GLU C 114 13.42 -2.90 25.70
N PHE C 115 14.54 -2.24 25.97
CA PHE C 115 14.62 -0.79 25.89
C PHE C 115 14.46 -0.31 24.45
N ASP C 116 14.54 -1.21 23.48
CA ASP C 116 14.24 -0.89 22.08
C ASP C 116 12.90 -0.17 21.96
N THR C 117 11.91 -0.60 22.75
CA THR C 117 10.56 -0.05 22.63
C THR C 117 10.55 1.44 22.90
N PHE C 118 11.15 1.86 24.02
CA PHE C 118 11.14 3.28 24.35
C PHE C 118 11.97 4.11 23.39
N ILE C 119 13.04 3.52 22.84
CA ILE C 119 13.92 4.26 21.94
C ILE C 119 13.15 4.73 20.71
N GLN C 120 12.48 3.79 20.03
CA GLN C 120 11.85 4.12 18.76
C GLN C 120 10.63 5.03 18.93
N LYS C 121 9.96 4.97 20.09
CA LYS C 121 8.86 5.90 20.33
C LYS C 121 9.37 7.28 20.72
N THR C 122 10.55 7.36 21.34
CA THR C 122 11.22 8.64 21.52
C THR C 122 11.80 9.14 20.21
N LYS C 123 12.33 8.21 19.40
CA LYS C 123 12.97 8.56 18.14
C LYS C 123 11.99 9.23 17.18
N LYS C 124 10.74 8.77 17.15
CA LYS C 124 9.76 9.33 16.22
C LYS C 124 9.27 10.72 16.62
N LEU C 125 9.59 11.19 17.83
CA LEU C 125 9.24 12.53 18.26
C LEU C 125 10.29 13.56 17.90
N TYR C 126 11.27 13.20 17.06
CA TYR C 126 12.37 14.10 16.69
C TYR C 126 12.59 14.17 15.19
N ILE C 127 12.56 13.04 14.48
CA ILE C 127 12.70 13.03 13.04
C ILE C 127 11.32 13.23 12.41
N ASP C 128 10.68 14.34 12.76
CA ASP C 128 9.41 14.77 12.19
C ASP C 128 9.13 16.19 12.64
N SER C 129 9.44 17.18 11.79
CA SER C 129 9.34 18.58 12.16
C SER C 129 7.94 18.99 12.60
N ARG C 130 6.93 18.15 12.37
CA ARG C 130 5.56 18.48 12.76
C ARG C 130 5.34 18.27 14.25
N ILE C 148 30.24 20.33 25.55
CA ILE C 148 30.10 19.93 24.17
C ILE C 148 31.44 20.13 23.45
N MET C 149 31.64 19.44 22.35
CA MET C 149 32.88 19.49 21.59
C MET C 149 32.62 18.99 20.19
N VAL C 150 33.43 19.45 19.24
CA VAL C 150 33.35 19.03 17.84
C VAL C 150 34.73 18.56 17.40
N ALA C 151 34.79 17.34 16.86
CA ALA C 151 36.04 16.77 16.37
C ALA C 151 35.72 15.87 15.18
N ASN C 152 36.77 15.31 14.58
CA ASN C 152 36.64 14.41 13.45
C ASN C 152 36.67 12.96 13.94
N ILE C 153 35.70 12.16 13.48
CA ILE C 153 35.63 10.76 13.91
C ILE C 153 36.87 10.01 13.48
N GLU C 154 37.47 10.39 12.35
CA GLU C 154 38.62 9.65 11.83
C GLU C 154 39.87 9.89 12.69
N GLU C 155 39.96 11.05 13.33
CA GLU C 155 41.09 11.32 14.23
C GLU C 155 40.96 10.49 15.50
N VAL C 156 39.77 10.48 16.10
CA VAL C 156 39.56 9.73 17.34
C VAL C 156 39.79 8.24 17.11
N LEU C 157 39.44 7.73 15.93
CA LEU C 157 39.66 6.34 15.61
C LEU C 157 41.02 6.13 14.97
N VAL D 1 28.36 -14.13 2.66
CA VAL D 1 28.21 -14.01 4.10
C VAL D 1 29.30 -14.79 4.84
N THR D 2 29.93 -14.14 5.82
CA THR D 2 30.93 -14.75 6.69
C THR D 2 30.49 -14.64 8.14
N SER D 3 30.87 -15.63 8.95
CA SER D 3 30.45 -15.66 10.35
C SER D 3 31.56 -16.20 11.24
N VAL D 4 31.45 -15.87 12.53
CA VAL D 4 32.40 -16.32 13.53
C VAL D 4 32.07 -17.70 14.10
N VAL D 5 30.82 -18.16 13.94
CA VAL D 5 30.40 -19.47 14.45
C VAL D 5 31.33 -20.61 14.02
ZN ZN E . -34.88 27.78 -39.67
ZN ZN F . 41.64 -27.24 16.32
#